data_8DD7
#
_entry.id   8DD7
#
_cell.length_a   1.00
_cell.length_b   1.00
_cell.length_c   1.00
_cell.angle_alpha   90.00
_cell.angle_beta   90.00
_cell.angle_gamma   90.00
#
_symmetry.space_group_name_H-M   'P 1'
#
loop_
_entity.id
_entity.type
_entity.pdbx_description
1 polymer 'Methylated-DNA--protein-cysteine methyltransferase,Cryptochrome-1 fusion'
2 polymer 'Protein timeless,Methylated-DNA--protein-cysteine methyltransferase fusion'
3 non-polymer 'FLAVIN-ADENINE DINUCLEOTIDE'
#
loop_
_entity_poly.entity_id
_entity_poly.type
_entity_poly.pdbx_seq_one_letter_code
_entity_poly.pdbx_strand_id
1 'polypeptide(L)'
;MEQKLISEEDLGGGEQKLISEEDLGGGEQKLISEEDLGGGMDKDCEMKRTTLDSPLGKLELSGCEQGLHRIIFLGKGTSA
ADAVEVPAPAAVLGGPEPLIQATAWLNAYFHQPEAIEEFPVPALHHPVFQQESFTRQVLWKLLKVVKFGEVISESHLAAL
VGNPAATAAVNTALDGNPVPILIPCHRVVQGDSDVGPYLGGLAVKEWLLAHEGHRLGKPGLGGGSGMATRGANVIWFRHG
LRLHDNPALLAALADKDQGIALIPVFIFDGESAGTKNVGYNRMRFLLDSLQDIDDQLQAATDGRGRLLVFEGEPAYIFRR
LHEQVRLHRICIEQDCEPIWNERDESIRSLCRELNIDFVEKVSHTLWDPQLVIETNGGIPPLTYQMFLHTVQIIGLPPRP
TADARLEDATFVELDPEFCRSLKLFEQLPTPEHFNVYGDNMGFLAKINWRGGETQALLLLDERLKVEQHAFERGFYLPNQ
ALPNIHDSPKSMSAHLRFGCLSVRRFYWSVHDLFKNVQLRACVRGVQMTGGAHITGQLIWREYFYTMSVNNPNYDRMEGN
DICLSIPWAKPNENLLQSWRLGQTGFPLIDGAMRQLLAEGWLHHTLRNTVATFLTRGGLWQSWEHGLQHFLKYLLDADWS
VCAGNWMWVSSSAFERLLDSSLVTCPVALAKRLDPDGTYIKQYVPELMNVPKEFVHEPWRMSAEQQEQYECLIGVHYPER
IIDLSMAVKRNMLAMKSLRNSLITPP
;
A
2 'polypeptide(L)'
;MDWLLATPQLYSAFSSLGCLEGDTYVVNPNALAILEEINYKLTYEDQTLRTFRRAIGFGQNVRSDLIPLLENAKDDAVLE
SVIRILVNLTVPVECLFSVDVMYRTDVGRHTIFELNKLLYTSKEAFTEARSTKSVVEYMKHILESDPKLSPHKCDQINNC
LLLLRNILHIPETHAHCVMPMMQSMPHGISMQNTILWNLFIQSIDKLLLYLMTCPQRAFWGVTMVQLIALIYKDQHVSTL
QKLLSLWFEASLSESSEDNESNTSPPKQGSGDSSPMLTSDPTSDSSDNGSNGRGMGGGMREGTAATLQEVSRKGQEYQNA
MARVPADKPDGSEEASDMTGNDSEQPGSPEQSQPAGESMDDGDYEDQRHRQLNEHGEEDEDEDEVEEEEYLQLGPASEPL
NLTQQPADKVNNTTNPTSSAPQGCLGNEPFKPPPPLPVRASTSAHAQMQKFNESSYASHVSAVKLGQKSPHAGQLQLTKG
KCCPQKRECPSSQSELSDCGYGTQVENQESISTSSNDDDGPQGKPQHQKPPCNTKPRNKPRTIMSPMDKKELRRKKLVKR
SKSSLINMKGLVQHTPTDDDISNLLKEFTVDFLLKGYSYLVEELHMQLLSNAKVPIDTSHFFWLVTYFLKFAAQLELDME
HIDTILTYDVLSYLTYEGVSLCEQLELNARQEGSDLKPYLRRMHLVVTAIREFLQAIDTYNKVTHLNEDDKAHLRQLQLQ
ISEMSDLRCLFVLLLRRFNPSIHSKQYLQDLVVTNHILLLILDSSAKLGGCQTIRLSEHITQFATLEVMHYYGILLEDFN
NNGEFVNDCIFTMMHHIGGDLGQIGVLFQPIILKTYSRIWEADYELCDDWSDLIEYVIHKFMNTPPKSPLTIPTTSLTEM
TKEHNQEHTVCSWSQEEMDTLYWYYVQSKKNNDIVGKIVKLFSNNGNKLKTRISIIQQLLQQDIITLLEYDDLMKFEDAE
YQRTLLTTPTSATTESGIEIKECAYGKPSDDVQILLDLIIKENKAQHLLWLQRILIECCFVKLTLRSGLKVPEGDHIMEP
VAYHCICKQKSIPVVQWNNEQSTTMLYQPFVLLLHKLGIQLPADAGSIFARIPDYWTPETMYGLAKKLGPLDKLNLKFDA
SELEDATASSPSRYHHTGPRNSLSSVSSLDVDLGDTEELALIPEVDAAVEKAHAMASTPSPSEIFAVPKTKHCNSIIRYT
PDPTPPVPNWLQLVMRSKCNHRTGPSGDPSDCIGSSSTTVDDEGFGKSISAATSQAASTSMSTVNPTTTLSLNMLNTFMG
SHNENSSSSGCGGTVSSLSMVALMSTGAAGGGGNTSGLEMDVDASMKSSFERLEVNGSHFSRANNLDQEYSAMVASVYEK
EKELNSDNVSLASDLTRMYVSDEDDRLERTEIRVPHYHLEGGSGMDKDCEMKRTTLDSPLGKLELSGCEQGLHRIIFLGK
GTSAADAVEVPAPAAVLGGPEPLMQATAWLNAYFHQPEAIEEFPVPALHHPVFQQESFTRQVLWKLLKVVKFGEVISYSH
LAALAGNPAATAAVKTALSGNPVPILIPCHRVVQGDLDVGGYEGGLAVKEWLLAHEGHRLGKPGLGGGGYPYDVPDYART
GGGSGSRLEEELRRRLTE
;
B
#
# COMPACT_ATOMS: atom_id res chain seq x y z
N THR A 229 -39.35 48.66 35.86
CA THR A 229 -38.55 48.13 34.75
C THR A 229 -38.60 46.60 34.72
N ARG A 230 -39.10 46.06 33.61
CA ARG A 230 -39.21 44.62 33.48
C ARG A 230 -37.85 43.96 33.28
N GLY A 231 -36.96 44.62 32.56
CA GLY A 231 -35.66 44.05 32.27
C GLY A 231 -35.62 43.41 30.90
N ALA A 232 -34.43 43.42 30.28
CA ALA A 232 -34.28 42.89 28.94
C ALA A 232 -32.88 42.31 28.78
N ASN A 233 -32.78 41.27 27.95
CA ASN A 233 -31.50 40.68 27.59
C ASN A 233 -31.10 41.12 26.19
N VAL A 234 -29.80 41.11 25.93
CA VAL A 234 -29.23 41.65 24.71
C VAL A 234 -28.42 40.55 24.01
N ILE A 235 -28.83 40.22 22.78
CA ILE A 235 -28.04 39.35 21.91
C ILE A 235 -27.45 40.21 20.79
N TRP A 236 -26.13 40.15 20.65
CA TRP A 236 -25.40 40.96 19.69
C TRP A 236 -24.86 40.05 18.59
N PHE A 237 -25.18 40.39 17.34
CA PHE A 237 -24.76 39.61 16.18
C PHE A 237 -23.50 40.23 15.59
N ARG A 238 -22.36 39.96 16.22
CA ARG A 238 -21.09 40.28 15.58
C ARG A 238 -20.84 39.32 14.42
N HIS A 239 -21.29 38.07 14.57
CA HIS A 239 -21.20 37.01 13.59
C HIS A 239 -22.22 35.96 14.00
N GLY A 240 -22.24 34.82 13.31
CA GLY A 240 -23.19 33.78 13.62
C GLY A 240 -24.62 34.21 13.35
N LEU A 241 -24.83 34.82 12.18
CA LEU A 241 -26.11 35.43 11.84
C LEU A 241 -27.12 34.33 11.52
N ARG A 242 -27.67 33.75 12.58
CA ARG A 242 -28.58 32.62 12.46
C ARG A 242 -29.43 32.52 13.72
N LEU A 243 -30.36 31.57 13.72
CA LEU A 243 -31.14 31.21 14.88
C LEU A 243 -30.91 29.78 15.33
N HIS A 244 -30.75 28.84 14.40
CA HIS A 244 -30.44 27.47 14.76
C HIS A 244 -29.00 27.37 15.25
N ASP A 245 -28.80 26.54 16.28
CA ASP A 245 -27.49 26.30 16.90
C ASP A 245 -26.82 27.60 17.33
N ASN A 246 -27.49 28.32 18.22
CA ASN A 246 -27.01 29.59 18.75
C ASN A 246 -27.02 29.51 20.27
N PRO A 247 -25.92 29.07 20.88
CA PRO A 247 -25.85 29.05 22.36
C PRO A 247 -25.95 30.43 22.98
N ALA A 248 -25.57 31.49 22.26
CA ALA A 248 -25.80 32.85 22.73
C ALA A 248 -27.29 33.14 22.81
N LEU A 249 -28.05 32.72 21.80
CA LEU A 249 -29.50 32.95 21.80
C LEU A 249 -30.21 32.05 22.81
N LEU A 250 -29.65 30.86 23.07
CA LEU A 250 -30.20 30.01 24.12
C LEU A 250 -30.03 30.64 25.49
N ALA A 251 -28.87 31.26 25.74
CA ALA A 251 -28.69 32.02 26.96
C ALA A 251 -29.52 33.30 26.93
N ALA A 252 -29.74 33.86 25.74
CA ALA A 252 -30.60 35.04 25.62
C ALA A 252 -32.04 34.71 25.93
N LEU A 253 -32.53 33.56 25.45
CA LEU A 253 -33.92 33.18 25.66
C LEU A 253 -34.18 32.63 27.05
N ALA A 254 -33.14 32.40 27.86
CA ALA A 254 -33.34 31.98 29.23
C ALA A 254 -33.80 33.15 30.10
N ASP A 255 -34.09 32.84 31.36
CA ASP A 255 -34.60 33.79 32.35
C ASP A 255 -35.90 34.45 31.87
N LYS A 256 -36.74 33.66 31.20
CA LYS A 256 -38.01 34.18 30.71
C LYS A 256 -39.01 34.39 31.84
N ASP A 257 -39.10 33.44 32.77
CA ASP A 257 -40.11 33.48 33.81
C ASP A 257 -39.91 34.60 34.82
N GLN A 258 -38.70 35.15 34.94
CA GLN A 258 -38.52 36.33 35.77
C GLN A 258 -39.09 37.57 35.09
N GLY A 259 -39.10 37.59 33.76
CA GLY A 259 -39.66 38.71 33.03
C GLY A 259 -38.63 39.48 32.23
N ILE A 260 -37.49 38.85 31.97
CA ILE A 260 -36.41 39.49 31.23
C ILE A 260 -36.74 39.43 29.74
N ALA A 261 -36.78 40.58 29.09
CA ALA A 261 -37.12 40.65 27.67
C ALA A 261 -35.90 40.33 26.81
N LEU A 262 -36.08 40.44 25.50
CA LEU A 262 -35.05 40.08 24.53
C LEU A 262 -34.90 41.19 23.50
N ILE A 263 -33.67 41.62 23.26
CA ILE A 263 -33.38 42.66 22.26
C ILE A 263 -32.35 42.14 21.28
N PRO A 264 -32.73 41.85 20.03
CA PRO A 264 -31.72 41.51 19.02
C PRO A 264 -31.14 42.76 18.36
N VAL A 265 -29.82 42.94 18.43
CA VAL A 265 -29.17 44.16 18.00
C VAL A 265 -28.00 43.83 17.08
N PHE A 266 -27.94 44.50 15.94
CA PHE A 266 -26.77 44.54 15.08
C PHE A 266 -26.21 45.95 15.09
N ILE A 267 -24.89 46.07 15.25
CA ILE A 267 -24.22 47.35 15.36
C ILE A 267 -23.30 47.52 14.15
N PHE A 268 -23.51 48.61 13.41
CA PHE A 268 -22.65 48.95 12.28
C PHE A 268 -21.64 49.99 12.74
N ASP A 269 -20.58 49.50 13.38
CA ASP A 269 -19.52 50.36 13.90
C ASP A 269 -18.40 50.59 12.89
N GLY A 270 -18.51 50.05 11.68
CA GLY A 270 -17.44 50.11 10.71
C GLY A 270 -16.38 49.05 10.87
N GLU A 271 -16.52 48.15 11.84
CA GLU A 271 -15.56 47.09 12.08
C GLU A 271 -16.19 45.71 12.12
N SER A 272 -17.40 45.60 12.66
CA SER A 272 -18.06 44.30 12.85
C SER A 272 -18.41 43.66 11.53
N ALA A 273 -18.32 42.32 11.50
CA ALA A 273 -18.67 41.48 10.35
C ALA A 273 -17.84 41.83 9.10
N GLY A 274 -16.61 42.31 9.30
CA GLY A 274 -15.75 42.66 8.20
C GLY A 274 -16.24 43.84 7.39
N THR A 275 -16.27 45.02 8.01
CA THR A 275 -16.77 46.23 7.35
C THR A 275 -15.73 47.34 7.28
N LYS A 276 -14.48 47.06 7.66
CA LYS A 276 -13.43 48.07 7.54
C LYS A 276 -13.09 48.31 6.07
N ASN A 277 -12.89 47.24 5.31
CA ASN A 277 -12.67 47.31 3.86
C ASN A 277 -13.54 46.23 3.21
N VAL A 278 -14.74 46.62 2.80
CA VAL A 278 -15.74 45.69 2.31
C VAL A 278 -16.19 46.12 0.91
N GLY A 279 -16.24 45.16 -0.01
CA GLY A 279 -16.71 45.43 -1.35
C GLY A 279 -18.23 45.41 -1.43
N TYR A 280 -18.74 45.64 -2.63
CA TYR A 280 -20.18 45.69 -2.83
C TYR A 280 -20.82 44.31 -2.66
N ASN A 281 -20.11 43.25 -3.03
CA ASN A 281 -20.68 41.91 -2.95
C ASN A 281 -20.81 41.45 -1.51
N ARG A 282 -19.78 41.64 -0.69
CA ARG A 282 -19.86 41.22 0.71
C ARG A 282 -20.82 42.09 1.50
N MET A 283 -20.89 43.39 1.18
CA MET A 283 -21.81 44.27 1.87
C MET A 283 -23.26 43.91 1.55
N ARG A 284 -23.54 43.51 0.30
CA ARG A 284 -24.86 43.02 -0.06
C ARG A 284 -25.16 41.70 0.63
N PHE A 285 -24.15 40.82 0.74
CA PHE A 285 -24.33 39.53 1.41
C PHE A 285 -24.66 39.70 2.88
N LEU A 286 -24.00 40.65 3.55
CA LEU A 286 -24.35 40.97 4.93
C LEU A 286 -25.72 41.60 5.02
N LEU A 287 -26.06 42.45 4.05
CA LEU A 287 -27.36 43.13 4.07
C LEU A 287 -28.49 42.18 3.73
N ASP A 288 -28.24 41.21 2.85
CA ASP A 288 -29.26 40.21 2.54
C ASP A 288 -29.46 39.25 3.70
N SER A 289 -28.40 38.95 4.45
CA SER A 289 -28.53 38.06 5.60
C SER A 289 -29.27 38.73 6.75
N LEU A 290 -29.11 40.04 6.91
CA LEU A 290 -29.84 40.76 7.96
C LEU A 290 -31.34 40.80 7.67
N GLN A 291 -31.72 40.83 6.39
CA GLN A 291 -33.14 40.77 6.03
C GLN A 291 -33.71 39.40 6.36
N ASP A 292 -32.93 38.33 6.20
CA ASP A 292 -33.41 36.99 6.48
C ASP A 292 -33.63 36.77 7.97
N ILE A 293 -32.77 37.35 8.82
CA ILE A 293 -33.00 37.29 10.26
C ILE A 293 -34.25 38.08 10.64
N ASP A 294 -34.41 39.27 10.05
CA ASP A 294 -35.59 40.09 10.32
C ASP A 294 -36.86 39.42 9.81
N ASP A 295 -36.79 38.77 8.65
CA ASP A 295 -37.95 38.04 8.15
C ASP A 295 -38.27 36.81 8.99
N GLN A 296 -37.24 36.15 9.52
CA GLN A 296 -37.47 35.01 10.42
C GLN A 296 -38.08 35.46 11.73
N LEU A 297 -37.62 36.59 12.28
CA LEU A 297 -38.16 37.07 13.54
C LEU A 297 -39.59 37.61 13.36
N GLN A 298 -39.86 38.27 12.24
CA GLN A 298 -41.20 38.79 11.99
C GLN A 298 -42.20 37.69 11.65
N ALA A 299 -41.73 36.49 11.32
CA ALA A 299 -42.63 35.37 11.04
C ALA A 299 -42.92 34.54 12.29
N ALA A 300 -41.90 34.27 13.10
CA ALA A 300 -42.10 33.48 14.31
C ALA A 300 -42.83 34.28 15.38
N THR A 301 -42.54 35.58 15.49
CA THR A 301 -43.15 36.43 16.50
C THR A 301 -44.35 37.21 15.95
N ASP A 302 -44.81 36.86 14.75
CA ASP A 302 -45.91 37.48 14.00
C ASP A 302 -45.91 39.01 14.04
N GLY A 303 -44.72 39.61 13.96
CA GLY A 303 -44.58 41.05 13.96
C GLY A 303 -44.29 41.69 15.29
N ARG A 304 -44.36 40.93 16.39
CA ARG A 304 -44.07 41.51 17.70
C ARG A 304 -42.58 41.80 17.86
N GLY A 305 -41.72 40.91 17.35
CA GLY A 305 -40.28 41.06 17.47
C GLY A 305 -39.66 41.38 16.12
N ARG A 306 -38.65 42.24 16.15
CA ARG A 306 -37.94 42.62 14.94
C ARG A 306 -36.49 42.95 15.28
N LEU A 307 -35.63 42.83 14.29
CA LEU A 307 -34.20 43.11 14.49
C LEU A 307 -33.96 44.60 14.62
N LEU A 308 -33.07 44.98 15.53
CA LEU A 308 -32.65 46.36 15.71
C LEU A 308 -31.29 46.55 15.06
N VAL A 309 -31.20 47.53 14.16
CA VAL A 309 -29.97 47.83 13.44
C VAL A 309 -29.51 49.22 13.86
N PHE A 310 -28.28 49.32 14.32
CA PHE A 310 -27.72 50.56 14.82
C PHE A 310 -26.51 50.97 13.99
N GLU A 311 -26.02 52.19 14.24
CA GLU A 311 -24.82 52.70 13.58
C GLU A 311 -24.12 53.63 14.56
N GLY A 312 -23.15 53.10 15.28
CA GLY A 312 -22.42 53.89 16.26
C GLY A 312 -21.46 53.04 17.04
N GLU A 313 -20.84 53.67 18.04
CA GLU A 313 -19.92 52.98 18.92
C GLU A 313 -20.68 52.00 19.81
N PRO A 314 -20.26 50.73 19.89
CA PRO A 314 -21.00 49.75 20.69
C PRO A 314 -21.05 50.07 22.18
N ALA A 315 -20.00 50.68 22.73
CA ALA A 315 -20.02 51.05 24.14
C ALA A 315 -21.01 52.19 24.40
N TYR A 316 -21.16 53.10 23.44
CA TYR A 316 -22.12 54.19 23.58
C TYR A 316 -23.55 53.67 23.51
N ILE A 317 -23.80 52.70 22.62
CA ILE A 317 -25.16 52.20 22.42
C ILE A 317 -25.62 51.38 23.63
N PHE A 318 -24.75 50.50 24.14
CA PHE A 318 -25.13 49.66 25.27
C PHE A 318 -25.29 50.46 26.55
N ARG A 319 -24.52 51.54 26.71
CA ARG A 319 -24.70 52.41 27.88
C ARG A 319 -26.04 53.13 27.83
N ARG A 320 -26.43 53.62 26.65
CA ARG A 320 -27.73 54.28 26.52
C ARG A 320 -28.87 53.29 26.58
N LEU A 321 -28.66 52.05 26.11
CA LEU A 321 -29.69 51.02 26.21
C LEU A 321 -29.88 50.59 27.66
N HIS A 322 -28.80 50.57 28.44
CA HIS A 322 -28.88 50.20 29.84
C HIS A 322 -29.63 51.26 30.65
N GLU A 323 -29.55 52.52 30.24
CA GLU A 323 -30.24 53.59 30.95
C GLU A 323 -31.74 53.49 30.76
N GLN A 324 -32.20 53.23 29.54
CA GLN A 324 -33.63 53.16 29.26
C GLN A 324 -34.27 51.92 29.89
N VAL A 325 -33.64 50.76 29.70
CA VAL A 325 -34.13 49.51 30.25
C VAL A 325 -32.97 48.81 30.96
N ARG A 326 -33.25 48.26 32.14
CA ARG A 326 -32.23 47.59 32.92
C ARG A 326 -31.84 46.28 32.25
N LEU A 327 -30.58 46.18 31.83
CA LEU A 327 -30.08 44.96 31.22
C LEU A 327 -29.71 43.94 32.28
N HIS A 328 -29.55 42.70 31.85
CA HIS A 328 -29.07 41.68 32.79
C HIS A 328 -27.77 41.05 32.34
N ARG A 329 -27.65 40.70 31.06
CA ARG A 329 -26.41 40.15 30.53
C ARG A 329 -26.38 40.36 29.03
N ILE A 330 -25.17 40.57 28.51
CA ILE A 330 -24.93 40.66 27.07
C ILE A 330 -24.31 39.34 26.61
N CYS A 331 -25.01 38.65 25.72
CA CYS A 331 -24.57 37.35 25.22
C CYS A 331 -24.20 37.47 23.75
N ILE A 332 -22.98 37.07 23.42
CA ILE A 332 -22.47 37.17 22.06
C ILE A 332 -21.98 35.80 21.62
N GLU A 333 -21.54 35.73 20.37
CA GLU A 333 -20.79 34.60 19.87
C GLU A 333 -19.30 34.92 19.98
N GLN A 334 -18.52 33.94 20.42
CA GLN A 334 -17.10 34.17 20.65
C GLN A 334 -16.35 34.30 19.32
N ASP A 335 -15.90 35.51 19.03
CA ASP A 335 -15.02 35.77 17.88
C ASP A 335 -13.59 35.69 18.38
N CYS A 336 -12.91 34.60 18.02
CA CYS A 336 -11.60 34.30 18.59
C CYS A 336 -10.47 35.11 17.98
N GLU A 337 -10.69 35.81 16.87
CA GLU A 337 -9.62 36.53 16.22
C GLU A 337 -9.16 37.72 17.06
N PRO A 338 -7.87 38.00 17.11
CA PRO A 338 -7.37 39.09 17.96
C PRO A 338 -7.70 40.48 17.46
N ILE A 339 -8.23 40.62 16.24
CA ILE A 339 -8.63 41.93 15.75
C ILE A 339 -9.88 42.43 16.46
N TRP A 340 -10.63 41.55 17.12
CA TRP A 340 -11.77 41.94 17.93
C TRP A 340 -11.44 42.02 19.42
N ASN A 341 -10.16 41.88 19.78
CA ASN A 341 -9.79 41.87 21.19
C ASN A 341 -9.96 43.25 21.83
N GLU A 342 -9.73 44.32 21.07
CA GLU A 342 -9.92 45.66 21.63
C GLU A 342 -11.39 46.01 21.78
N ARG A 343 -12.24 45.50 20.87
CA ARG A 343 -13.67 45.75 20.98
C ARG A 343 -14.28 44.99 22.15
N ASP A 344 -13.89 43.72 22.32
CA ASP A 344 -14.44 42.89 23.39
C ASP A 344 -14.04 43.41 24.76
N GLU A 345 -12.80 43.85 24.91
CA GLU A 345 -12.33 44.36 26.19
C GLU A 345 -13.04 45.66 26.58
N SER A 346 -13.36 46.51 25.59
CA SER A 346 -14.13 47.71 25.87
C SER A 346 -15.54 47.36 26.35
N ILE A 347 -16.17 46.36 25.74
CA ILE A 347 -17.48 45.92 26.18
C ILE A 347 -17.37 45.22 27.54
N ARG A 348 -16.32 44.41 27.72
CA ARG A 348 -16.13 43.70 28.99
C ARG A 348 -15.87 44.65 30.14
N SER A 349 -15.15 45.74 29.91
CA SER A 349 -14.97 46.75 30.94
C SER A 349 -16.25 47.53 31.19
N LEU A 350 -17.12 47.61 30.18
CA LEU A 350 -18.37 48.37 30.33
C LEU A 350 -19.35 47.63 31.23
N CYS A 351 -19.51 46.32 31.01
CA CYS A 351 -20.49 45.57 31.80
C CYS A 351 -20.00 45.32 33.21
N ARG A 352 -18.68 45.18 33.39
CA ARG A 352 -18.14 44.97 34.73
C ARG A 352 -18.30 46.20 35.61
N GLU A 353 -18.20 47.39 35.03
CA GLU A 353 -18.41 48.62 35.77
C GLU A 353 -19.87 48.99 35.92
N LEU A 354 -20.77 48.33 35.18
CA LEU A 354 -22.21 48.58 35.26
C LEU A 354 -22.95 47.42 35.90
N ASN A 355 -22.23 46.49 36.54
CA ASN A 355 -22.80 45.34 37.24
C ASN A 355 -23.67 44.48 36.32
N ILE A 356 -23.16 44.25 35.10
CA ILE A 356 -23.85 43.45 34.09
C ILE A 356 -22.99 42.22 33.81
N ASP A 357 -23.60 41.05 33.85
CA ASP A 357 -22.88 39.83 33.55
C ASP A 357 -22.53 39.77 32.06
N PHE A 358 -21.45 39.05 31.76
CA PHE A 358 -20.96 38.91 30.40
C PHE A 358 -21.02 37.45 29.99
N VAL A 359 -21.70 37.17 28.88
CA VAL A 359 -21.86 35.82 28.35
C VAL A 359 -21.19 35.78 26.98
N GLU A 360 -20.26 34.84 26.81
CA GLU A 360 -19.55 34.68 25.54
C GLU A 360 -19.53 33.19 25.20
N LYS A 361 -20.57 32.74 24.50
CA LYS A 361 -20.60 31.36 24.03
C LYS A 361 -19.80 31.23 22.74
N VAL A 362 -19.26 30.04 22.51
CA VAL A 362 -18.45 29.76 21.34
C VAL A 362 -19.21 28.80 20.42
N SER A 363 -19.48 29.26 19.19
CA SER A 363 -20.08 28.41 18.18
C SER A 363 -19.52 28.63 16.79
N HIS A 364 -18.60 29.58 16.61
CA HIS A 364 -17.97 29.80 15.31
C HIS A 364 -16.94 28.73 14.96
N THR A 365 -16.52 27.93 15.93
CA THR A 365 -15.48 26.94 15.72
C THR A 365 -15.92 25.61 16.34
N LEU A 366 -15.37 24.53 15.81
CA LEU A 366 -15.67 23.20 16.34
C LEU A 366 -15.08 23.03 17.74
N TRP A 367 -13.89 23.55 17.97
CA TRP A 367 -13.24 23.51 19.28
C TRP A 367 -12.78 24.92 19.64
N ASP A 368 -12.72 25.18 20.94
CA ASP A 368 -12.22 26.46 21.43
C ASP A 368 -10.73 26.56 21.16
N PRO A 369 -10.27 27.57 20.43
CA PRO A 369 -8.82 27.67 20.13
C PRO A 369 -7.94 27.83 21.35
N GLN A 370 -8.42 28.51 22.39
CA GLN A 370 -7.64 28.61 23.62
C GLN A 370 -7.63 27.29 24.39
N LEU A 371 -8.62 26.44 24.19
CA LEU A 371 -8.60 25.11 24.82
C LEU A 371 -7.56 24.22 24.17
N VAL A 372 -7.38 24.33 22.85
CA VAL A 372 -6.40 23.52 22.15
C VAL A 372 -4.98 23.93 22.54
N ILE A 373 -4.77 25.24 22.75
CA ILE A 373 -3.46 25.73 23.17
C ILE A 373 -3.10 25.22 24.55
N GLU A 374 -4.06 25.25 25.48
CA GLU A 374 -3.82 24.80 26.85
C GLU A 374 -3.50 23.31 26.91
N THR A 375 -4.23 22.50 26.14
CA THR A 375 -3.98 21.06 26.15
C THR A 375 -2.69 20.68 25.43
N ASN A 376 -2.22 21.52 24.51
CA ASN A 376 -0.97 21.24 23.82
C ASN A 376 0.25 21.51 24.67
N GLY A 377 0.13 22.33 25.71
CA GLY A 377 1.24 22.59 26.60
C GLY A 377 1.74 24.02 26.59
N GLY A 378 0.84 24.98 26.36
CA GLY A 378 1.19 26.38 26.37
C GLY A 378 1.68 26.92 25.03
N ILE A 379 1.87 26.06 24.04
CA ILE A 379 2.28 26.48 22.71
C ILE A 379 1.28 25.87 21.73
N PRO A 380 0.82 26.63 20.72
CA PRO A 380 -0.13 26.06 19.75
C PRO A 380 0.52 24.95 18.95
N PRO A 381 -0.26 23.94 18.53
CA PRO A 381 0.30 22.82 17.76
C PRO A 381 0.73 23.27 16.37
N LEU A 382 2.02 23.08 16.07
CA LEU A 382 2.64 23.63 14.89
C LEU A 382 2.60 22.70 13.68
N THR A 383 1.92 21.56 13.79
CA THR A 383 1.78 20.64 12.67
C THR A 383 0.33 20.20 12.56
N TYR A 384 -0.09 19.92 11.33
CA TYR A 384 -1.46 19.44 11.10
C TYR A 384 -1.68 18.09 11.76
N GLN A 385 -0.69 17.19 11.66
CA GLN A 385 -0.81 15.90 12.34
C GLN A 385 -0.74 16.04 13.85
N MET A 386 0.07 16.99 14.34
CA MET A 386 0.11 17.26 15.77
C MET A 386 -1.17 17.93 16.25
N PHE A 387 -1.78 18.77 15.40
CA PHE A 387 -3.07 19.36 15.74
C PHE A 387 -4.18 18.32 15.68
N LEU A 388 -4.08 17.37 14.75
CA LEU A 388 -5.10 16.33 14.63
C LEU A 388 -5.08 15.40 15.84
N HIS A 389 -3.90 15.16 16.42
CA HIS A 389 -3.82 14.38 17.65
C HIS A 389 -4.31 15.19 18.84
N THR A 390 -4.10 16.51 18.83
CA THR A 390 -4.51 17.36 19.95
C THR A 390 -6.03 17.42 20.08
N VAL A 391 -6.74 17.47 18.94
CA VAL A 391 -8.20 17.42 18.99
C VAL A 391 -8.75 16.01 19.11
N GLN A 392 -7.89 15.00 18.94
CA GLN A 392 -8.35 13.62 19.15
C GLN A 392 -8.55 13.33 20.64
N ILE A 393 -7.63 13.81 21.48
CA ILE A 393 -7.78 13.66 22.93
C ILE A 393 -8.73 14.68 23.52
N ILE A 394 -9.04 15.76 22.78
CA ILE A 394 -10.05 16.71 23.24
C ILE A 394 -11.44 16.07 23.17
N GLY A 395 -11.71 15.34 22.11
CA GLY A 395 -12.99 14.72 21.87
C GLY A 395 -13.65 15.26 20.62
N LEU A 396 -14.79 14.66 20.29
CA LEU A 396 -15.55 15.11 19.14
C LEU A 396 -16.17 16.48 19.43
N PRO A 397 -16.28 17.34 18.41
CA PRO A 397 -16.96 18.61 18.62
C PRO A 397 -18.43 18.41 18.91
N PRO A 398 -19.06 19.28 19.68
CA PRO A 398 -20.41 19.01 20.16
C PRO A 398 -21.46 19.05 19.06
N ARG A 399 -22.55 18.33 19.31
CA ARG A 399 -23.67 18.30 18.39
C ARG A 399 -24.38 19.66 18.37
N PRO A 400 -25.03 20.02 17.27
CA PRO A 400 -25.79 21.28 17.24
C PRO A 400 -26.94 21.27 18.24
N THR A 401 -27.19 22.43 18.84
CA THR A 401 -28.19 22.55 19.88
C THR A 401 -29.59 22.66 19.26
N ALA A 402 -30.58 22.93 20.10
CA ALA A 402 -31.96 23.00 19.64
C ALA A 402 -32.21 24.36 18.98
N ASP A 403 -33.42 24.54 18.46
CA ASP A 403 -33.84 25.78 17.83
C ASP A 403 -34.49 26.66 18.88
N ALA A 404 -34.18 27.96 18.86
CA ALA A 404 -34.73 28.91 19.81
C ALA A 404 -36.25 29.05 19.62
N ARG A 405 -36.97 29.08 20.73
CA ARG A 405 -38.43 29.15 20.73
C ARG A 405 -38.89 30.60 20.85
N LEU A 406 -38.55 31.41 19.84
CA LEU A 406 -38.82 32.85 19.86
C LEU A 406 -40.31 33.21 19.79
N GLU A 407 -41.20 32.22 19.65
CA GLU A 407 -42.63 32.48 19.57
C GLU A 407 -43.24 33.01 20.86
N ASP A 408 -42.57 32.85 22.01
CA ASP A 408 -43.12 33.34 23.26
C ASP A 408 -42.17 34.33 23.93
N ALA A 409 -41.09 34.68 23.24
CA ALA A 409 -40.12 35.64 23.77
C ALA A 409 -40.73 37.02 23.88
N THR A 410 -40.30 37.77 24.90
CA THR A 410 -40.80 39.10 25.17
C THR A 410 -39.90 40.13 24.50
N PHE A 411 -40.50 40.99 23.68
CA PHE A 411 -39.79 42.08 23.03
C PHE A 411 -40.33 43.41 23.54
N VAL A 412 -39.42 44.36 23.73
CA VAL A 412 -39.75 45.67 24.30
C VAL A 412 -39.74 46.69 23.17
N GLU A 413 -40.79 47.51 23.13
CA GLU A 413 -40.84 48.65 22.22
C GLU A 413 -40.22 49.87 22.90
N LEU A 414 -39.42 50.59 22.13
CA LEU A 414 -38.68 51.74 22.65
C LEU A 414 -39.39 53.03 22.26
N ASP A 415 -38.98 54.11 22.90
CA ASP A 415 -39.47 55.43 22.56
C ASP A 415 -38.88 55.82 21.21
N PRO A 416 -39.70 56.26 20.23
CA PRO A 416 -39.17 56.65 18.92
C PRO A 416 -38.12 57.75 18.96
N GLU A 417 -38.20 58.63 19.95
CA GLU A 417 -37.19 59.66 20.17
C GLU A 417 -35.84 59.04 20.48
N PHE A 418 -35.83 57.98 21.28
CA PHE A 418 -34.59 57.27 21.59
C PHE A 418 -34.02 56.59 20.35
N CYS A 419 -34.89 56.21 19.41
CA CYS A 419 -34.42 55.55 18.19
C CYS A 419 -33.66 56.49 17.27
N ARG A 420 -34.15 57.73 17.09
CA ARG A 420 -33.40 58.66 16.25
C ARG A 420 -32.13 59.15 16.93
N SER A 421 -32.16 59.30 18.26
CA SER A 421 -30.99 59.77 18.99
C SER A 421 -29.88 58.73 19.03
N LEU A 422 -30.21 57.45 18.85
CA LEU A 422 -29.22 56.38 18.88
C LEU A 422 -28.89 55.84 17.49
N LYS A 423 -29.30 56.56 16.44
CA LYS A 423 -29.04 56.19 15.03
C LYS A 423 -29.59 54.81 14.69
N LEU A 424 -30.79 54.51 15.18
CA LEU A 424 -31.45 53.26 14.84
C LEU A 424 -31.96 53.32 13.41
N PHE A 425 -31.73 52.25 12.66
CA PHE A 425 -32.22 52.14 11.29
C PHE A 425 -33.68 51.68 11.32
N GLU A 426 -34.59 52.58 10.95
CA GLU A 426 -36.00 52.20 10.91
C GLU A 426 -36.28 51.20 9.79
N GLN A 427 -35.56 51.31 8.68
CA GLN A 427 -35.61 50.34 7.59
C GLN A 427 -34.20 49.84 7.31
N LEU A 428 -34.11 48.68 6.68
CA LEU A 428 -32.82 48.10 6.37
C LEU A 428 -32.17 48.92 5.25
N PRO A 429 -30.95 49.44 5.43
CA PRO A 429 -30.39 50.38 4.46
C PRO A 429 -29.88 49.71 3.18
N THR A 430 -29.28 50.51 2.31
CA THR A 430 -28.68 50.07 1.07
C THR A 430 -27.16 50.02 1.22
N PRO A 431 -26.47 49.26 0.36
CA PRO A 431 -25.00 49.31 0.36
C PRO A 431 -24.43 50.68 0.02
N GLU A 432 -25.19 51.52 -0.68
CA GLU A 432 -24.73 52.88 -0.98
C GLU A 432 -24.74 53.78 0.26
N HIS A 433 -25.43 53.38 1.32
CA HIS A 433 -25.46 54.19 2.54
C HIS A 433 -24.12 54.20 3.25
N PHE A 434 -23.34 53.11 3.13
CA PHE A 434 -22.03 53.01 3.77
C PHE A 434 -20.89 53.38 2.83
N ASN A 435 -21.18 54.19 1.80
CA ASN A 435 -20.21 54.64 0.79
C ASN A 435 -19.54 53.46 0.07
N VAL A 436 -20.28 52.38 -0.12
CA VAL A 436 -19.81 51.22 -0.87
C VAL A 436 -20.66 51.15 -2.13
N TYR A 437 -20.16 51.74 -3.20
CA TYR A 437 -20.92 51.87 -4.43
C TYR A 437 -20.74 50.64 -5.32
N GLY A 438 -21.85 50.17 -5.89
CA GLY A 438 -21.81 49.05 -6.82
C GLY A 438 -21.08 49.38 -8.10
N ASP A 439 -20.05 48.61 -8.40
CA ASP A 439 -19.24 48.85 -9.59
C ASP A 439 -20.02 48.45 -10.85
N ASN A 440 -19.60 49.03 -11.98
CA ASN A 440 -20.16 48.65 -13.27
C ASN A 440 -19.72 47.26 -13.73
N MET A 441 -18.73 46.67 -13.07
CA MET A 441 -18.17 45.39 -13.47
C MET A 441 -19.11 44.23 -13.17
N GLY A 442 -20.03 44.38 -12.23
CA GLY A 442 -20.88 43.32 -11.75
C GLY A 442 -22.03 42.91 -12.64
N PHE A 443 -22.08 43.39 -13.88
CA PHE A 443 -23.12 42.96 -14.81
C PHE A 443 -22.93 41.51 -15.27
N LEU A 444 -21.70 41.03 -15.31
CA LEU A 444 -21.39 39.71 -15.86
C LEU A 444 -21.39 38.62 -14.81
N ALA A 445 -22.01 38.85 -13.66
CA ALA A 445 -22.18 37.80 -12.65
C ALA A 445 -23.19 36.80 -13.19
N LYS A 446 -22.70 35.69 -13.74
CA LYS A 446 -23.58 34.67 -14.32
C LYS A 446 -24.43 34.00 -13.24
N ILE A 447 -23.84 33.76 -12.07
CA ILE A 447 -24.58 33.22 -10.94
C ILE A 447 -24.89 34.37 -9.99
N ASN A 448 -25.85 34.15 -9.09
CA ASN A 448 -26.21 35.12 -8.08
C ASN A 448 -26.02 34.49 -6.71
N TRP A 449 -25.56 35.29 -5.75
CA TRP A 449 -25.33 34.83 -4.39
C TRP A 449 -26.31 35.51 -3.45
N ARG A 450 -26.94 34.70 -2.60
CA ARG A 450 -27.94 35.19 -1.66
C ARG A 450 -27.58 34.69 -0.27
N GLY A 451 -27.52 35.61 0.69
CA GLY A 451 -27.18 35.27 2.05
C GLY A 451 -28.39 34.92 2.89
N GLY A 452 -28.14 34.70 4.17
CA GLY A 452 -29.19 34.44 5.14
C GLY A 452 -29.34 32.96 5.46
N GLU A 453 -30.14 32.71 6.50
CA GLU A 453 -30.36 31.35 6.96
C GLU A 453 -31.13 30.52 5.95
N THR A 454 -32.15 31.10 5.30
CA THR A 454 -33.01 30.35 4.41
C THR A 454 -32.25 29.87 3.17
N GLN A 455 -31.38 30.71 2.62
CA GLN A 455 -30.58 30.28 1.48
C GLN A 455 -29.47 29.33 1.91
N ALA A 456 -29.03 29.43 3.17
CA ALA A 456 -27.99 28.52 3.65
C ALA A 456 -28.49 27.09 3.76
N LEU A 457 -29.73 26.91 4.20
CA LEU A 457 -30.29 25.56 4.33
C LEU A 457 -30.71 24.94 3.00
N LEU A 458 -31.18 25.75 2.05
CA LEU A 458 -31.54 25.21 0.74
C LEU A 458 -30.31 24.78 -0.03
N LEU A 459 -29.22 25.54 0.06
CA LEU A 459 -27.97 25.13 -0.58
C LEU A 459 -27.33 23.94 0.14
N LEU A 460 -27.61 23.78 1.44
CA LEU A 460 -27.07 22.64 2.17
C LEU A 460 -27.67 21.34 1.67
N ASP A 461 -28.90 21.41 1.16
CA ASP A 461 -29.57 20.25 0.59
C ASP A 461 -28.93 19.90 -0.75
N GLU A 462 -28.41 20.91 -1.45
CA GLU A 462 -27.77 20.69 -2.74
C GLU A 462 -26.35 20.15 -2.58
N ARG A 463 -25.61 20.62 -1.56
CA ARG A 463 -24.25 20.13 -1.39
C ARG A 463 -24.22 18.72 -0.82
N LEU A 464 -25.17 18.37 0.06
CA LEU A 464 -25.22 17.02 0.59
C LEU A 464 -25.60 16.00 -0.49
N LYS A 465 -26.35 16.45 -1.50
CA LYS A 465 -26.62 15.60 -2.66
C LYS A 465 -25.34 15.36 -3.46
N VAL A 466 -24.48 16.38 -3.53
CA VAL A 466 -23.18 16.27 -4.20
C VAL A 466 -22.32 15.29 -3.40
N GLU A 467 -22.34 15.40 -2.07
CA GLU A 467 -21.66 14.46 -1.20
C GLU A 467 -22.19 13.04 -1.34
N GLN A 468 -23.52 12.89 -1.41
CA GLN A 468 -24.12 11.56 -1.54
C GLN A 468 -23.75 10.89 -2.85
N HIS A 469 -23.55 11.67 -3.92
CA HIS A 469 -23.09 11.11 -5.18
C HIS A 469 -21.68 10.54 -5.05
N ALA A 470 -20.81 11.23 -4.31
CA ALA A 470 -19.45 10.74 -4.09
C ALA A 470 -19.41 9.61 -3.07
N PHE A 471 -20.35 9.61 -2.10
CA PHE A 471 -20.33 8.59 -1.06
C PHE A 471 -20.75 7.23 -1.62
N GLU A 472 -21.69 7.22 -2.55
CA GLU A 472 -22.08 6.01 -3.26
C GLU A 472 -21.05 5.58 -4.30
N ARG A 473 -20.06 6.44 -4.60
CA ARG A 473 -19.01 6.13 -5.55
C ARG A 473 -17.71 5.69 -4.90
N GLY A 474 -17.45 6.09 -3.66
CA GLY A 474 -16.30 5.61 -2.93
C GLY A 474 -15.22 6.62 -2.61
N PHE A 475 -15.43 7.91 -2.88
CA PHE A 475 -14.44 8.92 -2.56
C PHE A 475 -15.11 10.07 -1.81
N TYR A 476 -14.27 10.93 -1.23
CA TYR A 476 -14.73 12.03 -0.40
C TYR A 476 -14.27 13.36 -0.99
N LEU A 477 -14.86 14.44 -0.47
CA LEU A 477 -14.57 15.83 -0.84
C LEU A 477 -14.72 16.06 -2.34
N PRO A 478 -15.96 16.06 -2.86
CA PRO A 478 -16.14 16.18 -4.32
C PRO A 478 -15.73 17.52 -4.88
N ASN A 479 -15.62 18.56 -4.05
CA ASN A 479 -15.23 19.87 -4.56
C ASN A 479 -13.76 19.92 -4.93
N GLN A 480 -12.94 19.06 -4.33
CA GLN A 480 -11.53 18.96 -4.67
C GLN A 480 -11.16 17.62 -5.27
N ALA A 481 -12.12 16.71 -5.44
CA ALA A 481 -11.91 15.47 -6.17
C ALA A 481 -12.25 15.61 -7.64
N LEU A 482 -13.41 16.18 -7.96
CA LEU A 482 -13.77 16.55 -9.33
C LEU A 482 -13.96 18.06 -9.31
N PRO A 483 -12.96 18.82 -9.75
CA PRO A 483 -13.08 20.28 -9.73
C PRO A 483 -13.96 20.80 -10.87
N ASN A 484 -15.15 21.26 -10.55
CA ASN A 484 -16.06 21.83 -11.52
C ASN A 484 -16.08 23.35 -11.40
N ILE A 485 -15.99 24.04 -12.53
CA ILE A 485 -15.89 25.49 -12.57
C ILE A 485 -17.12 26.11 -13.21
N HIS A 486 -17.51 25.62 -14.40
CA HIS A 486 -18.60 26.23 -15.17
C HIS A 486 -19.94 25.62 -14.79
N ASP A 487 -20.31 25.79 -13.52
CA ASP A 487 -21.61 25.37 -13.01
C ASP A 487 -21.90 26.14 -11.74
N SER A 488 -23.02 25.81 -11.10
CA SER A 488 -23.39 26.45 -9.85
C SER A 488 -22.43 26.01 -8.74
N PRO A 489 -22.03 26.92 -7.86
CA PRO A 489 -21.10 26.56 -6.79
C PRO A 489 -21.75 25.72 -5.73
N LYS A 490 -20.95 24.86 -5.09
CA LYS A 490 -21.42 23.99 -4.02
C LYS A 490 -20.50 24.19 -2.82
N SER A 491 -20.30 25.44 -2.45
CA SER A 491 -19.42 25.80 -1.34
C SER A 491 -20.14 26.49 -0.18
N MET A 492 -19.90 26.03 1.03
CA MET A 492 -20.49 26.62 2.23
C MET A 492 -19.49 27.53 2.93
N SER A 493 -18.75 28.30 2.13
CA SER A 493 -17.75 29.22 2.64
C SER A 493 -18.33 30.58 3.02
N ALA A 494 -19.19 31.14 2.17
CA ALA A 494 -19.75 32.47 2.46
C ALA A 494 -20.78 32.41 3.59
N HIS A 495 -21.67 31.42 3.56
CA HIS A 495 -22.68 31.31 4.61
C HIS A 495 -22.08 30.85 5.93
N LEU A 496 -21.01 30.06 5.87
CA LEU A 496 -20.40 29.56 7.10
C LEU A 496 -19.58 30.65 7.79
N ARG A 497 -18.92 31.51 7.00
CA ARG A 497 -18.10 32.57 7.60
C ARG A 497 -18.97 33.61 8.29
N PHE A 498 -20.01 34.09 7.61
CA PHE A 498 -20.89 35.08 8.23
C PHE A 498 -21.78 34.46 9.30
N GLY A 499 -21.91 33.13 9.32
CA GLY A 499 -22.74 32.47 10.29
C GLY A 499 -24.16 32.26 9.87
N CYS A 500 -24.48 32.38 8.58
CA CYS A 500 -25.81 32.03 8.11
C CYS A 500 -26.07 30.53 8.21
N LEU A 501 -25.02 29.72 8.26
CA LEU A 501 -25.12 28.29 8.51
C LEU A 501 -24.13 27.93 9.60
N SER A 502 -24.58 27.18 10.60
CA SER A 502 -23.71 26.78 11.70
C SER A 502 -22.68 25.77 11.22
N VAL A 503 -21.44 25.94 11.68
CA VAL A 503 -20.36 25.02 11.30
C VAL A 503 -20.58 23.65 11.94
N ARG A 504 -21.07 23.63 13.18
CA ARG A 504 -21.35 22.37 13.85
C ARG A 504 -22.50 21.62 13.19
N ARG A 505 -23.53 22.35 12.73
CA ARG A 505 -24.58 21.73 11.94
C ARG A 505 -24.05 21.22 10.62
N PHE A 506 -23.15 21.97 9.98
CA PHE A 506 -22.54 21.52 8.74
C PHE A 506 -21.62 20.34 8.97
N TYR A 507 -20.93 20.31 10.11
CA TYR A 507 -20.03 19.19 10.43
C TYR A 507 -20.81 17.90 10.61
N TRP A 508 -21.93 17.96 11.32
CA TRP A 508 -22.64 16.74 11.69
C TRP A 508 -23.63 16.28 10.62
N SER A 509 -24.14 17.20 9.79
CA SER A 509 -25.07 16.79 8.75
C SER A 509 -24.37 16.06 7.62
N VAL A 510 -23.07 16.30 7.44
CA VAL A 510 -22.30 15.56 6.44
C VAL A 510 -21.63 14.33 7.04
N HIS A 511 -21.48 14.26 8.35
CA HIS A 511 -21.00 13.05 9.00
C HIS A 511 -22.11 12.04 9.26
N ASP A 512 -23.30 12.51 9.65
CA ASP A 512 -24.42 11.59 9.77
C ASP A 512 -24.91 11.12 8.42
N LEU A 513 -24.71 11.93 7.37
CA LEU A 513 -24.95 11.45 6.00
C LEU A 513 -23.93 10.39 5.61
N PHE A 514 -22.69 10.53 6.09
CA PHE A 514 -21.70 9.49 5.84
C PHE A 514 -21.97 8.25 6.68
N LYS A 515 -22.56 8.40 7.86
CA LYS A 515 -22.78 7.25 8.74
C LYS A 515 -23.87 6.34 8.20
N ASN A 516 -24.96 6.90 7.69
CA ASN A 516 -26.04 6.07 7.16
C ASN A 516 -25.88 5.73 5.69
N VAL A 517 -24.86 6.28 5.02
CA VAL A 517 -24.49 5.78 3.69
C VAL A 517 -23.46 4.67 3.79
N GLN A 518 -22.82 4.52 4.96
CA GLN A 518 -21.93 3.39 5.18
C GLN A 518 -22.73 2.16 5.62
N LEU A 519 -23.73 2.36 6.48
CA LEU A 519 -24.50 1.25 7.03
C LEU A 519 -25.39 0.60 5.97
N ARG A 520 -26.15 1.39 5.22
CA ARG A 520 -27.11 0.83 4.28
C ARG A 520 -26.46 0.37 2.98
N ALA A 521 -25.25 0.83 2.69
CA ALA A 521 -24.50 0.33 1.53
C ALA A 521 -23.44 -0.68 1.92
N CYS A 522 -23.42 -1.12 3.18
CA CYS A 522 -22.49 -2.18 3.58
C CYS A 522 -22.89 -3.51 2.95
N VAL A 523 -24.17 -3.70 2.64
CA VAL A 523 -24.60 -4.88 1.91
C VAL A 523 -24.07 -4.86 0.48
N ARG A 524 -23.89 -3.67 -0.09
CA ARG A 524 -23.32 -3.54 -1.42
C ARG A 524 -21.81 -3.81 -1.39
N GLY A 525 -21.21 -3.82 -2.58
CA GLY A 525 -19.80 -4.13 -2.69
C GLY A 525 -18.89 -3.09 -2.07
N VAL A 526 -19.20 -1.82 -2.28
CA VAL A 526 -18.36 -0.74 -1.78
C VAL A 526 -18.65 -0.52 -0.30
N GLN A 527 -17.60 -0.59 0.52
CA GLN A 527 -17.71 -0.37 1.96
C GLN A 527 -16.77 0.75 2.37
N MET A 528 -17.27 1.63 3.23
CA MET A 528 -16.48 2.78 3.68
C MET A 528 -15.54 2.37 4.81
N THR A 529 -14.74 3.32 5.27
CA THR A 529 -13.75 3.06 6.32
C THR A 529 -13.92 3.92 7.57
N GLY A 530 -14.51 5.11 7.45
CA GLY A 530 -14.71 5.97 8.60
C GLY A 530 -13.46 6.76 8.96
N GLY A 531 -13.67 7.86 9.66
CA GLY A 531 -12.60 8.71 10.10
C GLY A 531 -12.94 10.17 9.90
N ALA A 532 -11.90 11.00 9.87
CA ALA A 532 -12.03 12.45 9.73
C ALA A 532 -11.76 12.94 8.32
N HIS A 533 -11.65 12.03 7.34
CA HIS A 533 -11.41 12.44 5.95
C HIS A 533 -12.63 13.11 5.34
N ILE A 534 -13.80 12.93 5.95
CA ILE A 534 -15.03 13.51 5.41
C ILE A 534 -15.02 15.03 5.56
N THR A 535 -14.55 15.53 6.69
CA THR A 535 -14.48 16.96 6.99
C THR A 535 -13.04 17.42 7.10
N GLY A 536 -12.18 16.96 6.19
CA GLY A 536 -10.77 17.30 6.24
C GLY A 536 -10.47 18.77 6.04
N GLN A 537 -11.38 19.50 5.39
CA GLN A 537 -11.17 20.93 5.22
C GLN A 537 -11.57 21.72 6.47
N LEU A 538 -12.45 21.17 7.31
CA LEU A 538 -12.87 21.89 8.51
C LEU A 538 -11.78 21.88 9.58
N ILE A 539 -11.00 20.81 9.65
CA ILE A 539 -9.84 20.79 10.55
C ILE A 539 -8.80 21.81 10.10
N TRP A 540 -8.67 21.99 8.78
CA TRP A 540 -7.73 22.99 8.25
C TRP A 540 -8.12 24.40 8.67
N ARG A 541 -9.42 24.71 8.68
CA ARG A 541 -9.84 26.04 9.11
C ARG A 541 -9.67 26.24 10.61
N GLU A 542 -9.65 25.15 11.40
CA GLU A 542 -9.34 25.26 12.81
C GLU A 542 -7.85 25.33 13.08
N TYR A 543 -7.03 24.81 12.16
CA TYR A 543 -5.58 24.88 12.32
C TYR A 543 -5.09 26.31 12.21
N PHE A 544 -5.66 27.08 11.28
CA PHE A 544 -5.29 28.49 11.17
C PHE A 544 -5.89 29.32 12.30
N TYR A 545 -7.07 28.93 12.80
CA TYR A 545 -7.67 29.61 13.93
C TYR A 545 -6.86 29.39 15.20
N THR A 546 -6.21 28.24 15.33
CA THR A 546 -5.49 27.91 16.55
C THR A 546 -4.21 28.72 16.68
N MET A 547 -3.51 28.95 15.57
CA MET A 547 -2.25 29.68 15.58
C MET A 547 -2.41 31.14 15.20
N SER A 548 -3.60 31.72 15.41
CA SER A 548 -3.83 33.13 15.18
C SER A 548 -4.40 33.85 16.39
N VAL A 549 -4.91 33.13 17.38
CA VAL A 549 -5.56 33.76 18.53
C VAL A 549 -4.55 34.49 19.39
N ASN A 550 -3.33 33.95 19.52
CA ASN A 550 -2.29 34.56 20.32
C ASN A 550 -1.30 35.35 19.49
N ASN A 551 -1.59 35.57 18.21
CA ASN A 551 -0.70 36.26 17.28
C ASN A 551 -1.42 37.50 16.74
N PRO A 552 -1.24 38.66 17.37
CA PRO A 552 -1.87 39.88 16.85
C PRO A 552 -1.31 40.34 15.51
N ASN A 553 -0.11 39.91 15.13
CA ASN A 553 0.51 40.29 13.86
C ASN A 553 0.43 39.16 12.84
N TYR A 554 -0.67 38.42 12.84
CA TYR A 554 -0.82 37.24 11.98
C TYR A 554 -0.92 37.60 10.50
N ASP A 555 -1.23 38.85 10.16
CA ASP A 555 -1.44 39.25 8.77
C ASP A 555 -0.24 39.99 8.19
N ARG A 556 0.91 39.96 8.84
CA ARG A 556 2.07 40.69 8.37
C ARG A 556 3.33 39.92 8.75
N MET A 557 4.48 40.59 8.67
CA MET A 557 5.77 39.99 9.00
C MET A 557 6.46 40.66 10.19
N GLU A 558 6.36 41.98 10.30
CA GLU A 558 7.06 42.71 11.36
C GLU A 558 6.40 42.40 12.71
N GLY A 559 7.19 41.87 13.62
CA GLY A 559 6.67 41.41 14.90
C GLY A 559 6.00 40.06 14.86
N ASN A 560 6.06 39.36 13.74
CA ASN A 560 5.42 38.06 13.58
C ASN A 560 6.48 36.97 13.67
N ASP A 561 6.30 36.03 14.59
CA ASP A 561 7.25 34.96 14.82
C ASP A 561 6.84 33.65 14.16
N ILE A 562 6.15 33.72 13.03
CA ILE A 562 5.74 32.52 12.32
C ILE A 562 6.22 32.48 10.87
N CYS A 563 6.49 33.63 10.24
CA CYS A 563 6.86 33.67 8.83
C CYS A 563 8.22 34.34 8.68
N LEU A 564 8.97 33.89 7.66
CA LEU A 564 10.26 34.48 7.37
C LEU A 564 10.09 35.79 6.61
N SER A 565 11.18 36.55 6.52
CA SER A 565 11.21 37.79 5.76
C SER A 565 11.75 37.48 4.37
N ILE A 566 10.86 36.95 3.53
CA ILE A 566 11.24 36.63 2.15
C ILE A 566 11.42 37.93 1.37
N PRO A 567 12.54 38.13 0.69
CA PRO A 567 12.76 39.40 -0.01
C PRO A 567 11.94 39.53 -1.28
N TRP A 568 10.67 39.94 -1.13
CA TRP A 568 9.84 40.20 -2.28
C TRP A 568 10.29 41.47 -3.00
N ALA A 569 9.75 41.67 -4.20
CA ALA A 569 10.10 42.85 -4.97
C ALA A 569 9.45 44.09 -4.37
N LYS A 570 9.89 45.26 -4.84
CA LYS A 570 9.29 46.51 -4.43
C LYS A 570 7.84 46.57 -4.91
N PRO A 571 6.90 47.02 -4.08
CA PRO A 571 5.49 47.03 -4.48
C PRO A 571 5.21 47.96 -5.66
N ASN A 572 4.87 47.35 -6.80
CA ASN A 572 4.59 48.08 -8.02
C ASN A 572 3.08 48.20 -8.19
N GLU A 573 2.59 49.45 -8.21
CA GLU A 573 1.16 49.66 -8.36
C GLU A 573 0.67 49.38 -9.77
N ASN A 574 1.57 49.41 -10.76
CA ASN A 574 1.16 49.12 -12.12
C ASN A 574 0.84 47.64 -12.31
N LEU A 575 1.71 46.76 -11.81
CA LEU A 575 1.46 45.33 -11.91
C LEU A 575 0.32 44.91 -10.98
N LEU A 576 0.22 45.51 -9.80
CA LEU A 576 -0.82 45.14 -8.85
C LEU A 576 -2.20 45.52 -9.37
N GLN A 577 -2.35 46.72 -9.92
CA GLN A 577 -3.65 47.13 -10.46
C GLN A 577 -4.01 46.34 -11.71
N SER A 578 -3.02 45.90 -12.49
CA SER A 578 -3.29 45.01 -13.60
C SER A 578 -3.74 43.64 -13.12
N TRP A 579 -3.17 43.17 -12.01
CA TRP A 579 -3.58 41.88 -11.45
C TRP A 579 -4.92 41.98 -10.75
N ARG A 580 -5.16 43.10 -10.04
CA ARG A 580 -6.42 43.26 -9.31
C ARG A 580 -7.61 43.41 -10.24
N LEU A 581 -7.45 44.15 -11.34
CA LEU A 581 -8.56 44.44 -12.24
C LEU A 581 -8.75 43.35 -13.29
N GLY A 582 -7.99 42.26 -13.23
CA GLY A 582 -8.11 41.20 -14.20
C GLY A 582 -7.66 41.60 -15.59
N GLN A 583 -6.47 42.20 -15.68
CA GLN A 583 -5.91 42.65 -16.95
C GLN A 583 -4.49 42.15 -17.15
N THR A 584 -4.18 40.96 -16.64
CA THR A 584 -2.82 40.44 -16.64
C THR A 584 -2.42 39.76 -17.94
N GLY A 585 -3.36 39.44 -18.83
CA GLY A 585 -3.05 38.80 -20.09
C GLY A 585 -3.12 37.28 -20.07
N PHE A 586 -3.25 36.66 -18.91
CA PHE A 586 -3.42 35.21 -18.83
C PHE A 586 -4.89 34.89 -18.67
N PRO A 587 -5.48 34.11 -19.60
CA PRO A 587 -6.94 33.93 -19.61
C PRO A 587 -7.52 33.30 -18.35
N LEU A 588 -6.79 32.39 -17.69
CA LEU A 588 -7.29 31.84 -16.43
C LEU A 588 -7.22 32.88 -15.32
N ILE A 589 -6.11 33.60 -15.22
CA ILE A 589 -5.97 34.61 -14.18
C ILE A 589 -6.90 35.79 -14.46
N ASP A 590 -7.07 36.16 -15.74
CA ASP A 590 -8.06 37.18 -16.09
C ASP A 590 -9.47 36.69 -15.81
N GLY A 591 -9.76 35.44 -16.12
CA GLY A 591 -11.10 34.92 -15.86
C GLY A 591 -11.40 34.78 -14.38
N ALA A 592 -10.40 34.41 -13.58
CA ALA A 592 -10.62 34.26 -12.15
C ALA A 592 -10.74 35.61 -11.46
N MET A 593 -9.86 36.55 -11.80
CA MET A 593 -9.87 37.84 -11.10
C MET A 593 -11.08 38.67 -11.47
N ARG A 594 -11.62 38.49 -12.67
CA ARG A 594 -12.86 39.19 -13.03
C ARG A 594 -14.06 38.55 -12.34
N GLN A 595 -13.98 37.26 -12.03
CA GLN A 595 -15.06 36.58 -11.32
C GLN A 595 -15.18 37.10 -9.89
N LEU A 596 -14.04 37.31 -9.23
CA LEU A 596 -14.05 37.80 -7.86
C LEU A 596 -14.59 39.23 -7.78
N LEU A 597 -14.24 40.07 -8.76
CA LEU A 597 -14.74 41.43 -8.78
C LEU A 597 -16.23 41.51 -9.11
N ALA A 598 -16.79 40.47 -9.73
CA ALA A 598 -18.19 40.47 -10.13
C ALA A 598 -19.08 39.66 -9.19
N GLU A 599 -18.59 38.53 -8.68
CA GLU A 599 -19.40 37.65 -7.84
C GLU A 599 -18.87 37.49 -6.43
N GLY A 600 -17.58 37.68 -6.19
CA GLY A 600 -17.03 37.59 -4.86
C GLY A 600 -16.63 36.22 -4.40
N TRP A 601 -16.67 35.20 -5.27
CA TRP A 601 -16.30 33.85 -4.88
C TRP A 601 -15.56 33.18 -6.02
N LEU A 602 -14.47 32.50 -5.70
CA LEU A 602 -13.72 31.69 -6.64
C LEU A 602 -13.63 30.26 -6.11
N HIS A 603 -13.23 29.34 -6.99
CA HIS A 603 -12.92 28.00 -6.54
C HIS A 603 -11.58 27.99 -5.81
N HIS A 604 -11.34 26.93 -5.04
CA HIS A 604 -10.09 26.83 -4.28
C HIS A 604 -8.90 26.69 -5.21
N THR A 605 -9.05 25.92 -6.29
CA THR A 605 -7.98 25.83 -7.29
C THR A 605 -7.80 27.15 -8.02
N LEU A 606 -8.90 27.87 -8.25
CA LEU A 606 -8.81 29.19 -8.87
C LEU A 606 -8.23 30.24 -7.93
N ARG A 607 -8.43 30.09 -6.63
CA ARG A 607 -7.77 30.96 -5.66
C ARG A 607 -6.29 30.63 -5.50
N ASN A 608 -5.93 29.36 -5.66
CA ASN A 608 -4.52 28.98 -5.54
C ASN A 608 -3.72 29.45 -6.74
N THR A 609 -4.30 29.39 -7.94
CA THR A 609 -3.57 29.78 -9.14
C THR A 609 -3.41 31.29 -9.27
N VAL A 610 -4.22 32.09 -8.57
CA VAL A 610 -4.04 33.53 -8.55
C VAL A 610 -3.21 34.00 -7.36
N ALA A 611 -3.07 33.17 -6.33
CA ALA A 611 -2.16 33.44 -5.23
C ALA A 611 -0.75 32.94 -5.52
N THR A 612 -0.59 32.01 -6.45
CA THR A 612 0.73 31.56 -6.89
C THR A 612 1.26 32.45 -8.01
N PHE A 613 0.38 32.99 -8.84
CA PHE A 613 0.77 33.93 -9.89
C PHE A 613 1.27 35.26 -9.35
N LEU A 614 0.84 35.65 -8.16
CA LEU A 614 1.27 36.91 -7.57
C LEU A 614 2.47 36.75 -6.65
N THR A 615 2.57 35.64 -5.91
CA THR A 615 3.63 35.52 -4.91
C THR A 615 4.77 34.60 -5.30
N ARG A 616 4.53 33.44 -5.86
CA ARG A 616 5.62 32.49 -6.07
C ARG A 616 5.93 32.30 -7.55
N GLY A 617 4.96 31.88 -8.33
CA GLY A 617 5.14 31.64 -9.75
C GLY A 617 4.73 32.83 -10.59
N GLY A 618 5.47 33.95 -10.49
CA GLY A 618 5.03 35.16 -11.15
C GLY A 618 5.63 36.44 -10.61
N LEU A 619 4.76 37.38 -10.22
CA LEU A 619 5.14 38.75 -9.95
C LEU A 619 6.09 38.89 -8.77
N TRP A 620 6.19 37.88 -7.90
CA TRP A 620 7.11 37.86 -6.76
C TRP A 620 6.87 39.05 -5.82
N GLN A 621 5.60 39.39 -5.63
CA GLN A 621 5.22 40.49 -4.77
C GLN A 621 4.96 39.97 -3.35
N SER A 622 4.64 40.88 -2.44
CA SER A 622 4.30 40.50 -1.08
C SER A 622 2.88 39.96 -1.03
N TRP A 623 2.68 38.92 -0.21
CA TRP A 623 1.34 38.34 -0.06
C TRP A 623 0.40 39.26 0.73
N GLU A 624 0.92 40.26 1.42
CA GLU A 624 0.07 41.21 2.14
C GLU A 624 -0.80 42.02 1.19
N HIS A 625 -0.30 42.30 -0.02
CA HIS A 625 -1.11 43.00 -1.01
C HIS A 625 -2.26 42.14 -1.50
N GLY A 626 -2.00 40.85 -1.75
CA GLY A 626 -3.07 39.95 -2.14
C GLY A 626 -4.01 39.60 -1.02
N LEU A 627 -3.50 39.57 0.22
CA LEU A 627 -4.36 39.31 1.37
C LEU A 627 -5.33 40.45 1.61
N GLN A 628 -4.86 41.69 1.46
CA GLN A 628 -5.74 42.85 1.64
C GLN A 628 -6.78 42.94 0.53
N HIS A 629 -6.38 42.62 -0.71
CA HIS A 629 -7.34 42.64 -1.81
C HIS A 629 -8.36 41.52 -1.68
N PHE A 630 -7.92 40.34 -1.21
CA PHE A 630 -8.87 39.25 -0.99
C PHE A 630 -9.84 39.58 0.14
N LEU A 631 -9.35 40.22 1.20
CA LEU A 631 -10.22 40.57 2.32
C LEU A 631 -11.24 41.64 1.96
N LYS A 632 -11.03 42.37 0.86
CA LYS A 632 -11.97 43.41 0.47
C LYS A 632 -13.08 42.89 -0.44
N TYR A 633 -12.79 41.87 -1.25
CA TYR A 633 -13.73 41.46 -2.30
C TYR A 633 -14.26 40.05 -2.16
N LEU A 634 -13.70 39.23 -1.27
CA LEU A 634 -14.24 37.89 -1.08
C LEU A 634 -15.61 37.95 -0.40
N LEU A 635 -16.46 36.97 -0.74
CA LEU A 635 -17.73 36.80 -0.05
C LEU A 635 -17.57 36.08 1.28
N ASP A 636 -16.40 35.54 1.56
CA ASP A 636 -16.14 34.75 2.75
C ASP A 636 -14.81 35.13 3.37
N ALA A 637 -14.56 36.43 3.48
CA ALA A 637 -13.25 36.91 3.91
C ALA A 637 -13.02 36.63 5.39
N ASP A 638 -12.41 35.49 5.69
CA ASP A 638 -12.06 35.12 7.05
C ASP A 638 -10.61 35.49 7.30
N TRP A 639 -10.37 36.25 8.37
CA TRP A 639 -9.05 36.83 8.60
C TRP A 639 -8.00 35.76 8.89
N SER A 640 -8.35 34.75 9.68
CA SER A 640 -7.39 33.71 10.01
C SER A 640 -7.21 32.72 8.86
N VAL A 641 -8.28 32.41 8.12
CA VAL A 641 -8.20 31.43 7.06
C VAL A 641 -7.44 31.98 5.86
N CYS A 642 -7.76 33.22 5.46
CA CYS A 642 -7.13 33.80 4.27
C CYS A 642 -5.66 34.10 4.50
N ALA A 643 -5.30 34.60 5.69
CA ALA A 643 -3.89 34.85 5.99
C ALA A 643 -3.12 33.55 6.09
N GLY A 644 -3.75 32.50 6.62
CA GLY A 644 -3.10 31.20 6.65
C GLY A 644 -2.91 30.60 5.27
N ASN A 645 -3.91 30.78 4.40
CA ASN A 645 -3.78 30.26 3.04
C ASN A 645 -2.77 31.06 2.23
N TRP A 646 -2.73 32.38 2.43
CA TRP A 646 -1.76 33.20 1.71
C TRP A 646 -0.33 32.93 2.17
N MET A 647 -0.15 32.55 3.45
CA MET A 647 1.16 32.18 3.93
C MET A 647 1.49 30.72 3.68
N TRP A 648 0.58 29.96 3.08
CA TRP A 648 0.88 28.61 2.63
C TRP A 648 1.25 28.59 1.15
N VAL A 649 0.52 29.34 0.33
CA VAL A 649 0.82 29.41 -1.10
C VAL A 649 2.17 30.08 -1.32
N SER A 650 2.43 31.18 -0.62
CA SER A 650 3.75 31.77 -0.64
C SER A 650 4.77 30.93 0.12
N SER A 651 4.31 29.99 0.95
CA SER A 651 5.13 29.04 1.70
C SER A 651 6.12 29.77 2.61
N SER A 652 5.56 30.50 3.57
CA SER A 652 6.36 31.29 4.49
C SER A 652 6.23 30.87 5.95
N ALA A 653 5.16 30.18 6.33
CA ALA A 653 4.94 29.88 7.75
C ALA A 653 4.94 28.39 8.06
N PHE A 654 4.15 27.60 7.33
CA PHE A 654 3.74 26.28 7.79
C PHE A 654 4.65 25.21 7.17
N GLU A 655 4.23 23.95 7.28
CA GLU A 655 4.97 22.85 6.69
C GLU A 655 4.94 22.92 5.16
N ARG A 656 5.77 22.09 4.53
CA ARG A 656 6.21 22.26 3.14
C ARG A 656 6.75 23.67 2.95
N LEU A 657 7.61 24.07 3.88
CA LEU A 657 8.14 25.43 3.91
C LEU A 657 9.24 25.61 2.88
N LEU A 658 9.16 26.73 2.14
CA LEU A 658 10.14 27.11 1.11
C LEU A 658 10.31 26.00 0.07
N ASP A 659 9.19 25.42 -0.35
CA ASP A 659 9.25 24.30 -1.29
C ASP A 659 9.63 24.77 -2.68
N SER A 660 10.55 24.05 -3.30
CA SER A 660 10.95 24.29 -4.69
C SER A 660 10.21 23.38 -5.65
N SER A 661 8.99 22.99 -5.30
CA SER A 661 8.20 22.08 -6.13
C SER A 661 7.64 22.83 -7.34
N LEU A 662 6.88 22.11 -8.15
CA LEU A 662 6.25 22.71 -9.32
C LEU A 662 5.15 23.68 -8.89
N VAL A 663 5.10 24.81 -9.57
CA VAL A 663 4.15 25.86 -9.23
C VAL A 663 2.91 25.70 -10.10
N THR A 664 1.82 26.35 -9.70
CA THR A 664 0.55 26.21 -10.40
C THR A 664 0.59 27.04 -11.66
N CYS A 665 0.88 26.38 -12.78
CA CYS A 665 0.94 27.08 -14.06
C CYS A 665 -0.47 27.34 -14.57
N PRO A 666 -0.83 28.60 -14.84
CA PRO A 666 -2.20 28.89 -15.27
C PRO A 666 -2.48 28.45 -16.70
N VAL A 667 -1.46 28.33 -17.55
CA VAL A 667 -1.68 27.94 -18.94
C VAL A 667 -2.12 26.48 -19.01
N ALA A 668 -1.42 25.60 -18.30
CA ALA A 668 -1.73 24.18 -18.36
C ALA A 668 -2.98 23.83 -17.56
N LEU A 669 -3.21 24.52 -16.44
CA LEU A 669 -4.36 24.20 -15.61
C LEU A 669 -5.68 24.68 -16.23
N ALA A 670 -5.63 25.74 -17.04
CA ALA A 670 -6.83 26.20 -17.74
C ALA A 670 -7.26 25.23 -18.82
N LYS A 671 -6.31 24.52 -19.43
CA LYS A 671 -6.62 23.66 -20.56
C LYS A 671 -7.34 22.37 -20.17
N ARG A 672 -7.45 22.06 -18.88
CA ARG A 672 -8.14 20.86 -18.46
C ARG A 672 -9.22 21.08 -17.41
N LEU A 673 -9.22 22.20 -16.69
CA LEU A 673 -10.39 22.56 -15.91
C LEU A 673 -11.57 22.90 -16.82
N ASP A 674 -11.33 23.75 -17.83
CA ASP A 674 -12.32 24.08 -18.84
C ASP A 674 -11.68 23.93 -20.21
N PRO A 675 -11.59 22.69 -20.72
CA PRO A 675 -11.01 22.50 -22.06
C PRO A 675 -11.83 23.15 -23.17
N ASP A 676 -13.15 23.26 -23.00
CA ASP A 676 -14.00 23.85 -24.01
C ASP A 676 -13.84 25.37 -24.07
N GLY A 677 -13.31 26.00 -23.03
CA GLY A 677 -13.19 27.44 -23.01
C GLY A 677 -14.47 28.18 -22.72
N THR A 678 -15.46 27.50 -22.13
CA THR A 678 -16.74 28.14 -21.84
C THR A 678 -16.60 29.12 -20.68
N TYR A 679 -15.92 28.72 -19.60
CA TYR A 679 -15.77 29.58 -18.44
C TYR A 679 -14.93 30.81 -18.75
N ILE A 680 -13.88 30.64 -19.56
CA ILE A 680 -13.05 31.78 -19.96
C ILE A 680 -13.86 32.74 -20.83
N LYS A 681 -14.65 32.20 -21.76
CA LYS A 681 -15.49 33.03 -22.62
C LYS A 681 -16.61 33.71 -21.84
N GLN A 682 -17.01 33.15 -20.70
CA GLN A 682 -18.09 33.74 -19.90
C GLN A 682 -17.62 35.01 -19.19
N TYR A 683 -16.44 34.97 -18.58
CA TYR A 683 -15.97 36.08 -17.76
C TYR A 683 -15.02 37.02 -18.49
N VAL A 684 -14.51 36.62 -19.65
CA VAL A 684 -13.73 37.51 -20.49
C VAL A 684 -14.56 37.80 -21.74
N PRO A 685 -15.24 38.94 -21.82
CA PRO A 685 -16.14 39.20 -22.95
C PRO A 685 -15.44 39.71 -24.21
N GLU A 686 -14.12 39.54 -24.30
CA GLU A 686 -13.38 39.92 -25.49
C GLU A 686 -13.06 38.73 -26.39
N LEU A 687 -13.53 37.54 -26.08
CA LEU A 687 -13.13 36.32 -26.78
C LEU A 687 -14.35 35.52 -27.25
N MET A 688 -15.33 36.20 -27.83
CA MET A 688 -16.51 35.50 -28.33
C MET A 688 -16.19 34.67 -29.57
N ASN A 689 -15.47 35.25 -30.54
CA ASN A 689 -15.16 34.56 -31.77
C ASN A 689 -13.91 33.70 -31.68
N VAL A 690 -13.19 33.77 -30.56
CA VAL A 690 -11.95 33.01 -30.39
C VAL A 690 -12.31 31.54 -30.17
N PRO A 691 -11.74 30.62 -30.96
CA PRO A 691 -12.12 29.21 -30.85
C PRO A 691 -11.49 28.55 -29.62
N LYS A 692 -11.93 27.32 -29.37
CA LYS A 692 -11.48 26.59 -28.19
C LYS A 692 -10.02 26.17 -28.28
N GLU A 693 -9.46 26.08 -29.48
CA GLU A 693 -8.05 25.72 -29.61
C GLU A 693 -7.14 26.89 -29.25
N PHE A 694 -7.63 28.11 -29.36
CA PHE A 694 -6.80 29.31 -29.19
C PHE A 694 -7.17 30.11 -27.95
N VAL A 695 -8.23 29.75 -27.23
CA VAL A 695 -8.72 30.60 -26.15
C VAL A 695 -7.83 30.50 -24.92
N HIS A 696 -7.16 29.37 -24.70
CA HIS A 696 -6.28 29.24 -23.55
C HIS A 696 -4.97 29.99 -23.75
N GLU A 697 -4.44 29.97 -24.98
CA GLU A 697 -3.19 30.65 -25.33
C GLU A 697 -3.46 31.55 -26.52
N PRO A 698 -4.02 32.74 -26.30
CA PRO A 698 -4.27 33.67 -27.42
C PRO A 698 -3.01 34.29 -28.01
N TRP A 699 -1.87 34.21 -27.31
CA TRP A 699 -0.63 34.72 -27.88
C TRP A 699 -0.12 33.85 -29.03
N ARG A 700 -0.52 32.58 -29.08
CA ARG A 700 -0.18 31.72 -30.21
C ARG A 700 -1.01 32.03 -31.45
N MET A 701 -2.09 32.79 -31.31
CA MET A 701 -2.91 33.16 -32.46
C MET A 701 -2.16 34.16 -33.33
N SER A 702 -2.13 33.91 -34.64
CA SER A 702 -1.36 34.73 -35.55
C SER A 702 -2.05 36.07 -35.78
N ALA A 703 -1.31 36.99 -36.39
CA ALA A 703 -1.84 38.34 -36.65
C ALA A 703 -2.97 38.31 -37.67
N GLU A 704 -2.89 37.41 -38.66
CA GLU A 704 -3.97 37.26 -39.63
C GLU A 704 -5.24 36.74 -38.95
N GLN A 705 -5.09 35.76 -38.06
CA GLN A 705 -6.25 35.25 -37.34
C GLN A 705 -6.74 36.24 -36.28
N GLN A 706 -5.84 37.12 -35.80
CA GLN A 706 -6.23 38.09 -34.79
C GLN A 706 -7.20 39.12 -35.35
N GLU A 707 -7.00 39.55 -36.60
CA GLU A 707 -7.84 40.59 -37.18
C GLU A 707 -9.24 40.06 -37.48
N GLN A 708 -9.34 38.86 -38.06
CA GLN A 708 -10.63 38.31 -38.46
C GLN A 708 -11.44 37.77 -37.31
N TYR A 709 -10.84 37.56 -36.14
CA TYR A 709 -11.53 36.98 -35.00
C TYR A 709 -11.71 37.97 -33.85
N GLU A 710 -11.28 39.22 -34.02
CA GLU A 710 -11.42 40.31 -33.05
C GLU A 710 -10.74 39.96 -31.72
N CYS A 711 -9.45 39.65 -31.80
CA CYS A 711 -8.64 39.34 -30.63
C CYS A 711 -7.28 40.02 -30.77
N LEU A 712 -7.29 41.29 -31.17
CA LEU A 712 -6.06 42.06 -31.33
C LEU A 712 -5.41 42.27 -29.97
N ILE A 713 -4.27 41.62 -29.75
CA ILE A 713 -3.58 41.69 -28.46
C ILE A 713 -2.94 43.07 -28.33
N GLY A 714 -3.25 43.75 -27.22
CA GLY A 714 -2.71 45.06 -26.91
C GLY A 714 -3.76 46.16 -26.92
N VAL A 715 -4.75 46.07 -27.81
CA VAL A 715 -5.80 47.07 -27.89
C VAL A 715 -7.17 46.52 -27.50
N HIS A 716 -7.37 45.20 -27.51
CA HIS A 716 -8.59 44.59 -27.05
C HIS A 716 -8.36 43.71 -25.83
N TYR A 717 -7.36 42.85 -25.88
CA TYR A 717 -6.95 42.01 -24.77
C TYR A 717 -5.49 42.28 -24.45
N PRO A 718 -5.14 42.48 -23.19
CA PRO A 718 -3.77 42.89 -22.85
C PRO A 718 -2.76 41.78 -23.08
N GLU A 719 -1.54 42.18 -23.41
CA GLU A 719 -0.42 41.25 -23.52
C GLU A 719 -0.03 40.78 -22.12
N ARG A 720 0.64 39.62 -22.07
CA ARG A 720 1.15 39.08 -20.81
C ARG A 720 2.11 40.07 -20.17
N ILE A 721 1.80 40.49 -18.94
CA ILE A 721 2.58 41.52 -18.29
C ILE A 721 3.94 41.01 -17.82
N ILE A 722 4.11 39.69 -17.71
CA ILE A 722 5.39 39.09 -17.33
C ILE A 722 5.58 37.82 -18.14
N ASP A 723 6.83 37.40 -18.28
CA ASP A 723 7.16 36.14 -18.92
C ASP A 723 7.07 35.04 -17.86
N LEU A 724 6.09 34.15 -18.02
CA LEU A 724 5.82 33.16 -16.98
C LEU A 724 6.95 32.13 -16.86
N SER A 725 7.49 31.68 -17.99
CA SER A 725 8.54 30.67 -17.95
C SER A 725 9.84 31.23 -17.38
N MET A 726 10.13 32.49 -17.66
CA MET A 726 11.35 33.10 -17.13
C MET A 726 11.20 33.46 -15.65
N ALA A 727 10.00 33.89 -15.24
CA ALA A 727 9.81 34.29 -13.85
C ALA A 727 9.77 33.08 -12.91
N VAL A 728 9.20 31.97 -13.38
CA VAL A 728 9.11 30.78 -12.55
C VAL A 728 10.49 30.20 -12.27
N LYS A 729 11.35 30.13 -13.31
CA LYS A 729 12.69 29.59 -13.12
C LYS A 729 13.55 30.52 -12.28
N ARG A 730 13.30 31.83 -12.36
CA ARG A 730 14.08 32.78 -11.57
C ARG A 730 13.72 32.68 -10.10
N ASN A 731 12.44 32.50 -9.79
CA ASN A 731 11.99 32.53 -8.40
C ASN A 731 12.46 31.31 -7.62
N MET A 732 12.44 30.13 -8.25
CA MET A 732 12.93 28.93 -7.58
C MET A 732 14.44 28.98 -7.34
N LEU A 733 15.18 29.72 -8.19
CA LEU A 733 16.60 29.96 -7.91
C LEU A 733 16.78 30.76 -6.63
N ALA A 734 15.94 31.78 -6.43
CA ALA A 734 15.97 32.53 -5.19
C ALA A 734 15.37 31.73 -4.03
N MET A 735 14.42 30.85 -4.33
CA MET A 735 13.81 30.02 -3.29
C MET A 735 14.80 28.99 -2.75
N LYS A 736 15.61 28.39 -3.63
CA LYS A 736 16.63 27.45 -3.17
C LYS A 736 17.73 28.15 -2.39
N SER A 737 18.07 29.38 -2.76
CA SER A 737 19.10 30.12 -2.03
C SER A 737 18.66 30.47 -0.62
N LEU A 738 17.37 30.78 -0.43
CA LEU A 738 16.87 31.06 0.91
C LEU A 738 16.89 29.80 1.78
N ARG A 739 16.59 28.64 1.20
CA ARG A 739 16.65 27.40 1.94
C ARG A 739 18.09 27.05 2.32
N ASN A 740 19.04 27.26 1.41
CA ASN A 740 20.44 26.98 1.72
C ASN A 740 21.00 27.96 2.73
N SER A 741 20.61 29.24 2.62
CA SER A 741 21.07 30.23 3.60
C SER A 741 20.35 30.09 4.94
N LEU A 742 19.24 29.35 4.98
CA LEU A 742 18.54 29.12 6.24
C LEU A 742 19.38 28.25 7.18
N ILE A 743 20.11 27.30 6.63
CA ILE A 743 21.02 26.47 7.43
C ILE A 743 22.29 27.26 7.70
N THR A 744 22.64 27.41 8.99
CA THR A 744 23.78 28.20 9.46
C THR A 744 23.78 29.63 8.95
N MET B 1 -7.04 13.95 6.73
CA MET B 1 -6.30 14.16 5.50
C MET B 1 -5.69 15.55 5.45
N ASP B 2 -4.50 15.66 4.88
CA ASP B 2 -3.79 16.97 4.77
C ASP B 2 -2.86 17.17 3.57
N TRP B 3 -3.33 17.08 2.33
CA TRP B 3 -2.49 17.49 1.16
C TRP B 3 -3.40 18.44 0.39
N LEU B 4 -4.60 18.62 0.88
CA LEU B 4 -5.69 19.47 0.41
C LEU B 4 -5.18 20.83 -0.03
N LEU B 5 -4.29 21.43 0.75
CA LEU B 5 -3.68 22.69 0.36
C LEU B 5 -2.61 22.52 -0.72
N ALA B 6 -2.09 21.31 -0.90
CA ALA B 6 -1.15 21.00 -1.95
C ALA B 6 -1.82 20.34 -3.16
N THR B 7 -3.14 20.20 -3.14
CA THR B 7 -3.86 19.61 -4.27
C THR B 7 -3.73 20.41 -5.57
N PRO B 8 -3.90 21.75 -5.60
CA PRO B 8 -3.75 22.45 -6.90
C PRO B 8 -2.35 22.36 -7.50
N GLN B 9 -1.31 22.25 -6.68
CA GLN B 9 0.04 22.11 -7.21
C GLN B 9 0.19 20.79 -7.97
N LEU B 10 -0.28 19.69 -7.37
CA LEU B 10 -0.22 18.40 -8.06
C LEU B 10 -1.13 18.37 -9.26
N TYR B 11 -2.29 19.03 -9.16
CA TYR B 11 -3.21 19.12 -10.29
C TYR B 11 -2.57 19.85 -11.48
N SER B 12 -1.88 20.96 -11.21
CA SER B 12 -1.21 21.71 -12.26
C SER B 12 -0.03 20.93 -12.83
N ALA B 13 0.72 20.25 -11.98
CA ALA B 13 1.86 19.47 -12.45
C ALA B 13 1.42 18.32 -13.36
N PHE B 14 0.36 17.62 -12.97
CA PHE B 14 -0.12 16.50 -13.78
C PHE B 14 -0.84 16.99 -15.03
N SER B 15 -1.44 18.19 -14.99
CA SER B 15 -1.98 18.77 -16.21
C SER B 15 -0.88 19.20 -17.17
N SER B 16 0.23 19.71 -16.62
CA SER B 16 1.36 20.13 -17.43
C SER B 16 2.26 18.97 -17.85
N LEU B 17 2.00 17.75 -17.34
CA LEU B 17 2.75 16.59 -17.80
C LEU B 17 2.49 16.33 -19.29
N GLY B 18 1.25 16.47 -19.73
CA GLY B 18 0.91 16.28 -21.13
C GLY B 18 -0.30 17.08 -21.56
N CYS B 19 -0.16 17.85 -22.64
CA CYS B 19 -1.21 18.70 -23.16
C CYS B 19 -1.70 18.17 -24.50
N LEU B 20 -3.00 18.29 -24.75
CA LEU B 20 -3.62 17.80 -25.97
C LEU B 20 -3.97 18.98 -26.87
N GLU B 21 -3.51 18.92 -28.12
CA GLU B 21 -3.78 19.95 -29.12
C GLU B 21 -4.46 19.28 -30.31
N GLY B 22 -5.78 19.41 -30.40
CA GLY B 22 -6.53 18.80 -31.48
C GLY B 22 -6.62 17.29 -31.34
N ASP B 23 -5.90 16.57 -32.21
CA ASP B 23 -5.89 15.12 -32.17
C ASP B 23 -4.52 14.52 -31.86
N THR B 24 -3.44 15.28 -32.01
CA THR B 24 -2.10 14.78 -31.78
C THR B 24 -1.67 15.13 -30.35
N TYR B 25 -1.39 14.10 -29.55
CA TYR B 25 -0.90 14.32 -28.20
C TYR B 25 0.55 14.77 -28.23
N VAL B 26 0.85 15.85 -27.50
CA VAL B 26 2.19 16.41 -27.45
C VAL B 26 2.63 16.49 -25.99
N VAL B 27 3.85 16.05 -25.72
CA VAL B 27 4.39 16.06 -24.37
C VAL B 27 5.08 17.40 -24.11
N ASN B 28 5.12 17.78 -22.84
CA ASN B 28 5.78 19.03 -22.47
C ASN B 28 7.30 18.87 -22.57
N PRO B 29 8.02 19.91 -22.96
CA PRO B 29 9.50 19.84 -22.94
C PRO B 29 10.08 19.62 -21.56
N ASN B 30 9.46 20.16 -20.51
CA ASN B 30 9.92 19.98 -19.14
C ASN B 30 9.24 18.81 -18.44
N ALA B 31 8.71 17.86 -19.21
CA ALA B 31 8.08 16.68 -18.62
C ALA B 31 9.08 15.84 -17.85
N LEU B 32 10.33 15.77 -18.32
CA LEU B 32 11.36 15.03 -17.59
C LEU B 32 11.62 15.66 -16.22
N ALA B 33 11.69 16.99 -16.16
CA ALA B 33 11.88 17.68 -14.89
C ALA B 33 10.70 17.47 -13.96
N ILE B 34 9.47 17.56 -14.50
CA ILE B 34 8.28 17.36 -13.67
C ILE B 34 8.24 15.93 -13.12
N LEU B 35 8.56 14.95 -13.97
CA LEU B 35 8.53 13.55 -13.54
C LEU B 35 9.62 13.26 -12.51
N GLU B 36 10.83 13.81 -12.70
CA GLU B 36 11.88 13.54 -11.72
C GLU B 36 11.59 14.24 -10.39
N GLU B 37 10.94 15.42 -10.42
CA GLU B 37 10.52 16.05 -9.17
C GLU B 37 9.45 15.23 -8.48
N ILE B 38 8.50 14.68 -9.25
CA ILE B 38 7.44 13.84 -8.68
C ILE B 38 8.05 12.58 -8.07
N ASN B 39 9.01 11.96 -8.76
CA ASN B 39 9.66 10.76 -8.25
C ASN B 39 10.47 11.05 -6.99
N TYR B 40 11.15 12.19 -6.94
CA TYR B 40 11.89 12.56 -5.74
C TYR B 40 10.96 12.82 -4.57
N LYS B 41 9.81 13.45 -4.83
CA LYS B 41 8.84 13.69 -3.76
C LYS B 41 8.20 12.39 -3.29
N LEU B 42 7.99 11.44 -4.20
CA LEU B 42 7.35 10.18 -3.82
C LEU B 42 8.32 9.27 -3.07
N THR B 43 9.59 9.25 -3.45
CA THR B 43 10.55 8.37 -2.80
C THR B 43 10.91 8.88 -1.41
N TYR B 44 11.12 10.19 -1.26
CA TYR B 44 11.61 10.77 -0.02
C TYR B 44 10.49 11.36 0.82
N GLU B 45 9.32 10.75 0.80
CA GLU B 45 8.19 11.19 1.61
C GLU B 45 8.27 10.53 2.98
N ASP B 46 7.23 10.72 3.80
CA ASP B 46 7.19 10.09 5.12
C ASP B 46 6.92 8.60 4.98
N GLN B 47 7.57 7.81 5.83
CA GLN B 47 7.45 6.36 5.76
C GLN B 47 6.09 5.88 6.25
N THR B 48 5.62 6.41 7.38
CA THR B 48 4.39 5.91 7.97
C THR B 48 3.15 6.55 7.36
N LEU B 49 3.20 7.87 7.12
CA LEU B 49 2.01 8.56 6.63
C LEU B 49 1.72 8.24 5.17
N ARG B 50 2.75 8.24 4.33
CA ARG B 50 2.65 8.06 2.87
C ARG B 50 1.66 9.06 2.27
N THR B 51 1.88 10.34 2.58
CA THR B 51 0.91 11.38 2.22
C THR B 51 0.90 11.65 0.72
N PHE B 52 2.06 11.59 0.06
CA PHE B 52 2.13 11.89 -1.36
C PHE B 52 1.44 10.81 -2.19
N ARG B 53 1.63 9.54 -1.83
CA ARG B 53 1.00 8.45 -2.55
C ARG B 53 -0.52 8.51 -2.39
N ARG B 54 -0.99 8.81 -1.17
CA ARG B 54 -2.42 9.02 -0.95
C ARG B 54 -2.94 10.24 -1.70
N ALA B 55 -2.09 11.26 -1.90
CA ALA B 55 -2.48 12.43 -2.68
C ALA B 55 -2.69 12.05 -4.15
N ILE B 56 -1.77 11.26 -4.70
CA ILE B 56 -1.92 10.79 -6.08
C ILE B 56 -3.17 9.92 -6.20
N GLY B 57 -3.46 9.13 -5.17
CA GLY B 57 -4.67 8.33 -5.19
C GLY B 57 -5.94 9.17 -5.12
N PHE B 58 -5.94 10.22 -4.29
CA PHE B 58 -7.12 11.06 -4.13
C PHE B 58 -7.38 11.91 -5.37
N GLY B 59 -6.32 12.42 -5.99
CA GLY B 59 -6.51 13.27 -7.15
C GLY B 59 -6.93 12.55 -8.41
N GLN B 60 -6.84 11.22 -8.43
CA GLN B 60 -7.13 10.39 -9.60
C GLN B 60 -6.31 10.82 -10.81
N ASN B 61 -5.06 11.20 -10.55
CA ASN B 61 -4.18 11.71 -11.59
C ASN B 61 -3.58 10.61 -12.45
N VAL B 62 -3.67 9.34 -12.01
CA VAL B 62 -3.06 8.24 -12.74
C VAL B 62 -3.72 8.06 -14.10
N ARG B 63 -5.00 7.72 -14.12
CA ARG B 63 -5.71 7.46 -15.37
C ARG B 63 -5.89 8.72 -16.19
N SER B 64 -5.85 9.89 -15.56
CA SER B 64 -6.06 11.13 -16.30
C SER B 64 -4.78 11.60 -16.99
N ASP B 65 -3.63 11.41 -16.34
CA ASP B 65 -2.39 11.98 -16.87
C ASP B 65 -1.32 10.95 -17.16
N LEU B 66 -1.04 10.04 -16.22
CA LEU B 66 0.13 9.18 -16.37
C LEU B 66 -0.08 8.10 -17.42
N ILE B 67 -1.29 7.53 -17.46
CA ILE B 67 -1.60 6.53 -18.49
C ILE B 67 -1.60 7.12 -19.90
N PRO B 68 -2.21 8.29 -20.18
CA PRO B 68 -2.01 8.89 -21.51
C PRO B 68 -0.56 9.29 -21.79
N LEU B 69 0.18 9.73 -20.78
CA LEU B 69 1.58 10.07 -20.99
C LEU B 69 2.41 8.84 -21.31
N LEU B 70 2.12 7.72 -20.65
CA LEU B 70 2.76 6.46 -21.02
C LEU B 70 2.32 5.99 -22.40
N GLU B 71 1.08 6.28 -22.77
CA GLU B 71 0.55 5.83 -24.06
C GLU B 71 1.19 6.57 -25.23
N ASN B 72 1.36 7.89 -25.11
CA ASN B 72 1.74 8.72 -26.23
C ASN B 72 3.15 9.28 -26.15
N ALA B 73 4.00 8.74 -25.28
CA ALA B 73 5.38 9.18 -25.22
C ALA B 73 6.19 8.59 -26.37
N LYS B 74 7.23 9.31 -26.77
CA LYS B 74 8.12 8.88 -27.83
C LYS B 74 9.57 8.75 -27.40
N ASP B 75 10.08 9.69 -26.61
CA ASP B 75 11.46 9.63 -26.15
C ASP B 75 11.63 8.53 -25.10
N ASP B 76 12.85 8.02 -25.01
CA ASP B 76 13.13 6.91 -24.09
C ASP B 76 13.24 7.37 -22.65
N ALA B 77 13.75 8.58 -22.41
CA ALA B 77 13.98 9.04 -21.04
C ALA B 77 12.67 9.32 -20.32
N VAL B 78 11.72 9.97 -21.00
CA VAL B 78 10.42 10.26 -20.39
C VAL B 78 9.65 8.96 -20.15
N LEU B 79 9.76 7.99 -21.07
CA LEU B 79 9.15 6.69 -20.87
C LEU B 79 9.76 5.96 -19.68
N GLU B 80 11.08 6.02 -19.54
CA GLU B 80 11.75 5.38 -18.41
C GLU B 80 11.34 6.01 -17.09
N SER B 81 11.24 7.34 -17.05
CA SER B 81 10.80 8.03 -15.84
C SER B 81 9.36 7.69 -15.49
N VAL B 82 8.49 7.62 -16.51
CA VAL B 82 7.08 7.27 -16.28
C VAL B 82 6.98 5.85 -15.76
N ILE B 83 7.76 4.92 -16.32
CA ILE B 83 7.76 3.54 -15.85
C ILE B 83 8.24 3.46 -14.41
N ARG B 84 9.31 4.20 -14.07
CA ARG B 84 9.82 4.18 -12.70
C ARG B 84 8.81 4.74 -11.71
N ILE B 85 8.13 5.83 -12.08
CA ILE B 85 7.12 6.42 -11.21
C ILE B 85 5.94 5.48 -11.02
N LEU B 86 5.49 4.84 -12.11
CA LEU B 86 4.38 3.89 -12.01
C LEU B 86 4.76 2.69 -11.15
N VAL B 87 5.99 2.20 -11.29
CA VAL B 87 6.46 1.06 -10.49
C VAL B 87 6.51 1.43 -9.02
N ASN B 88 7.00 2.65 -8.72
CA ASN B 88 6.98 3.13 -7.35
C ASN B 88 5.57 3.40 -6.83
N LEU B 89 4.60 3.58 -7.73
CA LEU B 89 3.25 3.94 -7.33
C LEU B 89 2.37 2.73 -7.02
N THR B 90 2.42 1.69 -7.84
CA THR B 90 1.51 0.54 -7.70
C THR B 90 2.14 -0.59 -6.89
N VAL B 91 2.98 -0.25 -5.92
CA VAL B 91 3.56 -1.23 -4.99
C VAL B 91 2.45 -1.85 -4.16
N PRO B 92 2.41 -3.17 -3.97
CA PRO B 92 1.44 -3.76 -3.06
C PRO B 92 1.66 -3.28 -1.63
N VAL B 93 0.56 -3.08 -0.92
CA VAL B 93 0.61 -2.53 0.43
C VAL B 93 1.27 -3.50 1.40
N GLU B 94 1.25 -4.80 1.11
CA GLU B 94 1.87 -5.80 1.99
C GLU B 94 3.39 -5.64 1.98
N CYS B 95 3.94 -5.08 0.91
CA CYS B 95 5.36 -4.80 0.83
C CYS B 95 5.68 -3.44 1.44
N LEU B 96 4.65 -2.74 1.91
CA LEU B 96 4.80 -1.40 2.46
C LEU B 96 4.56 -1.45 3.96
N PHE B 97 5.66 -1.33 4.73
CA PHE B 97 5.71 -1.14 6.19
C PHE B 97 4.85 -2.11 7.00
N SER B 98 4.58 -3.30 6.43
CA SER B 98 3.96 -4.44 7.15
C SER B 98 2.61 -4.05 7.76
N VAL B 99 1.64 -3.85 6.88
CA VAL B 99 0.38 -3.16 7.20
C VAL B 99 -0.46 -3.85 8.28
N ASP B 100 -0.20 -5.12 8.58
CA ASP B 100 -1.07 -5.85 9.50
C ASP B 100 -0.94 -5.39 10.95
N VAL B 101 0.23 -4.92 11.37
CA VAL B 101 0.37 -4.46 12.76
C VAL B 101 -0.34 -3.12 12.97
N MET B 102 -0.33 -2.23 11.98
CA MET B 102 -0.94 -0.91 12.13
C MET B 102 -2.32 -0.83 11.50
N TYR B 103 -2.87 -1.95 11.02
CA TYR B 103 -4.22 -1.99 10.48
C TYR B 103 -5.28 -1.76 11.56
N ARG B 104 -4.96 -2.01 12.83
CA ARG B 104 -5.96 -2.06 13.88
C ARG B 104 -6.64 -0.71 14.11
N THR B 105 -5.87 0.37 14.12
CA THR B 105 -6.42 1.69 14.42
C THR B 105 -7.26 2.20 13.25
N ASP B 106 -8.12 3.19 13.54
CA ASP B 106 -9.03 3.73 12.54
C ASP B 106 -8.26 4.50 11.47
N VAL B 107 -7.25 5.27 11.86
CA VAL B 107 -6.41 5.96 10.89
C VAL B 107 -5.64 4.95 10.04
N GLY B 108 -5.22 3.84 10.65
CA GLY B 108 -4.56 2.78 9.94
C GLY B 108 -5.41 2.12 8.88
N ARG B 109 -6.65 1.76 9.21
CA ARG B 109 -7.52 1.14 8.21
C ARG B 109 -7.98 2.16 7.17
N HIS B 110 -8.06 3.44 7.56
CA HIS B 110 -8.33 4.48 6.56
C HIS B 110 -7.19 4.58 5.55
N THR B 111 -5.95 4.53 6.03
CA THR B 111 -4.80 4.55 5.12
C THR B 111 -4.77 3.31 4.24
N ILE B 112 -5.11 2.15 4.81
CA ILE B 112 -5.15 0.91 4.04
C ILE B 112 -6.20 1.00 2.96
N PHE B 113 -7.39 1.52 3.29
CA PHE B 113 -8.45 1.65 2.30
C PHE B 113 -8.09 2.65 1.22
N GLU B 114 -7.43 3.75 1.58
CA GLU B 114 -7.00 4.74 0.58
C GLU B 114 -5.98 4.14 -0.39
N LEU B 115 -4.99 3.44 0.15
CA LEU B 115 -3.96 2.84 -0.71
C LEU B 115 -4.55 1.73 -1.58
N ASN B 116 -5.46 0.92 -1.02
CA ASN B 116 -6.10 -0.12 -1.81
C ASN B 116 -7.00 0.45 -2.89
N LYS B 117 -7.68 1.56 -2.61
CA LYS B 117 -8.48 2.23 -3.64
C LYS B 117 -7.59 2.77 -4.75
N LEU B 118 -6.42 3.32 -4.39
CA LEU B 118 -5.47 3.76 -5.41
C LEU B 118 -4.99 2.59 -6.27
N LEU B 119 -4.66 1.46 -5.65
CA LEU B 119 -4.22 0.29 -6.40
C LEU B 119 -5.30 -0.23 -7.33
N TYR B 120 -6.54 -0.30 -6.83
CA TYR B 120 -7.65 -0.78 -7.66
C TYR B 120 -7.94 0.17 -8.82
N THR B 121 -7.88 1.47 -8.58
CA THR B 121 -8.12 2.43 -9.66
C THR B 121 -7.00 2.42 -10.69
N SER B 122 -5.75 2.19 -10.24
CA SER B 122 -4.65 2.08 -11.19
C SER B 122 -4.79 0.82 -12.04
N LYS B 123 -5.24 -0.29 -11.43
CA LYS B 123 -5.49 -1.50 -12.22
C LYS B 123 -6.63 -1.29 -13.22
N GLU B 124 -7.69 -0.60 -12.80
CA GLU B 124 -8.79 -0.27 -13.70
C GLU B 124 -8.31 0.63 -14.84
N ALA B 125 -7.38 1.54 -14.56
CA ALA B 125 -6.76 2.33 -15.61
C ALA B 125 -5.96 1.44 -16.56
N PHE B 126 -5.23 0.47 -16.02
CA PHE B 126 -4.39 -0.39 -16.83
C PHE B 126 -5.16 -1.47 -17.57
N THR B 127 -6.47 -1.62 -17.29
CA THR B 127 -7.29 -2.55 -18.07
C THR B 127 -7.42 -2.14 -19.53
N GLU B 128 -7.20 -0.87 -19.84
CA GLU B 128 -7.16 -0.43 -21.24
C GLU B 128 -5.96 -1.04 -21.94
N ALA B 129 -6.18 -1.48 -23.18
CA ALA B 129 -5.15 -2.22 -23.91
C ALA B 129 -4.01 -1.33 -24.37
N ARG B 130 -4.23 -0.02 -24.50
CA ARG B 130 -3.21 0.85 -25.08
C ARG B 130 -2.03 1.05 -24.13
N SER B 131 -2.27 1.03 -22.81
CA SER B 131 -1.18 1.18 -21.86
C SER B 131 -0.25 -0.03 -21.90
N THR B 132 -0.81 -1.24 -21.88
CA THR B 132 0.00 -2.44 -22.02
C THR B 132 0.65 -2.51 -23.40
N LYS B 133 -0.01 -1.99 -24.43
CA LYS B 133 0.60 -1.92 -25.75
C LYS B 133 1.82 -1.02 -25.75
N SER B 134 1.74 0.13 -25.05
CA SER B 134 2.89 1.03 -24.94
C SER B 134 4.03 0.37 -24.17
N VAL B 135 3.69 -0.37 -23.11
CA VAL B 135 4.73 -1.05 -22.33
C VAL B 135 5.40 -2.14 -23.16
N VAL B 136 4.61 -2.91 -23.92
CA VAL B 136 5.17 -3.97 -24.77
C VAL B 136 5.99 -3.39 -25.90
N GLU B 137 5.57 -2.25 -26.45
CA GLU B 137 6.35 -1.57 -27.48
C GLU B 137 7.67 -1.06 -26.91
N TYR B 138 7.66 -0.56 -25.67
CA TYR B 138 8.90 -0.13 -25.02
C TYR B 138 9.83 -1.32 -24.79
N MET B 139 9.27 -2.46 -24.37
CA MET B 139 10.00 -3.72 -24.29
C MET B 139 10.69 -4.06 -25.61
N LYS B 140 9.93 -4.06 -26.70
CA LYS B 140 10.47 -4.44 -27.99
C LYS B 140 11.53 -3.45 -28.48
N HIS B 141 11.29 -2.16 -28.23
CA HIS B 141 12.25 -1.12 -28.63
C HIS B 141 13.57 -1.29 -27.90
N ILE B 142 13.53 -1.56 -26.60
CA ILE B 142 14.77 -1.83 -25.87
C ILE B 142 15.43 -3.12 -26.36
N LEU B 143 14.61 -4.15 -26.64
CA LEU B 143 15.16 -5.48 -26.94
C LEU B 143 15.89 -5.50 -28.29
N GLU B 144 15.26 -4.96 -29.34
CA GLU B 144 15.93 -4.95 -30.64
C GLU B 144 16.49 -3.57 -31.00
N SER B 145 16.66 -2.69 -30.00
CA SER B 145 17.41 -1.46 -30.24
C SER B 145 18.87 -1.75 -30.52
N ASP B 146 19.44 -2.73 -29.81
CA ASP B 146 20.83 -3.13 -30.00
C ASP B 146 20.97 -4.57 -29.55
N PRO B 147 21.82 -5.36 -30.22
CA PRO B 147 22.02 -6.76 -29.79
C PRO B 147 22.61 -6.91 -28.39
N LYS B 148 23.44 -5.97 -27.96
CA LYS B 148 24.04 -5.99 -26.63
C LYS B 148 23.29 -5.02 -25.73
N LEU B 149 22.92 -5.47 -24.55
CA LEU B 149 22.12 -4.68 -23.62
C LEU B 149 23.00 -4.04 -22.57
N SER B 150 22.92 -2.71 -22.45
CA SER B 150 23.61 -1.99 -21.40
C SER B 150 22.95 -2.31 -20.05
N PRO B 151 23.71 -2.22 -18.94
CA PRO B 151 23.11 -2.44 -17.62
C PRO B 151 22.00 -1.46 -17.29
N HIS B 152 22.06 -0.22 -17.78
CA HIS B 152 20.94 0.70 -17.63
C HIS B 152 19.72 0.21 -18.40
N LYS B 153 19.93 -0.31 -19.61
CA LYS B 153 18.82 -0.90 -20.37
C LYS B 153 18.28 -2.15 -19.68
N CYS B 154 19.17 -2.95 -19.06
CA CYS B 154 18.72 -4.10 -18.29
C CYS B 154 17.89 -3.67 -17.09
N ASP B 155 18.27 -2.57 -16.43
CA ASP B 155 17.50 -2.05 -15.32
C ASP B 155 16.13 -1.55 -15.79
N GLN B 156 16.07 -0.92 -16.96
CA GLN B 156 14.78 -0.50 -17.52
C GLN B 156 13.89 -1.70 -17.82
N ILE B 157 14.49 -2.75 -18.38
CA ILE B 157 13.76 -3.97 -18.69
C ILE B 157 13.24 -4.55 -17.37
N ASN B 158 14.08 -4.49 -16.35
CA ASN B 158 13.71 -4.99 -15.02
C ASN B 158 12.53 -4.20 -14.46
N ASN B 159 12.56 -2.89 -14.66
CA ASN B 159 11.48 -2.01 -14.20
C ASN B 159 10.17 -2.37 -14.87
N CYS B 160 10.23 -2.67 -16.16
CA CYS B 160 9.03 -3.05 -16.92
C CYS B 160 8.46 -4.35 -16.36
N LEU B 161 9.33 -5.29 -16.03
CA LEU B 161 8.91 -6.56 -15.46
C LEU B 161 8.26 -6.34 -14.10
N LEU B 162 8.81 -5.39 -13.34
CA LEU B 162 8.25 -5.07 -12.04
C LEU B 162 6.89 -4.39 -12.16
N LEU B 163 6.73 -3.55 -13.18
CA LEU B 163 5.43 -2.94 -13.45
C LEU B 163 4.38 -3.99 -13.77
N LEU B 164 4.73 -4.95 -14.63
CA LEU B 164 3.78 -6.02 -14.98
C LEU B 164 3.44 -6.86 -13.75
N ARG B 165 4.44 -7.19 -12.94
CA ARG B 165 4.21 -8.00 -11.76
C ARG B 165 3.33 -7.28 -10.75
N ASN B 166 3.57 -5.97 -10.55
CA ASN B 166 2.75 -5.17 -9.64
C ASN B 166 1.32 -5.06 -10.12
N ILE B 167 1.11 -4.87 -11.43
CA ILE B 167 -0.24 -4.79 -11.98
C ILE B 167 -0.96 -6.12 -11.79
N LEU B 168 -0.25 -7.23 -12.00
CA LEU B 168 -0.87 -8.53 -11.76
C LEU B 168 -1.05 -8.82 -10.27
N HIS B 169 -0.31 -8.16 -9.39
CA HIS B 169 -0.41 -8.40 -7.95
C HIS B 169 -1.43 -7.52 -7.26
N ILE B 170 -1.89 -6.45 -7.91
CA ILE B 170 -2.96 -5.60 -7.38
C ILE B 170 -4.24 -6.35 -7.00
N PRO B 171 -4.79 -7.35 -7.79
CA PRO B 171 -6.11 -7.95 -7.43
C PRO B 171 -6.28 -8.55 -6.04
N GLU B 172 -5.23 -8.58 -5.21
CA GLU B 172 -5.40 -8.97 -3.82
C GLU B 172 -6.33 -7.99 -3.07
N THR B 173 -6.33 -6.72 -3.49
CA THR B 173 -7.36 -5.80 -3.04
C THR B 173 -8.73 -6.21 -3.57
N HIS B 174 -8.79 -6.59 -4.84
CA HIS B 174 -10.04 -6.99 -5.47
C HIS B 174 -10.57 -8.31 -4.91
N ALA B 175 -9.67 -9.18 -4.44
CA ALA B 175 -10.08 -10.53 -4.06
C ALA B 175 -10.93 -10.55 -2.79
N HIS B 176 -10.55 -9.77 -1.78
CA HIS B 176 -11.22 -9.86 -0.49
C HIS B 176 -11.75 -8.53 0.03
N CYS B 177 -11.05 -7.42 -0.23
CA CYS B 177 -11.54 -6.12 0.24
C CYS B 177 -12.78 -5.67 -0.53
N VAL B 178 -12.89 -6.05 -1.80
CA VAL B 178 -14.08 -5.70 -2.57
C VAL B 178 -15.28 -6.51 -2.09
N MET B 179 -15.07 -7.83 -1.97
CA MET B 179 -16.10 -8.81 -1.58
C MET B 179 -17.30 -8.72 -2.55
N PRO B 180 -17.12 -9.25 -3.77
CA PRO B 180 -18.14 -9.11 -4.80
C PRO B 180 -19.42 -9.87 -4.48
N MET B 181 -20.53 -9.34 -4.99
CA MET B 181 -21.79 -10.07 -5.08
C MET B 181 -22.07 -10.46 -6.52
N MET B 182 -23.26 -11.01 -6.77
CA MET B 182 -23.64 -11.44 -8.11
C MET B 182 -23.71 -10.27 -9.09
N GLN B 183 -23.87 -9.04 -8.60
CA GLN B 183 -23.81 -7.86 -9.44
C GLN B 183 -22.37 -7.43 -9.73
N SER B 184 -21.38 -8.05 -9.10
CA SER B 184 -19.98 -7.70 -9.31
C SER B 184 -19.15 -8.82 -9.90
N MET B 185 -19.70 -10.03 -10.03
CA MET B 185 -19.02 -11.11 -10.76
C MET B 185 -18.73 -10.80 -12.23
N PRO B 186 -19.68 -10.30 -13.06
CA PRO B 186 -19.35 -10.13 -14.49
C PRO B 186 -18.22 -9.14 -14.79
N HIS B 187 -17.97 -8.19 -13.91
CA HIS B 187 -16.82 -7.29 -14.09
C HIS B 187 -15.61 -7.74 -13.30
N GLY B 188 -15.82 -8.24 -12.08
CA GLY B 188 -14.71 -8.66 -11.25
C GLY B 188 -13.97 -9.87 -11.79
N ILE B 189 -14.71 -10.87 -12.29
CA ILE B 189 -14.06 -12.05 -12.84
C ILE B 189 -13.46 -11.78 -14.21
N SER B 190 -13.85 -10.68 -14.88
CA SER B 190 -13.36 -10.38 -16.21
C SER B 190 -12.30 -9.30 -16.24
N MET B 191 -12.06 -8.60 -15.12
CA MET B 191 -10.97 -7.62 -15.09
C MET B 191 -9.62 -8.28 -15.31
N GLN B 192 -9.34 -9.38 -14.59
CA GLN B 192 -8.09 -10.09 -14.77
C GLN B 192 -8.04 -10.77 -16.13
N ASN B 193 -9.18 -11.26 -16.63
CA ASN B 193 -9.21 -11.86 -17.96
C ASN B 193 -8.89 -10.83 -19.04
N THR B 194 -9.41 -9.60 -18.91
CA THR B 194 -9.08 -8.55 -19.86
C THR B 194 -7.62 -8.14 -19.76
N ILE B 195 -7.07 -8.12 -18.54
CA ILE B 195 -5.65 -7.80 -18.38
C ILE B 195 -4.77 -8.83 -19.06
N LEU B 196 -5.06 -10.12 -18.82
CA LEU B 196 -4.29 -11.19 -19.45
C LEU B 196 -4.50 -11.23 -20.96
N TRP B 197 -5.72 -10.93 -21.41
CA TRP B 197 -6.01 -10.96 -22.84
C TRP B 197 -5.27 -9.86 -23.56
N ASN B 198 -5.28 -8.64 -23.01
CA ASN B 198 -4.53 -7.54 -23.61
C ASN B 198 -3.03 -7.81 -23.54
N LEU B 199 -2.56 -8.51 -22.49
CA LEU B 199 -1.16 -8.88 -22.44
C LEU B 199 -0.78 -9.85 -23.56
N PHE B 200 -1.62 -10.85 -23.81
CA PHE B 200 -1.29 -11.86 -24.79
C PHE B 200 -1.62 -11.45 -26.22
N ILE B 201 -2.46 -10.42 -26.42
CA ILE B 201 -2.69 -9.91 -27.76
C ILE B 201 -1.44 -9.21 -28.29
N GLN B 202 -0.77 -8.45 -27.44
CA GLN B 202 0.47 -7.78 -27.80
C GLN B 202 1.68 -8.72 -27.73
N SER B 203 1.43 -10.03 -27.60
CA SER B 203 2.45 -11.08 -27.65
C SER B 203 3.49 -10.91 -26.55
N ILE B 204 3.02 -10.93 -25.30
CA ILE B 204 3.94 -10.94 -24.17
C ILE B 204 4.60 -12.31 -24.01
N ASP B 205 3.99 -13.37 -24.56
CA ASP B 205 4.55 -14.71 -24.42
C ASP B 205 5.87 -14.83 -25.18
N LYS B 206 5.92 -14.34 -26.41
CA LYS B 206 7.16 -14.34 -27.18
C LYS B 206 8.22 -13.47 -26.53
N LEU B 207 7.81 -12.34 -25.95
CA LEU B 207 8.73 -11.47 -25.24
C LEU B 207 9.37 -12.18 -24.05
N LEU B 208 8.54 -12.90 -23.27
CA LEU B 208 9.07 -13.64 -22.12
C LEU B 208 9.96 -14.80 -22.57
N LEU B 209 9.58 -15.49 -23.64
CA LEU B 209 10.38 -16.62 -24.13
C LEU B 209 11.75 -16.15 -24.61
N TYR B 210 11.79 -15.06 -25.38
CA TYR B 210 13.08 -14.48 -25.77
C TYR B 210 13.83 -13.92 -24.56
N LEU B 211 13.10 -13.48 -23.53
CA LEU B 211 13.73 -12.92 -22.35
C LEU B 211 14.49 -13.98 -21.56
N MET B 212 13.88 -15.16 -21.35
CA MET B 212 14.62 -16.25 -20.74
C MET B 212 15.64 -16.87 -21.69
N THR B 213 15.40 -16.77 -23.00
CA THR B 213 16.39 -17.27 -23.95
C THR B 213 17.60 -16.33 -24.04
N CYS B 214 17.43 -15.07 -23.64
CA CYS B 214 18.51 -14.11 -23.69
C CYS B 214 19.61 -14.47 -22.69
N PRO B 215 20.88 -14.32 -23.07
CA PRO B 215 21.98 -14.64 -22.13
C PRO B 215 22.04 -13.75 -20.91
N GLN B 216 21.40 -12.59 -20.91
CA GLN B 216 21.42 -11.67 -19.78
C GLN B 216 20.28 -11.91 -18.80
N ARG B 217 19.80 -13.15 -18.71
CA ARG B 217 18.67 -13.52 -17.87
C ARG B 217 18.97 -13.42 -16.37
N ALA B 218 20.24 -13.33 -15.98
CA ALA B 218 20.58 -13.20 -14.57
C ALA B 218 20.21 -11.84 -14.00
N PHE B 219 20.04 -10.83 -14.86
CA PHE B 219 19.66 -9.51 -14.39
C PHE B 219 18.19 -9.43 -13.99
N TRP B 220 17.35 -10.35 -14.48
CA TRP B 220 15.92 -10.24 -14.24
C TRP B 220 15.26 -11.59 -14.00
N GLY B 221 16.01 -12.64 -13.62
CA GLY B 221 15.40 -13.93 -13.34
C GLY B 221 14.42 -13.90 -12.17
N VAL B 222 14.73 -13.11 -11.14
CA VAL B 222 13.88 -13.08 -9.95
C VAL B 222 12.53 -12.44 -10.25
N THR B 223 12.52 -11.29 -10.94
CA THR B 223 11.24 -10.72 -11.33
C THR B 223 10.57 -11.52 -12.43
N MET B 224 11.34 -12.27 -13.23
CA MET B 224 10.78 -13.15 -14.24
C MET B 224 9.96 -14.26 -13.59
N VAL B 225 10.54 -14.94 -12.59
CA VAL B 225 9.83 -16.02 -11.91
C VAL B 225 8.70 -15.46 -11.04
N GLN B 226 8.86 -14.24 -10.50
CA GLN B 226 7.76 -13.63 -9.76
C GLN B 226 6.57 -13.33 -10.66
N LEU B 227 6.82 -12.85 -11.88
CA LEU B 227 5.72 -12.58 -12.80
C LEU B 227 5.11 -13.88 -13.31
N ILE B 228 5.93 -14.92 -13.48
CA ILE B 228 5.39 -16.24 -13.82
C ILE B 228 4.46 -16.74 -12.72
N ALA B 229 4.86 -16.56 -11.45
CA ALA B 229 4.02 -16.96 -10.34
C ALA B 229 2.74 -16.13 -10.29
N LEU B 230 2.81 -14.86 -10.69
CA LEU B 230 1.65 -14.00 -10.64
C LEU B 230 0.74 -14.12 -11.87
N ILE B 231 1.21 -14.76 -12.94
CA ILE B 231 0.35 -14.95 -14.12
C ILE B 231 -0.79 -15.90 -13.79
N TYR B 232 -0.49 -17.03 -13.16
CA TYR B 232 -1.52 -17.95 -12.71
C TYR B 232 -1.93 -17.46 -11.33
N LYS B 233 -3.22 -17.16 -11.16
CA LYS B 233 -3.74 -16.90 -9.82
C LYS B 233 -4.92 -17.80 -9.47
N ASP B 234 -5.97 -17.83 -10.30
CA ASP B 234 -7.18 -18.58 -9.99
C ASP B 234 -7.42 -19.70 -10.98
N GLN B 235 -6.36 -20.16 -11.65
CA GLN B 235 -6.45 -21.21 -12.67
C GLN B 235 -5.83 -22.47 -12.09
N HIS B 236 -6.68 -23.38 -11.64
CA HIS B 236 -6.24 -24.56 -10.93
C HIS B 236 -5.62 -25.57 -11.89
N VAL B 237 -4.97 -26.59 -11.30
CA VAL B 237 -4.28 -27.60 -12.09
C VAL B 237 -5.25 -28.64 -12.68
N SER B 238 -6.50 -28.66 -12.22
CA SER B 238 -7.48 -29.63 -12.72
C SER B 238 -7.83 -29.35 -14.19
N THR B 239 -8.19 -28.11 -14.50
CA THR B 239 -8.54 -27.77 -15.87
C THR B 239 -7.31 -27.80 -16.77
N LEU B 240 -6.14 -27.44 -16.24
CA LEU B 240 -4.90 -27.56 -17.00
C LEU B 240 -4.61 -29.02 -17.33
N GLN B 241 -4.79 -29.91 -16.36
CA GLN B 241 -4.54 -31.34 -16.58
C GLN B 241 -5.53 -31.91 -17.60
N LYS B 242 -6.80 -31.51 -17.50
CA LYS B 242 -7.80 -31.94 -18.48
C LYS B 242 -7.46 -31.44 -19.88
N LEU B 243 -6.97 -30.20 -19.99
CA LEU B 243 -6.56 -29.68 -21.29
C LEU B 243 -5.32 -30.39 -21.84
N LEU B 244 -4.36 -30.73 -20.98
CA LEU B 244 -3.19 -31.48 -21.43
C LEU B 244 -3.58 -32.90 -21.85
N SER B 245 -4.61 -33.46 -21.22
CA SER B 245 -5.15 -34.74 -21.66
C SER B 245 -5.84 -34.60 -23.02
N LEU B 246 -6.54 -33.48 -23.21
CA LEU B 246 -7.24 -33.25 -24.48
C LEU B 246 -6.27 -32.85 -25.59
N TRP B 247 -5.02 -32.53 -25.24
CA TRP B 247 -3.98 -32.17 -26.19
C TRP B 247 -3.69 -33.30 -27.17
N PHE B 248 -3.60 -34.53 -26.67
CA PHE B 248 -3.40 -35.69 -27.53
C PHE B 248 -4.73 -36.36 -27.86
N SER B 283 18.85 7.37 -0.75
CA SER B 283 18.05 6.31 -1.35
C SER B 283 17.53 5.36 -0.28
N ASP B 284 16.97 5.91 0.79
CA ASP B 284 16.42 5.11 1.88
C ASP B 284 15.27 4.24 1.40
N SER B 285 14.42 4.80 0.55
CA SER B 285 13.27 4.07 0.04
C SER B 285 13.35 3.87 -1.48
N SER B 286 12.66 2.84 -1.96
CA SER B 286 12.64 2.52 -3.42
C SER B 286 11.43 1.61 -3.66
N ASP B 287 11.46 0.81 -4.72
CA ASP B 287 10.36 -0.10 -5.04
C ASP B 287 10.85 -1.52 -5.30
N ASN B 288 12.00 -1.63 -5.96
CA ASN B 288 12.58 -2.93 -6.29
C ASN B 288 12.95 -3.78 -5.08
N GLY B 289 13.52 -3.15 -4.06
CA GLY B 289 13.92 -3.85 -2.85
C GLY B 289 12.92 -3.64 -1.73
N SER B 290 12.25 -2.49 -1.78
CA SER B 290 11.23 -2.13 -0.76
C SER B 290 9.98 -2.97 -1.03
N ASN B 291 10.11 -4.01 -1.87
CA ASN B 291 9.03 -4.96 -2.21
C ASN B 291 9.52 -6.36 -2.45
N GLY B 292 10.82 -6.49 -2.67
CA GLY B 292 11.41 -7.78 -3.07
C GLY B 292 11.85 -8.59 -1.87
N ARG B 293 11.50 -8.14 -0.66
CA ARG B 293 11.84 -8.90 0.58
C ARG B 293 11.01 -10.18 0.59
N GLY B 294 11.29 -11.11 -0.33
CA GLY B 294 10.47 -12.33 -0.44
C GLY B 294 9.07 -11.96 -0.88
N MET B 295 8.11 -11.91 0.06
CA MET B 295 6.74 -11.47 -0.28
C MET B 295 6.22 -12.31 -1.45
N GLY B 296 6.54 -13.60 -1.48
CA GLY B 296 6.08 -14.48 -2.57
C GLY B 296 4.57 -14.54 -2.63
N GLY B 297 4.00 -14.46 -3.84
CA GLY B 297 2.54 -14.48 -3.98
C GLY B 297 1.93 -15.67 -3.25
N GLY B 298 1.00 -15.41 -2.34
CA GLY B 298 0.34 -16.49 -1.57
C GLY B 298 -0.76 -17.15 -2.38
N MET B 299 -1.75 -17.74 -1.70
CA MET B 299 -2.89 -18.41 -2.39
C MET B 299 -2.41 -19.74 -2.99
N ARG B 300 -1.15 -20.13 -2.74
CA ARG B 300 -0.60 -21.37 -3.32
C ARG B 300 -0.56 -21.25 -4.84
N GLU B 301 -1.33 -20.30 -5.39
CA GLU B 301 -1.41 -20.14 -6.86
C GLU B 301 -1.31 -21.54 -7.48
N GLY B 302 -2.08 -22.48 -6.92
CA GLY B 302 -2.06 -23.88 -7.40
C GLY B 302 -3.28 -24.63 -6.89
N THR B 303 -3.26 -25.97 -6.97
CA THR B 303 -4.46 -26.74 -6.59
C THR B 303 -5.05 -26.13 -5.32
N SER B 545 3.03 -43.90 -34.09
CA SER B 545 4.01 -43.96 -33.00
C SER B 545 3.88 -42.72 -32.11
N PRO B 546 4.18 -42.89 -30.81
CA PRO B 546 4.06 -41.74 -29.88
C PRO B 546 4.94 -40.55 -30.24
N MET B 547 6.17 -40.78 -30.71
CA MET B 547 7.02 -39.66 -31.10
C MET B 547 6.51 -38.95 -32.34
N ASP B 548 5.87 -39.70 -33.24
CA ASP B 548 5.17 -39.07 -34.37
C ASP B 548 4.02 -38.21 -33.86
N LYS B 549 3.36 -38.63 -32.79
CA LYS B 549 2.31 -37.82 -32.19
C LYS B 549 2.89 -36.55 -31.56
N LYS B 550 4.07 -36.65 -30.94
CA LYS B 550 4.73 -35.45 -30.41
C LYS B 550 5.11 -34.49 -31.53
N GLU B 551 5.60 -35.02 -32.65
CA GLU B 551 5.94 -34.19 -33.81
C GLU B 551 4.70 -33.50 -34.38
N LEU B 552 3.62 -34.26 -34.57
CA LEU B 552 2.39 -33.71 -35.11
C LEU B 552 1.77 -32.70 -34.15
N ARG B 553 1.91 -32.93 -32.84
CA ARG B 553 1.38 -31.97 -31.88
C ARG B 553 2.28 -30.74 -31.75
N ARG B 554 3.55 -30.83 -32.09
CA ARG B 554 4.38 -29.63 -32.16
C ARG B 554 3.95 -28.76 -33.35
N LYS B 555 3.71 -29.41 -34.50
CA LYS B 555 3.16 -28.67 -35.63
C LYS B 555 1.78 -28.12 -35.34
N LYS B 556 0.95 -28.89 -34.60
CA LYS B 556 -0.34 -28.38 -34.17
C LYS B 556 -0.20 -27.23 -33.18
N LEU B 557 0.85 -27.28 -32.34
CA LEU B 557 1.12 -26.20 -31.40
C LEU B 557 1.36 -24.89 -32.16
N VAL B 558 2.27 -24.91 -33.12
CA VAL B 558 2.57 -23.66 -33.83
C VAL B 558 1.40 -23.23 -34.72
N LYS B 559 0.74 -24.18 -35.40
CA LYS B 559 -0.34 -23.82 -36.31
C LYS B 559 -1.58 -23.31 -35.56
N ARG B 560 -2.02 -24.04 -34.54
CA ARG B 560 -3.16 -23.60 -33.74
C ARG B 560 -2.82 -22.36 -32.94
N SER B 561 -1.55 -22.17 -32.56
CA SER B 561 -1.16 -20.96 -31.85
C SER B 561 -1.28 -19.74 -32.75
N LYS B 562 -0.83 -19.85 -34.01
CA LYS B 562 -0.92 -18.71 -34.92
C LYS B 562 -2.38 -18.45 -35.34
N SER B 563 -3.13 -19.52 -35.61
CA SER B 563 -4.55 -19.35 -35.96
C SER B 563 -5.34 -18.78 -34.79
N SER B 564 -5.05 -19.24 -33.57
CA SER B 564 -5.67 -18.68 -32.39
C SER B 564 -5.29 -17.23 -32.21
N LEU B 565 -4.02 -16.88 -32.44
CA LEU B 565 -3.56 -15.51 -32.24
C LEU B 565 -4.23 -14.55 -33.22
N ILE B 566 -4.38 -14.96 -34.48
CA ILE B 566 -5.07 -14.09 -35.43
C ILE B 566 -6.56 -14.02 -35.10
N ASN B 567 -7.11 -15.11 -34.55
CA ASN B 567 -8.51 -15.06 -34.11
C ASN B 567 -8.72 -14.09 -32.95
N MET B 568 -7.84 -14.14 -31.94
CA MET B 568 -8.03 -13.29 -30.77
C MET B 568 -7.60 -11.84 -31.02
N LYS B 569 -6.78 -11.58 -32.04
CA LYS B 569 -6.61 -10.18 -32.43
C LYS B 569 -7.80 -9.73 -33.28
N GLY B 570 -8.51 -10.70 -33.88
CA GLY B 570 -9.84 -10.40 -34.39
C GLY B 570 -10.88 -10.21 -33.30
N LEU B 571 -10.68 -10.80 -32.13
CA LEU B 571 -11.57 -10.68 -30.99
C LEU B 571 -10.92 -10.01 -29.78
N VAL B 572 -10.17 -8.91 -30.00
CA VAL B 572 -9.51 -8.22 -28.89
C VAL B 572 -10.56 -7.64 -27.93
N GLN B 573 -11.73 -7.26 -28.46
CA GLN B 573 -12.90 -7.00 -27.63
C GLN B 573 -13.86 -8.18 -27.87
N HIS B 574 -14.17 -8.90 -26.79
CA HIS B 574 -15.02 -10.08 -26.82
C HIS B 574 -15.52 -10.40 -25.42
N THR B 575 -16.05 -11.61 -25.22
CA THR B 575 -16.33 -12.12 -23.88
C THR B 575 -15.12 -12.88 -23.35
N PRO B 576 -14.32 -12.28 -22.45
CA PRO B 576 -13.17 -13.01 -21.90
C PRO B 576 -13.57 -13.93 -20.75
N THR B 577 -13.51 -15.23 -20.98
CA THR B 577 -13.97 -16.22 -20.02
C THR B 577 -12.78 -17.03 -19.49
N ASP B 578 -13.07 -17.93 -18.55
CA ASP B 578 -12.02 -18.67 -17.88
C ASP B 578 -11.48 -19.81 -18.74
N ASP B 579 -12.33 -20.43 -19.57
CA ASP B 579 -11.84 -21.49 -20.45
C ASP B 579 -10.96 -20.94 -21.56
N ASP B 580 -11.26 -19.72 -22.05
CA ASP B 580 -10.38 -19.06 -23.00
C ASP B 580 -9.02 -18.77 -22.36
N ILE B 581 -9.03 -18.32 -21.10
CA ILE B 581 -7.79 -18.09 -20.36
C ILE B 581 -7.02 -19.39 -20.18
N SER B 582 -7.72 -20.48 -19.90
CA SER B 582 -7.07 -21.78 -19.74
C SER B 582 -6.44 -22.26 -21.05
N ASN B 583 -7.14 -22.05 -22.16
CA ASN B 583 -6.57 -22.41 -23.47
C ASN B 583 -5.35 -21.55 -23.80
N LEU B 584 -5.42 -20.25 -23.48
CA LEU B 584 -4.30 -19.35 -23.70
C LEU B 584 -3.09 -19.76 -22.88
N LEU B 585 -3.32 -20.11 -21.61
CA LEU B 585 -2.23 -20.54 -20.75
C LEU B 585 -1.69 -21.90 -21.16
N LYS B 586 -2.54 -22.76 -21.74
CA LYS B 586 -2.06 -24.01 -22.32
C LYS B 586 -1.12 -23.75 -23.48
N GLU B 587 -1.53 -22.89 -24.42
CA GLU B 587 -0.67 -22.58 -25.57
C GLU B 587 0.60 -21.86 -25.14
N PHE B 588 0.56 -21.15 -24.01
CA PHE B 588 1.79 -20.57 -23.48
C PHE B 588 2.68 -21.63 -22.85
N THR B 589 2.11 -22.47 -21.98
CA THR B 589 2.93 -23.38 -21.17
C THR B 589 3.49 -24.55 -21.97
N VAL B 590 2.86 -24.92 -23.09
CA VAL B 590 3.38 -26.03 -23.89
C VAL B 590 4.75 -25.68 -24.47
N ASP B 591 4.89 -24.48 -25.03
CA ASP B 591 6.20 -24.06 -25.49
C ASP B 591 7.08 -23.52 -24.36
N PHE B 592 6.48 -23.10 -23.24
CA PHE B 592 7.28 -22.71 -22.08
C PHE B 592 8.08 -23.88 -21.55
N LEU B 593 7.43 -25.04 -21.39
CA LEU B 593 8.15 -26.26 -21.01
C LEU B 593 9.17 -26.67 -22.05
N LEU B 594 8.94 -26.33 -23.32
CA LEU B 594 9.88 -26.69 -24.37
C LEU B 594 11.17 -25.87 -24.28
N LYS B 595 11.06 -24.56 -24.10
CA LYS B 595 12.25 -23.73 -24.24
C LYS B 595 12.65 -22.95 -22.98
N GLY B 596 11.71 -22.42 -22.19
CA GLY B 596 12.09 -21.50 -21.15
C GLY B 596 12.40 -22.11 -19.80
N TYR B 597 11.95 -23.36 -19.59
CA TYR B 597 12.06 -24.06 -18.32
C TYR B 597 13.49 -24.14 -17.79
N SER B 598 14.35 -24.85 -18.53
CA SER B 598 15.71 -25.08 -18.07
C SER B 598 16.48 -23.77 -17.96
N TYR B 599 16.31 -22.89 -18.95
CA TYR B 599 17.05 -21.63 -18.98
C TYR B 599 16.64 -20.71 -17.84
N LEU B 600 15.41 -20.82 -17.34
CA LEU B 600 15.02 -20.02 -16.18
C LEU B 600 15.47 -20.67 -14.88
N VAL B 601 15.21 -21.97 -14.72
CA VAL B 601 15.42 -22.61 -13.42
C VAL B 601 16.90 -22.80 -13.13
N GLU B 602 17.74 -23.05 -14.14
CA GLU B 602 19.17 -23.19 -13.86
C GLU B 602 19.79 -21.84 -13.47
N GLU B 603 19.29 -20.74 -14.04
CA GLU B 603 19.76 -19.42 -13.63
C GLU B 603 19.28 -19.09 -12.22
N LEU B 604 18.04 -19.48 -11.89
CA LEU B 604 17.53 -19.28 -10.54
C LEU B 604 18.32 -20.11 -9.52
N HIS B 605 18.69 -21.33 -9.89
CA HIS B 605 19.50 -22.19 -9.04
C HIS B 605 20.89 -21.61 -8.82
N MET B 606 21.51 -21.09 -9.88
CA MET B 606 22.83 -20.47 -9.75
C MET B 606 22.76 -19.21 -8.89
N GLN B 607 21.70 -18.42 -9.04
CA GLN B 607 21.53 -17.23 -8.21
C GLN B 607 21.27 -17.60 -6.76
N LEU B 608 20.54 -18.69 -6.50
CA LEU B 608 20.34 -19.14 -5.13
C LEU B 608 21.62 -19.72 -4.54
N LEU B 609 22.52 -20.22 -5.38
CA LEU B 609 23.81 -20.71 -4.91
C LEU B 609 24.84 -19.61 -4.71
N SER B 610 24.50 -18.36 -5.01
CA SER B 610 25.43 -17.26 -4.82
C SER B 610 25.64 -16.98 -3.34
N ASN B 611 26.85 -16.55 -2.99
CA ASN B 611 27.23 -16.32 -1.61
C ASN B 611 26.67 -15.02 -1.03
N ALA B 612 26.20 -14.10 -1.88
CA ALA B 612 25.69 -12.84 -1.41
C ALA B 612 24.32 -13.02 -0.75
N LYS B 613 23.88 -11.99 -0.03
CA LYS B 613 22.58 -12.00 0.62
C LYS B 613 21.49 -11.85 -0.44
N VAL B 614 20.96 -12.98 -0.90
CA VAL B 614 20.03 -12.97 -2.04
C VAL B 614 18.66 -12.47 -1.58
N PRO B 615 17.96 -11.68 -2.38
CA PRO B 615 16.56 -11.34 -2.09
C PRO B 615 15.55 -12.23 -2.79
N ILE B 616 15.99 -13.31 -3.44
CA ILE B 616 15.10 -14.17 -4.20
C ILE B 616 14.26 -15.01 -3.23
N ASP B 617 12.95 -15.00 -3.44
CA ASP B 617 12.05 -15.81 -2.63
C ASP B 617 12.18 -17.27 -3.04
N THR B 618 12.53 -18.12 -2.08
CA THR B 618 12.76 -19.53 -2.37
C THR B 618 11.47 -20.28 -2.69
N SER B 619 10.36 -19.85 -2.09
CA SER B 619 9.09 -20.53 -2.32
C SER B 619 8.62 -20.40 -3.77
N HIS B 620 9.04 -19.34 -4.47
CA HIS B 620 8.74 -19.22 -5.89
C HIS B 620 9.44 -20.32 -6.70
N PHE B 621 10.71 -20.59 -6.38
CA PHE B 621 11.45 -21.67 -7.05
C PHE B 621 10.85 -23.03 -6.72
N PHE B 622 10.46 -23.24 -5.46
CA PHE B 622 9.82 -24.48 -5.07
C PHE B 622 8.48 -24.65 -5.79
N TRP B 623 7.70 -23.58 -5.88
CA TRP B 623 6.45 -23.62 -6.62
C TRP B 623 6.71 -23.94 -8.09
N LEU B 624 7.76 -23.36 -8.66
CA LEU B 624 8.09 -23.60 -10.07
C LEU B 624 8.31 -25.08 -10.32
N VAL B 625 9.16 -25.72 -9.51
CA VAL B 625 9.44 -27.14 -9.76
C VAL B 625 8.20 -28.00 -9.52
N THR B 626 7.44 -27.75 -8.44
CA THR B 626 6.23 -28.54 -8.20
C THR B 626 5.20 -28.38 -9.32
N TYR B 627 4.95 -27.13 -9.74
CA TYR B 627 3.83 -26.88 -10.64
C TYR B 627 4.16 -27.28 -12.06
N PHE B 628 5.44 -27.19 -12.47
CA PHE B 628 5.74 -27.43 -13.87
C PHE B 628 6.43 -28.76 -14.14
N LEU B 629 6.94 -29.46 -13.12
CA LEU B 629 7.53 -30.77 -13.39
C LEU B 629 6.46 -31.81 -13.73
N LYS B 630 5.27 -31.68 -13.15
CA LYS B 630 4.18 -32.58 -13.53
C LYS B 630 3.71 -32.31 -14.95
N PHE B 631 3.75 -31.05 -15.39
CA PHE B 631 3.41 -30.74 -16.78
C PHE B 631 4.45 -31.29 -17.73
N ALA B 632 5.73 -31.20 -17.36
CA ALA B 632 6.79 -31.77 -18.18
C ALA B 632 6.71 -33.29 -18.24
N ALA B 633 6.40 -33.94 -17.12
CA ALA B 633 6.38 -35.39 -17.07
C ALA B 633 5.14 -36.00 -17.70
N GLN B 634 3.98 -35.32 -17.60
CA GLN B 634 2.73 -35.92 -18.08
C GLN B 634 2.70 -35.97 -19.60
N LEU B 635 3.32 -35.02 -20.27
CA LEU B 635 3.31 -34.95 -21.73
C LEU B 635 4.43 -35.76 -22.36
N GLU B 636 5.12 -36.59 -21.57
CA GLU B 636 6.33 -37.34 -21.94
C GLU B 636 7.28 -36.51 -22.82
N LEU B 637 7.59 -35.31 -22.33
CA LEU B 637 8.45 -34.38 -23.03
C LEU B 637 9.84 -34.97 -23.18
N ASP B 638 10.42 -34.84 -24.38
CA ASP B 638 11.72 -35.41 -24.67
C ASP B 638 12.80 -34.75 -23.82
N MET B 639 13.82 -35.54 -23.48
CA MET B 639 14.72 -35.23 -22.37
C MET B 639 15.67 -34.08 -22.66
N GLU B 640 15.97 -33.76 -23.92
CA GLU B 640 17.06 -32.83 -24.21
C GLU B 640 16.75 -31.37 -23.92
N HIS B 641 15.59 -31.06 -23.34
CA HIS B 641 15.41 -29.78 -22.66
C HIS B 641 15.48 -29.90 -21.15
N ILE B 642 15.41 -31.11 -20.60
CA ILE B 642 15.10 -31.32 -19.19
C ILE B 642 16.19 -32.10 -18.46
N ASP B 643 17.33 -32.38 -19.12
CA ASP B 643 18.41 -33.11 -18.46
C ASP B 643 18.98 -32.34 -17.27
N THR B 644 19.16 -31.03 -17.42
CA THR B 644 19.74 -30.23 -16.34
C THR B 644 18.76 -29.97 -15.20
N ILE B 645 17.50 -30.36 -15.34
CA ILE B 645 16.50 -30.15 -14.31
C ILE B 645 16.26 -31.42 -13.51
N LEU B 646 16.02 -32.55 -14.18
CA LEU B 646 15.91 -33.84 -13.52
C LEU B 646 17.32 -34.32 -13.20
N THR B 647 17.88 -33.75 -12.13
CA THR B 647 19.27 -33.99 -11.75
C THR B 647 19.37 -34.13 -10.24
N TYR B 648 20.51 -34.68 -9.80
CA TYR B 648 20.75 -34.88 -8.38
C TYR B 648 20.92 -33.56 -7.62
N ASP B 649 21.47 -32.55 -8.30
CA ASP B 649 21.84 -31.29 -7.63
C ASP B 649 20.62 -30.56 -7.08
N VAL B 650 19.53 -30.51 -7.86
CA VAL B 650 18.35 -29.79 -7.41
C VAL B 650 17.65 -30.53 -6.26
N LEU B 651 17.69 -31.86 -6.27
CA LEU B 651 17.13 -32.61 -5.14
C LEU B 651 17.97 -32.45 -3.89
N SER B 652 19.30 -32.40 -4.06
CA SER B 652 20.20 -32.16 -2.93
C SER B 652 19.97 -30.78 -2.32
N TYR B 653 19.84 -29.77 -3.18
CA TYR B 653 19.51 -28.42 -2.69
C TYR B 653 18.14 -28.38 -2.05
N LEU B 654 17.20 -29.17 -2.58
CA LEU B 654 15.86 -29.24 -2.02
C LEU B 654 15.87 -29.80 -0.60
N THR B 655 16.64 -30.86 -0.38
CA THR B 655 16.70 -31.42 0.97
C THR B 655 17.51 -30.55 1.91
N TYR B 656 18.51 -29.81 1.38
CA TYR B 656 19.22 -28.85 2.23
C TYR B 656 18.28 -27.74 2.68
N GLU B 657 17.49 -27.21 1.75
CA GLU B 657 16.58 -26.13 2.11
C GLU B 657 15.45 -26.63 2.99
N GLY B 658 15.03 -27.89 2.82
CA GLY B 658 14.06 -28.45 3.74
C GLY B 658 14.60 -28.58 5.15
N VAL B 659 15.83 -29.07 5.29
CA VAL B 659 16.45 -29.19 6.61
C VAL B 659 16.62 -27.81 7.25
N SER B 660 17.13 -26.84 6.47
CA SER B 660 17.37 -25.50 7.01
C SER B 660 16.08 -24.76 7.29
N LEU B 661 15.03 -25.04 6.53
CA LEU B 661 13.77 -24.34 6.74
C LEU B 661 13.01 -24.91 7.93
N CYS B 662 13.08 -26.23 8.14
CA CYS B 662 12.57 -26.81 9.38
C CYS B 662 13.39 -26.34 10.58
N GLU B 663 14.70 -26.13 10.37
CA GLU B 663 15.55 -25.55 11.39
C GLU B 663 15.09 -24.15 11.78
N GLN B 664 14.83 -23.30 10.79
CA GLN B 664 14.36 -21.95 11.07
C GLN B 664 12.97 -21.97 11.68
N LEU B 665 12.11 -22.90 11.24
CA LEU B 665 10.77 -23.02 11.80
C LEU B 665 10.80 -23.42 13.27
N GLU B 666 11.61 -24.41 13.63
CA GLU B 666 11.67 -24.83 15.03
C GLU B 666 12.53 -23.90 15.87
N LEU B 667 13.35 -23.06 15.24
CA LEU B 667 13.99 -21.96 15.95
C LEU B 667 13.02 -20.85 16.30
N ASN B 668 12.17 -20.45 15.35
CA ASN B 668 11.24 -19.36 15.57
C ASN B 668 9.89 -19.80 16.13
N ALA B 669 9.70 -21.09 16.37
CA ALA B 669 8.50 -21.56 17.03
C ALA B 669 8.48 -21.25 18.53
N ARG B 670 9.64 -21.22 19.18
CA ARG B 670 9.68 -20.92 20.61
C ARG B 670 9.35 -19.46 20.89
N GLN B 671 9.87 -18.54 20.09
CA GLN B 671 9.67 -17.12 20.29
C GLN B 671 8.57 -16.62 19.36
N GLU B 672 7.55 -15.99 19.94
CA GLU B 672 6.42 -15.48 19.17
C GLU B 672 6.78 -14.15 18.53
N GLY B 673 5.93 -13.72 17.59
CA GLY B 673 6.12 -12.48 16.87
C GLY B 673 6.69 -12.61 15.47
N SER B 674 6.82 -13.82 14.96
CA SER B 674 7.33 -14.06 13.61
C SER B 674 6.22 -14.55 12.70
N ASP B 675 6.53 -14.62 11.41
CA ASP B 675 5.56 -15.08 10.43
C ASP B 675 5.34 -16.58 10.55
N LEU B 676 4.09 -16.99 10.35
CA LEU B 676 3.71 -18.40 10.45
C LEU B 676 3.25 -18.98 9.13
N LYS B 677 2.25 -18.35 8.49
CA LYS B 677 1.72 -18.84 7.22
C LYS B 677 2.76 -18.93 6.09
N PRO B 678 3.70 -17.98 5.92
CA PRO B 678 4.79 -18.25 4.96
C PRO B 678 5.59 -19.50 5.28
N TYR B 679 5.81 -19.80 6.56
CA TYR B 679 6.55 -21.01 6.91
C TYR B 679 5.74 -22.27 6.61
N LEU B 680 4.42 -22.24 6.88
CA LEU B 680 3.58 -23.38 6.53
C LEU B 680 3.52 -23.60 5.03
N ARG B 681 3.39 -22.52 4.24
CA ARG B 681 3.35 -22.70 2.81
C ARG B 681 4.71 -23.12 2.25
N ARG B 682 5.81 -22.69 2.88
CA ARG B 682 7.12 -23.12 2.42
C ARG B 682 7.36 -24.60 2.73
N MET B 683 6.89 -25.07 3.89
CA MET B 683 6.88 -26.51 4.17
C MET B 683 6.03 -27.27 3.15
N HIS B 684 4.82 -26.77 2.87
CA HIS B 684 3.93 -27.47 1.94
C HIS B 684 4.48 -27.48 0.52
N LEU B 685 5.32 -26.50 0.17
CA LEU B 685 5.95 -26.50 -1.14
C LEU B 685 7.22 -27.36 -1.19
N VAL B 686 8.02 -27.40 -0.13
CA VAL B 686 9.22 -28.24 -0.17
C VAL B 686 8.84 -29.72 -0.08
N VAL B 687 7.73 -30.05 0.58
CA VAL B 687 7.33 -31.45 0.67
C VAL B 687 6.77 -31.92 -0.67
N THR B 688 5.99 -31.07 -1.36
CA THR B 688 5.50 -31.42 -2.70
C THR B 688 6.64 -31.48 -3.71
N ALA B 689 7.70 -30.72 -3.50
CA ALA B 689 8.81 -30.72 -4.46
C ALA B 689 9.55 -32.05 -4.46
N ILE B 690 9.64 -32.69 -3.30
CA ILE B 690 10.19 -34.04 -3.24
C ILE B 690 9.26 -35.01 -3.93
N ARG B 691 7.95 -34.81 -3.78
CA ARG B 691 6.94 -35.66 -4.40
C ARG B 691 7.01 -35.61 -5.93
N GLU B 692 7.13 -34.39 -6.49
CA GLU B 692 7.03 -34.25 -7.94
C GLU B 692 8.24 -34.84 -8.65
N PHE B 693 9.43 -34.69 -8.05
CA PHE B 693 10.65 -35.23 -8.66
C PHE B 693 10.59 -36.75 -8.75
N LEU B 694 10.30 -37.42 -7.63
CA LEU B 694 10.29 -38.87 -7.65
C LEU B 694 9.07 -39.41 -8.39
N GLN B 695 7.97 -38.67 -8.40
CA GLN B 695 6.82 -39.06 -9.23
C GLN B 695 7.16 -39.00 -10.71
N ALA B 696 7.89 -37.96 -11.13
CA ALA B 696 8.34 -37.87 -12.51
C ALA B 696 9.36 -38.96 -12.83
N ILE B 697 10.20 -39.31 -11.84
CA ILE B 697 11.16 -40.40 -12.03
C ILE B 697 10.43 -41.72 -12.26
N ASP B 698 9.40 -41.99 -11.46
CA ASP B 698 8.61 -43.22 -11.63
C ASP B 698 7.86 -43.21 -12.96
N THR B 699 7.31 -42.06 -13.35
CA THR B 699 6.59 -41.98 -14.61
C THR B 699 7.52 -42.18 -15.81
N TYR B 700 8.74 -41.65 -15.73
CA TYR B 700 9.71 -41.85 -16.79
C TYR B 700 10.27 -43.27 -16.78
N ASN B 701 10.27 -43.92 -15.62
CA ASN B 701 10.56 -45.35 -15.56
C ASN B 701 9.48 -46.15 -16.29
N LYS B 702 8.22 -45.72 -16.14
CA LYS B 702 7.11 -46.39 -16.83
C LYS B 702 7.23 -46.23 -18.35
N VAL B 703 7.65 -45.05 -18.81
CA VAL B 703 7.78 -44.80 -20.24
C VAL B 703 9.03 -45.50 -20.77
N THR B 704 8.86 -46.29 -21.83
CA THR B 704 9.97 -47.04 -22.42
C THR B 704 10.30 -46.56 -23.83
N HIS B 705 9.79 -45.40 -24.24
CA HIS B 705 10.10 -44.85 -25.55
C HIS B 705 11.52 -44.30 -25.60
N LEU B 706 12.02 -43.80 -24.47
CA LEU B 706 13.36 -43.28 -24.37
C LEU B 706 14.40 -44.39 -24.52
N ASN B 707 15.57 -44.01 -25.06
CA ASN B 707 16.59 -44.97 -25.47
C ASN B 707 17.38 -45.48 -24.26
N GLU B 708 18.39 -46.31 -24.54
CA GLU B 708 19.15 -46.94 -23.47
C GLU B 708 20.16 -46.00 -22.82
N ASP B 709 20.53 -44.90 -23.47
CA ASP B 709 21.44 -43.95 -22.85
C ASP B 709 20.75 -43.19 -21.72
N ASP B 710 19.55 -42.67 -21.98
CA ASP B 710 18.79 -42.04 -20.91
C ASP B 710 18.26 -43.07 -19.92
N LYS B 711 18.11 -44.33 -20.35
CA LYS B 711 17.83 -45.41 -19.41
C LYS B 711 18.98 -45.58 -18.42
N ALA B 712 20.21 -45.57 -18.91
CA ALA B 712 21.36 -45.68 -18.04
C ALA B 712 21.52 -44.45 -17.15
N HIS B 713 21.19 -43.27 -17.69
CA HIS B 713 21.20 -42.06 -16.88
C HIS B 713 20.17 -42.12 -15.74
N LEU B 714 18.97 -42.60 -16.05
CA LEU B 714 17.94 -42.75 -15.02
C LEU B 714 18.33 -43.81 -13.99
N ARG B 715 18.92 -44.92 -14.46
CA ARG B 715 19.38 -45.97 -13.55
C ARG B 715 20.47 -45.46 -12.63
N GLN B 716 21.42 -44.68 -13.16
CA GLN B 716 22.49 -44.19 -12.28
C GLN B 716 21.98 -43.12 -11.33
N LEU B 717 21.07 -42.23 -11.77
CA LEU B 717 20.50 -41.25 -10.87
C LEU B 717 19.70 -41.93 -9.76
N GLN B 718 18.99 -43.00 -10.11
CA GLN B 718 18.31 -43.82 -9.12
C GLN B 718 19.28 -44.51 -8.18
N LEU B 719 20.47 -44.89 -8.68
CA LEU B 719 21.51 -45.41 -7.79
C LEU B 719 21.92 -44.36 -6.76
N GLN B 720 22.13 -43.12 -7.21
CA GLN B 720 22.58 -42.09 -6.28
C GLN B 720 21.49 -41.77 -5.26
N ILE B 721 20.21 -41.85 -5.68
CA ILE B 721 19.09 -41.73 -4.76
C ILE B 721 19.06 -42.92 -3.79
N SER B 722 19.46 -44.11 -4.26
CA SER B 722 19.46 -45.29 -3.40
C SER B 722 20.48 -45.17 -2.28
N GLU B 723 21.74 -44.87 -2.61
CA GLU B 723 22.81 -44.79 -1.62
C GLU B 723 22.79 -43.48 -0.83
N MET B 724 21.79 -42.66 -1.12
CA MET B 724 21.56 -41.41 -0.42
C MET B 724 20.93 -41.74 0.94
N SER B 725 21.07 -40.82 1.90
CA SER B 725 20.59 -40.97 3.26
C SER B 725 19.89 -39.72 3.81
N ASP B 726 19.85 -38.61 3.07
CA ASP B 726 19.38 -37.34 3.63
C ASP B 726 17.90 -37.06 3.39
N LEU B 727 17.40 -37.22 2.15
CA LEU B 727 15.95 -37.09 1.96
C LEU B 727 15.17 -38.28 2.49
N ARG B 728 15.84 -39.40 2.77
CA ARG B 728 15.16 -40.62 3.19
C ARG B 728 14.56 -40.49 4.59
N CYS B 729 15.29 -39.91 5.54
CA CYS B 729 14.73 -39.64 6.86
C CYS B 729 14.38 -38.17 7.06
N LEU B 730 14.38 -37.37 5.98
CA LEU B 730 13.69 -36.08 6.01
C LEU B 730 12.20 -36.29 6.27
N PHE B 731 11.67 -37.44 5.85
CA PHE B 731 10.28 -37.74 6.17
C PHE B 731 10.13 -38.09 7.63
N VAL B 732 11.17 -38.65 8.26
CA VAL B 732 11.14 -38.84 9.71
C VAL B 732 11.17 -37.49 10.42
N LEU B 733 11.86 -36.54 9.80
CA LEU B 733 11.96 -35.19 10.31
C LEU B 733 10.60 -34.48 10.30
N LEU B 734 9.87 -34.53 9.17
CA LEU B 734 8.57 -33.86 9.14
C LEU B 734 7.40 -34.76 9.53
N LEU B 735 7.65 -36.02 9.90
CA LEU B 735 6.62 -36.82 10.57
C LEU B 735 6.77 -36.84 12.08
N ARG B 736 7.95 -36.49 12.60
CA ARG B 736 8.17 -36.48 14.04
C ARG B 736 8.03 -35.09 14.63
N ARG B 737 8.57 -34.07 13.98
CA ARG B 737 8.36 -32.69 14.39
C ARG B 737 7.10 -32.08 13.80
N PHE B 738 6.20 -32.91 13.29
CA PHE B 738 4.90 -32.46 12.84
C PHE B 738 3.99 -32.16 14.02
N ASN B 739 3.17 -31.12 13.88
CA ASN B 739 2.12 -30.81 14.86
C ASN B 739 0.79 -30.75 14.12
N PRO B 740 -0.21 -31.55 14.51
CA PRO B 740 -1.51 -31.49 13.82
C PRO B 740 -2.25 -30.18 14.02
N SER B 741 -1.91 -29.41 15.05
CA SER B 741 -2.57 -28.13 15.29
C SER B 741 -1.90 -26.98 14.54
N ILE B 742 -0.81 -27.23 13.82
CA ILE B 742 -0.09 -26.18 13.10
C ILE B 742 -0.17 -26.33 11.58
N HIS B 743 -0.60 -27.49 11.08
CA HIS B 743 -0.75 -27.71 9.64
C HIS B 743 -2.17 -28.18 9.35
N SER B 744 -2.40 -28.58 8.11
CA SER B 744 -3.71 -28.98 7.63
C SER B 744 -3.76 -30.48 7.35
N LYS B 745 -4.95 -30.96 7.01
CA LYS B 745 -5.13 -32.37 6.69
C LYS B 745 -4.50 -32.73 5.35
N GLN B 746 -4.49 -31.80 4.39
CA GLN B 746 -3.85 -32.05 3.10
C GLN B 746 -2.34 -32.16 3.22
N TYR B 747 -1.74 -31.51 4.23
CA TYR B 747 -0.31 -31.66 4.45
C TYR B 747 0.04 -33.09 4.86
N LEU B 748 -0.79 -33.71 5.71
CA LEU B 748 -0.55 -35.10 6.10
C LEU B 748 -0.69 -36.04 4.91
N GLN B 749 -1.72 -35.83 4.09
CA GLN B 749 -1.92 -36.62 2.87
C GLN B 749 -0.75 -36.46 1.91
N ASP B 750 -0.28 -35.23 1.74
CA ASP B 750 0.86 -34.96 0.87
C ASP B 750 2.13 -35.63 1.39
N LEU B 751 2.32 -35.58 2.70
CA LEU B 751 3.50 -36.18 3.33
C LEU B 751 3.49 -37.69 3.21
N VAL B 752 2.34 -38.33 3.42
CA VAL B 752 2.30 -39.79 3.36
C VAL B 752 2.36 -40.27 1.91
N VAL B 753 1.90 -39.44 0.96
CA VAL B 753 2.13 -39.73 -0.44
C VAL B 753 3.63 -39.73 -0.75
N THR B 754 4.35 -38.73 -0.23
CA THR B 754 5.81 -38.72 -0.39
C THR B 754 6.46 -39.91 0.31
N ASN B 755 5.92 -40.32 1.47
CA ASN B 755 6.45 -41.50 2.17
C ASN B 755 6.34 -42.74 1.30
N HIS B 756 5.15 -43.00 0.76
CA HIS B 756 4.93 -44.16 -0.09
C HIS B 756 5.77 -44.10 -1.35
N ILE B 757 5.88 -42.91 -1.95
CA ILE B 757 6.63 -42.76 -3.19
C ILE B 757 8.11 -43.02 -2.95
N LEU B 758 8.68 -42.48 -1.87
CA LEU B 758 10.09 -42.72 -1.61
C LEU B 758 10.36 -44.15 -1.15
N LEU B 759 9.38 -44.76 -0.50
CA LEU B 759 9.50 -46.15 -0.07
C LEU B 759 9.52 -47.05 -1.31
N LEU B 760 8.70 -46.71 -2.30
CA LEU B 760 8.67 -47.45 -3.56
C LEU B 760 9.95 -47.23 -4.36
N ILE B 761 10.50 -46.01 -4.30
CA ILE B 761 11.82 -45.75 -4.89
C ILE B 761 12.89 -46.57 -4.18
N LEU B 762 12.72 -46.78 -2.87
CA LEU B 762 13.66 -47.63 -2.13
C LEU B 762 13.43 -49.11 -2.42
N ASP B 763 12.22 -49.47 -2.85
CA ASP B 763 11.89 -50.87 -3.09
C ASP B 763 12.26 -51.31 -4.50
N SER B 764 12.33 -50.37 -5.45
CA SER B 764 12.73 -50.69 -6.81
C SER B 764 14.15 -50.22 -7.12
N SER B 765 14.54 -49.09 -6.55
CA SER B 765 15.81 -48.44 -6.88
C SER B 765 16.96 -48.92 -6.01
N ALA B 766 16.67 -49.51 -4.85
CA ALA B 766 17.71 -49.84 -3.89
C ALA B 766 17.87 -51.35 -3.68
N LYS B 767 16.77 -52.09 -3.68
CA LYS B 767 16.87 -53.56 -3.59
C LYS B 767 17.53 -54.13 -4.84
N LEU B 768 17.14 -53.63 -6.01
CA LEU B 768 17.83 -54.00 -7.25
C LEU B 768 19.08 -53.16 -7.47
N GLY B 769 18.98 -51.84 -7.38
CA GLY B 769 20.12 -50.97 -7.58
C GLY B 769 20.86 -50.57 -6.33
N GLY B 770 21.46 -51.54 -5.65
CA GLY B 770 22.22 -51.24 -4.45
C GLY B 770 22.15 -52.31 -3.38
N CYS B 771 21.22 -53.26 -3.56
CA CYS B 771 21.06 -54.43 -2.70
C CYS B 771 20.81 -54.04 -1.25
N GLN B 772 19.76 -53.22 -1.06
CA GLN B 772 19.31 -52.63 0.23
C GLN B 772 20.48 -52.24 1.13
N THR B 773 21.31 -51.31 0.64
CA THR B 773 22.51 -50.92 1.36
C THR B 773 22.19 -50.10 2.62
N ILE B 774 20.95 -49.66 2.75
CA ILE B 774 20.54 -48.87 3.91
C ILE B 774 20.10 -49.83 5.01
N ARG B 775 20.01 -51.11 4.68
CA ARG B 775 19.68 -52.19 5.62
C ARG B 775 18.32 -51.96 6.27
N LEU B 776 17.28 -52.07 5.44
CA LEU B 776 15.88 -51.72 5.72
C LEU B 776 15.37 -52.10 7.10
N SER B 777 15.60 -53.35 7.53
CA SER B 777 15.10 -53.81 8.81
C SER B 777 15.70 -53.01 9.96
N GLU B 778 16.94 -52.55 9.80
CA GLU B 778 17.51 -51.60 10.74
C GLU B 778 16.98 -50.18 10.48
N HIS B 779 16.73 -49.86 9.20
CA HIS B 779 16.46 -48.47 8.84
C HIS B 779 14.97 -48.14 8.77
N ILE B 780 14.11 -49.13 8.56
CA ILE B 780 12.68 -48.87 8.73
C ILE B 780 12.30 -49.08 10.20
N THR B 781 13.28 -49.45 11.04
CA THR B 781 13.14 -49.24 12.48
C THR B 781 13.34 -47.77 12.83
N GLN B 782 13.91 -46.98 11.94
CA GLN B 782 13.81 -45.53 12.06
C GLN B 782 12.44 -45.01 11.65
N PHE B 783 11.69 -45.79 10.87
CA PHE B 783 10.25 -45.67 10.80
C PHE B 783 9.66 -46.56 11.88
N ALA B 784 8.33 -46.79 11.84
CA ALA B 784 7.61 -47.66 12.76
C ALA B 784 7.77 -47.24 14.22
N THR B 785 8.08 -45.97 14.44
CA THR B 785 8.33 -45.43 15.76
C THR B 785 7.07 -45.14 16.55
N LEU B 786 5.90 -45.45 15.97
CA LEU B 786 4.55 -45.24 16.49
C LEU B 786 4.18 -43.76 16.58
N GLU B 787 5.12 -42.86 16.29
CA GLU B 787 4.76 -41.48 16.00
C GLU B 787 4.37 -41.32 14.54
N VAL B 788 4.70 -42.32 13.71
CA VAL B 788 4.12 -42.38 12.38
C VAL B 788 2.75 -43.05 12.44
N MET B 789 2.51 -43.89 13.46
CA MET B 789 1.29 -44.69 13.51
C MET B 789 0.07 -43.82 13.77
N HIS B 790 0.21 -42.77 14.58
CA HIS B 790 -0.92 -41.94 14.94
C HIS B 790 -1.42 -41.12 13.75
N TYR B 791 -0.51 -40.44 13.05
CA TYR B 791 -0.93 -39.60 11.92
C TYR B 791 -1.27 -40.43 10.69
N TYR B 792 -0.73 -41.65 10.59
CA TYR B 792 -1.26 -42.60 9.62
C TYR B 792 -2.69 -42.98 9.96
N GLY B 793 -3.01 -43.01 11.26
CA GLY B 793 -4.36 -43.38 11.67
C GLY B 793 -5.38 -42.28 11.42
N ILE B 794 -4.91 -41.03 11.37
CA ILE B 794 -5.80 -39.92 11.01
C ILE B 794 -6.21 -40.02 9.55
N LEU B 795 -5.42 -40.71 8.74
CA LEU B 795 -5.78 -40.93 7.34
C LEU B 795 -7.01 -41.81 7.22
N LEU B 796 -7.15 -42.81 8.09
CA LEU B 796 -8.38 -43.62 8.08
C LEU B 796 -9.58 -42.85 8.61
N GLU B 797 -9.33 -41.79 9.39
CA GLU B 797 -10.43 -40.92 9.81
C GLU B 797 -11.00 -40.15 8.63
N ASP B 798 -10.16 -39.87 7.63
CA ASP B 798 -10.58 -39.29 6.36
C ASP B 798 -10.35 -40.26 5.21
N PHE B 799 -10.70 -41.54 5.40
CA PHE B 799 -10.35 -42.59 4.45
C PHE B 799 -11.04 -42.42 3.10
N ASN B 800 -12.21 -41.78 3.09
CA ASN B 800 -12.88 -41.53 1.82
C ASN B 800 -12.24 -40.37 1.07
N ASN B 801 -11.53 -39.48 1.78
CA ASN B 801 -10.86 -38.38 1.13
C ASN B 801 -9.66 -38.85 0.32
N ASN B 802 -8.98 -39.90 0.81
CA ASN B 802 -7.83 -40.45 0.08
C ASN B 802 -8.26 -41.25 -1.14
N GLY B 803 -9.47 -41.81 -1.15
CA GLY B 803 -9.90 -42.66 -2.25
C GLY B 803 -9.12 -43.95 -2.32
N GLU B 804 -8.85 -44.44 -3.53
CA GLU B 804 -8.08 -45.66 -3.71
C GLU B 804 -6.64 -45.33 -4.09
N PHE B 805 -6.19 -44.13 -3.74
CA PHE B 805 -4.84 -43.70 -4.07
C PHE B 805 -3.95 -43.72 -2.82
N VAL B 806 -4.37 -43.01 -1.77
CA VAL B 806 -3.49 -42.86 -0.61
C VAL B 806 -3.85 -43.87 0.47
N ASN B 807 -5.06 -44.43 0.42
CA ASN B 807 -5.38 -45.59 1.26
C ASN B 807 -4.50 -46.75 0.84
N ASP B 808 -4.30 -46.91 -0.48
CA ASP B 808 -3.44 -47.91 -1.07
C ASP B 808 -2.00 -47.72 -0.59
N CYS B 809 -1.64 -46.49 -0.28
CA CYS B 809 -0.29 -46.18 0.19
C CYS B 809 -0.03 -46.75 1.58
N ILE B 810 -1.02 -46.68 2.48
CA ILE B 810 -0.70 -46.72 3.90
C ILE B 810 -0.65 -48.16 4.43
N PHE B 811 -1.55 -49.05 3.99
CA PHE B 811 -1.44 -50.43 4.46
C PHE B 811 -0.19 -51.12 3.91
N THR B 812 0.32 -50.67 2.76
CA THR B 812 1.59 -51.20 2.26
C THR B 812 2.73 -50.82 3.20
N MET B 813 2.71 -49.60 3.74
CA MET B 813 3.66 -49.21 4.77
C MET B 813 3.36 -49.98 6.06
N MET B 814 2.08 -50.18 6.38
CA MET B 814 1.71 -50.98 7.54
C MET B 814 2.15 -52.43 7.38
N HIS B 815 2.10 -52.96 6.14
CA HIS B 815 2.45 -54.36 5.90
C HIS B 815 3.94 -54.61 6.12
N HIS B 816 4.80 -53.67 5.74
CA HIS B 816 6.22 -53.80 6.00
C HIS B 816 6.50 -53.79 7.50
N ILE B 817 5.67 -53.08 8.27
CA ILE B 817 5.89 -53.01 9.71
C ILE B 817 5.31 -54.22 10.41
N GLY B 818 4.06 -54.56 10.10
CA GLY B 818 3.40 -55.68 10.75
C GLY B 818 3.87 -57.04 10.27
N GLY B 819 3.85 -57.25 8.96
CA GLY B 819 4.15 -58.56 8.40
C GLY B 819 5.60 -58.81 8.11
N ASP B 820 6.36 -57.77 7.77
CA ASP B 820 7.75 -57.92 7.36
C ASP B 820 8.75 -57.56 8.43
N LEU B 821 8.31 -56.90 9.51
CA LEU B 821 9.15 -56.62 10.67
C LEU B 821 8.59 -57.34 11.89
N GLY B 822 9.48 -57.70 12.81
CA GLY B 822 9.08 -58.47 13.98
C GLY B 822 8.46 -57.65 15.09
N GLN B 823 7.43 -56.88 14.77
CA GLN B 823 6.70 -56.06 15.74
C GLN B 823 5.21 -56.20 15.42
N ILE B 824 4.49 -56.91 16.27
CA ILE B 824 3.07 -57.20 16.07
C ILE B 824 2.25 -56.74 17.27
N GLY B 825 2.69 -57.09 18.48
CA GLY B 825 1.95 -56.70 19.68
C GLY B 825 2.00 -55.21 19.97
N VAL B 826 2.89 -54.47 19.30
CA VAL B 826 3.03 -53.06 19.59
C VAL B 826 2.13 -52.18 18.73
N LEU B 827 1.76 -52.67 17.55
CA LEU B 827 0.92 -51.90 16.61
C LEU B 827 -0.58 -51.86 16.92
N PHE B 828 -0.92 -51.93 18.22
CA PHE B 828 -2.31 -51.85 18.65
C PHE B 828 -2.42 -50.67 19.60
N GLN B 829 -2.61 -49.47 19.06
CA GLN B 829 -2.71 -48.27 19.88
C GLN B 829 -4.17 -47.98 20.16
N PRO B 830 -4.52 -47.63 21.41
CA PRO B 830 -5.94 -47.48 21.77
C PRO B 830 -6.68 -46.41 20.97
N ILE B 831 -5.98 -45.39 20.48
CA ILE B 831 -6.63 -44.37 19.67
C ILE B 831 -7.00 -44.93 18.29
N ILE B 832 -6.13 -45.76 17.70
CA ILE B 832 -6.41 -46.31 16.37
C ILE B 832 -6.94 -47.73 16.40
N LEU B 833 -7.01 -48.37 17.57
CA LEU B 833 -7.63 -49.69 17.66
C LEU B 833 -9.11 -49.61 17.34
N LYS B 834 -9.77 -48.52 17.70
CA LYS B 834 -11.15 -48.30 17.28
C LYS B 834 -11.25 -47.98 15.79
N THR B 835 -10.28 -47.24 15.22
CA THR B 835 -10.30 -47.03 13.77
C THR B 835 -9.88 -48.30 13.03
N TYR B 836 -9.07 -49.15 13.67
CA TYR B 836 -8.82 -50.48 13.12
C TYR B 836 -10.11 -51.28 13.00
N SER B 837 -11.06 -51.04 13.91
CA SER B 837 -12.39 -51.65 13.78
C SER B 837 -13.23 -50.95 12.72
N ARG B 838 -12.90 -49.71 12.37
CA ARG B 838 -13.66 -49.00 11.33
C ARG B 838 -13.44 -49.61 9.96
N ILE B 839 -12.22 -50.06 9.65
CA ILE B 839 -12.04 -50.85 8.44
C ILE B 839 -12.69 -52.22 8.61
N TRP B 840 -12.66 -52.76 9.83
CA TRP B 840 -13.31 -54.04 10.11
C TRP B 840 -14.82 -54.00 10.03
N GLU B 841 -15.44 -52.81 10.08
CA GLU B 841 -16.86 -52.69 9.76
C GLU B 841 -17.13 -52.16 8.36
N ALA B 842 -16.15 -51.49 7.74
CA ALA B 842 -16.30 -51.08 6.35
C ALA B 842 -16.01 -52.24 5.41
N ASP B 843 -14.81 -52.84 5.55
CA ASP B 843 -14.37 -54.02 4.79
C ASP B 843 -14.39 -53.74 3.29
N TYR B 844 -13.52 -52.82 2.88
CA TYR B 844 -13.49 -52.34 1.50
C TYR B 844 -12.77 -53.29 0.55
N GLU B 845 -13.20 -54.55 0.50
CA GLU B 845 -12.76 -55.62 -0.41
C GLU B 845 -11.25 -55.67 -0.65
N LEU B 846 -10.46 -55.50 0.41
CA LEU B 846 -9.02 -55.32 0.29
C LEU B 846 -8.33 -56.60 -0.19
N CYS B 847 -7.25 -56.41 -0.95
CA CYS B 847 -6.56 -57.50 -1.63
C CYS B 847 -5.71 -58.31 -0.64
N ASP B 848 -5.05 -59.34 -1.18
CA ASP B 848 -4.38 -60.32 -0.34
C ASP B 848 -3.02 -59.85 0.16
N ASP B 849 -2.46 -58.80 -0.42
CA ASP B 849 -1.20 -58.25 0.07
C ASP B 849 -1.35 -57.64 1.45
N TRP B 850 -2.57 -57.26 1.81
CA TRP B 850 -2.85 -56.60 3.07
C TRP B 850 -4.14 -57.09 3.73
N SER B 851 -4.75 -58.16 3.22
CA SER B 851 -5.71 -58.95 3.99
C SER B 851 -5.02 -59.88 4.98
N ASP B 852 -3.70 -60.06 4.84
CA ASP B 852 -2.89 -60.62 5.92
C ASP B 852 -2.60 -59.58 6.99
N LEU B 853 -3.19 -58.39 6.84
CA LEU B 853 -2.99 -57.31 7.80
C LEU B 853 -4.29 -56.89 8.48
N ILE B 854 -5.34 -56.68 7.69
CA ILE B 854 -6.64 -56.27 8.24
C ILE B 854 -7.35 -57.48 8.84
N GLU B 855 -7.19 -58.67 8.23
CA GLU B 855 -7.95 -59.82 8.70
C GLU B 855 -7.09 -60.75 9.55
N TYR B 856 -5.81 -60.91 9.21
CA TYR B 856 -4.97 -61.83 9.96
C TYR B 856 -4.50 -61.25 11.29
N VAL B 857 -4.29 -59.94 11.37
CA VAL B 857 -3.78 -59.34 12.60
C VAL B 857 -4.91 -58.79 13.49
N ILE B 858 -6.13 -58.67 12.97
CA ILE B 858 -7.25 -58.32 13.85
C ILE B 858 -7.53 -59.49 14.81
N HIS B 859 -7.28 -60.72 14.34
CA HIS B 859 -7.43 -61.88 15.21
C HIS B 859 -6.38 -61.90 16.31
N LYS B 860 -5.29 -61.17 16.12
CA LYS B 860 -4.29 -60.99 17.16
C LYS B 860 -4.69 -59.92 18.17
N PHE B 861 -5.81 -59.23 17.94
CA PHE B 861 -6.40 -58.38 18.97
C PHE B 861 -7.91 -58.57 19.16
N MET B 862 -8.62 -59.22 18.23
CA MET B 862 -9.95 -59.71 18.56
C MET B 862 -9.85 -60.77 19.65
N ASN B 863 -8.87 -61.67 19.53
CA ASN B 863 -8.41 -62.49 20.65
C ASN B 863 -7.12 -61.89 21.19
N THR B 864 -7.29 -60.78 21.92
CA THR B 864 -6.15 -59.98 22.34
C THR B 864 -5.36 -60.69 23.44
N PRO B 865 -4.05 -60.49 23.48
CA PRO B 865 -3.26 -60.79 24.69
C PRO B 865 -3.11 -59.56 25.57
N PRO B 866 -4.15 -59.16 26.31
CA PRO B 866 -4.10 -57.85 26.96
C PRO B 866 -3.25 -57.85 28.24
N GLY B 986 43.94 -33.86 26.16
CA GLY B 986 45.03 -34.14 25.24
C GLY B 986 44.59 -34.81 23.96
N LYS B 987 45.55 -35.32 23.20
CA LYS B 987 45.28 -36.02 21.94
C LYS B 987 44.59 -37.37 22.14
N PRO B 988 45.24 -38.34 22.81
CA PRO B 988 44.65 -39.70 22.93
C PRO B 988 43.49 -39.90 23.90
N SER B 989 43.15 -41.18 24.15
CA SER B 989 42.10 -41.53 25.10
C SER B 989 42.30 -40.79 26.42
N ASP B 990 41.21 -40.20 26.90
CA ASP B 990 41.20 -39.16 27.93
C ASP B 990 39.91 -39.27 28.73
N ASP B 991 39.46 -38.16 29.29
CA ASP B 991 38.09 -38.04 29.77
C ASP B 991 37.07 -38.48 28.71
N VAL B 992 37.40 -38.25 27.42
CA VAL B 992 36.59 -38.72 26.30
C VAL B 992 36.43 -40.23 26.35
N GLN B 993 37.47 -40.96 26.77
CA GLN B 993 37.35 -42.41 26.94
C GLN B 993 36.32 -42.75 28.02
N ILE B 994 36.24 -41.93 29.07
CA ILE B 994 35.19 -42.10 30.06
C ILE B 994 33.82 -41.69 29.51
N LEU B 995 33.78 -40.96 28.40
CA LEU B 995 32.50 -40.71 27.75
C LEU B 995 32.14 -41.79 26.73
N LEU B 996 33.12 -42.37 26.05
CA LEU B 996 32.80 -43.35 25.02
C LEU B 996 32.39 -44.70 25.63
N ASP B 997 32.89 -45.01 26.83
CA ASP B 997 32.48 -46.25 27.46
C ASP B 997 31.14 -46.13 28.18
N LEU B 998 30.76 -44.89 28.46
CA LEU B 998 29.49 -44.59 29.08
C LEU B 998 28.44 -44.93 28.04
N ILE B 999 28.71 -44.54 26.79
CA ILE B 999 27.84 -44.88 25.67
C ILE B 999 27.58 -46.39 25.66
N ILE B 1000 28.63 -47.18 25.94
CA ILE B 1000 28.45 -48.62 26.08
C ILE B 1000 27.65 -48.95 27.32
N LYS B 1001 27.66 -48.06 28.33
CA LYS B 1001 26.81 -48.25 29.50
C LYS B 1001 25.33 -48.02 29.19
N GLU B 1002 25.01 -47.45 28.03
CA GLU B 1002 23.65 -47.42 27.53
C GLU B 1002 23.25 -48.72 26.84
N ASN B 1003 24.04 -49.79 27.01
CA ASN B 1003 23.80 -51.15 26.53
C ASN B 1003 23.75 -51.27 25.01
N LYS B 1004 24.16 -50.22 24.29
CA LYS B 1004 24.18 -50.26 22.84
C LYS B 1004 25.14 -49.20 22.33
N ALA B 1005 25.62 -49.39 21.11
CA ALA B 1005 26.52 -48.42 20.48
C ALA B 1005 26.04 -48.00 19.10
N GLN B 1006 24.77 -48.26 18.77
CA GLN B 1006 24.24 -47.87 17.47
C GLN B 1006 24.04 -46.36 17.36
N HIS B 1007 23.93 -45.65 18.49
CA HIS B 1007 23.83 -44.20 18.49
C HIS B 1007 25.09 -43.52 17.98
N LEU B 1008 26.27 -44.15 18.16
CA LEU B 1008 27.50 -43.56 17.66
C LEU B 1008 27.56 -43.61 16.13
N LEU B 1009 27.55 -44.83 15.57
CA LEU B 1009 27.65 -45.04 14.13
C LEU B 1009 26.50 -44.37 13.37
N TRP B 1010 25.40 -44.10 14.06
CA TRP B 1010 24.32 -43.29 13.51
C TRP B 1010 24.79 -41.87 13.17
N LEU B 1011 25.56 -41.24 14.07
CA LEU B 1011 26.13 -39.92 13.81
C LEU B 1011 27.61 -39.91 13.47
N GLN B 1012 28.41 -40.82 14.03
CA GLN B 1012 29.87 -40.78 13.94
C GLN B 1012 30.36 -40.71 12.50
N ARG B 1013 29.64 -41.38 11.60
CA ARG B 1013 29.91 -41.33 10.17
C ARG B 1013 29.89 -39.89 9.64
N ILE B 1014 29.01 -39.05 10.17
CA ILE B 1014 28.96 -37.66 9.75
C ILE B 1014 30.18 -36.89 10.24
N LEU B 1015 30.62 -37.15 11.47
CA LEU B 1015 31.85 -36.50 11.94
C LEU B 1015 33.11 -37.19 11.44
N ILE B 1016 33.00 -38.38 10.84
CA ILE B 1016 34.04 -38.80 9.90
C ILE B 1016 33.98 -37.95 8.64
N GLU B 1017 32.77 -37.63 8.18
CA GLU B 1017 32.53 -36.98 6.91
C GLU B 1017 32.75 -35.46 6.95
N CYS B 1018 32.95 -34.88 8.14
CA CYS B 1018 33.17 -33.43 8.25
C CYS B 1018 34.47 -33.01 7.59
N CYS B 1019 35.47 -33.88 7.55
CA CYS B 1019 36.73 -33.51 6.92
C CYS B 1019 36.64 -33.57 5.40
N PHE B 1020 35.78 -34.45 4.87
CA PHE B 1020 35.85 -34.85 3.47
C PHE B 1020 35.44 -33.74 2.51
N VAL B 1021 34.33 -33.06 2.80
CA VAL B 1021 33.74 -32.17 1.79
C VAL B 1021 34.62 -30.95 1.57
N LYS B 1022 35.17 -30.39 2.66
CA LYS B 1022 36.16 -29.33 2.54
C LYS B 1022 37.55 -29.86 2.22
N LEU B 1023 37.77 -31.17 2.29
CA LEU B 1023 38.95 -31.76 1.63
C LEU B 1023 38.79 -31.75 0.11
N THR B 1024 37.60 -32.12 -0.38
CA THR B 1024 37.35 -32.07 -1.81
C THR B 1024 37.35 -30.64 -2.32
N LEU B 1025 36.82 -29.71 -1.52
CA LEU B 1025 36.93 -28.29 -1.83
C LEU B 1025 38.39 -27.85 -1.80
N ARG B 1026 39.19 -28.44 -0.91
CA ARG B 1026 40.64 -28.21 -0.98
C ARG B 1026 41.26 -28.98 -2.14
N SER B 1027 40.75 -30.16 -2.46
CA SER B 1027 41.29 -30.94 -3.58
C SER B 1027 40.98 -30.27 -4.92
N GLY B 1028 39.74 -29.85 -5.10
CA GLY B 1028 39.36 -29.17 -6.33
C GLY B 1028 39.24 -30.05 -7.54
N LEU B 1029 39.23 -31.37 -7.36
CA LEU B 1029 39.13 -32.32 -8.47
C LEU B 1029 37.82 -33.06 -8.39
N LYS B 1030 37.61 -34.00 -9.31
CA LYS B 1030 36.40 -34.80 -9.38
C LYS B 1030 36.72 -36.28 -9.33
N VAL B 1031 35.92 -37.01 -8.56
CA VAL B 1031 36.03 -38.45 -8.34
C VAL B 1031 34.68 -38.96 -8.84
N PRO B 1032 34.44 -40.28 -8.82
CA PRO B 1032 33.14 -40.74 -9.30
C PRO B 1032 32.03 -40.23 -8.38
N GLU B 1033 31.39 -39.11 -8.73
CA GLU B 1033 30.35 -38.57 -7.88
C GLU B 1033 29.04 -39.33 -8.01
N GLY B 1034 28.09 -39.03 -7.12
CA GLY B 1034 26.86 -39.78 -7.07
C GLY B 1034 27.00 -41.00 -6.19
N ASP B 1035 27.95 -41.89 -6.53
CA ASP B 1035 28.35 -42.94 -5.61
C ASP B 1035 29.00 -42.32 -4.37
N HIS B 1036 29.64 -41.17 -4.57
CA HIS B 1036 30.40 -40.45 -3.55
C HIS B 1036 29.52 -39.28 -3.12
N ILE B 1037 28.48 -39.58 -2.33
CA ILE B 1037 27.26 -38.75 -2.27
C ILE B 1037 27.52 -37.35 -1.70
N MET B 1038 28.63 -37.21 -0.99
CA MET B 1038 29.08 -35.95 -0.39
C MET B 1038 28.14 -35.27 0.61
N GLU B 1039 27.07 -35.97 1.02
CA GLU B 1039 26.10 -35.56 2.03
C GLU B 1039 25.35 -34.28 1.67
N PRO B 1040 24.31 -34.37 0.81
CA PRO B 1040 23.51 -33.20 0.40
C PRO B 1040 23.09 -32.21 1.49
N VAL B 1041 23.01 -32.66 2.74
CA VAL B 1041 22.74 -31.75 3.85
C VAL B 1041 23.98 -30.94 4.22
N ALA B 1042 25.15 -31.31 3.71
CA ALA B 1042 26.40 -30.69 4.14
C ALA B 1042 26.97 -29.73 3.10
N TYR B 1043 26.83 -30.06 1.81
CA TYR B 1043 27.48 -29.29 0.76
C TYR B 1043 26.92 -27.87 0.64
N HIS B 1044 25.60 -27.73 0.70
CA HIS B 1044 25.02 -26.43 0.41
C HIS B 1044 25.01 -25.49 1.62
N CYS B 1045 25.70 -25.85 2.70
CA CYS B 1045 26.01 -24.92 3.78
C CYS B 1045 27.50 -24.72 3.99
N ILE B 1046 28.34 -25.63 3.49
CA ILE B 1046 29.77 -25.51 3.70
C ILE B 1046 30.39 -24.54 2.71
N CYS B 1047 29.78 -24.40 1.52
CA CYS B 1047 30.18 -23.34 0.61
C CYS B 1047 29.65 -22.00 1.09
N LYS B 1048 28.54 -22.00 1.81
CA LYS B 1048 28.05 -20.83 2.51
C LYS B 1048 28.67 -20.67 3.89
N GLN B 1049 29.57 -21.60 4.27
CA GLN B 1049 30.37 -21.62 5.51
C GLN B 1049 29.54 -21.27 6.75
N LYS B 1050 28.56 -22.12 7.03
CA LYS B 1050 27.80 -22.04 8.27
C LYS B 1050 27.86 -23.37 9.01
N SER B 1051 27.06 -23.53 10.05
CA SER B 1051 27.01 -24.78 10.78
C SER B 1051 26.44 -25.90 9.90
N ILE B 1052 26.92 -27.10 10.12
CA ILE B 1052 26.47 -28.29 9.39
C ILE B 1052 25.71 -29.18 10.37
N PRO B 1053 24.44 -28.89 10.64
CA PRO B 1053 23.78 -29.52 11.80
C PRO B 1053 23.45 -30.98 11.55
N VAL B 1054 23.54 -31.78 12.61
CA VAL B 1054 22.99 -33.13 12.63
C VAL B 1054 21.59 -33.05 13.23
N VAL B 1055 20.58 -33.17 12.39
CA VAL B 1055 19.20 -33.02 12.81
C VAL B 1055 18.75 -34.30 13.52
N GLN B 1056 17.55 -34.26 14.11
CA GLN B 1056 17.18 -35.29 15.08
C GLN B 1056 16.84 -36.64 14.47
N TRP B 1057 16.28 -36.67 13.24
CA TRP B 1057 15.80 -37.89 12.55
C TRP B 1057 14.90 -38.69 13.50
N ASN B 1058 15.33 -39.84 14.02
CA ASN B 1058 14.47 -40.84 14.65
C ASN B 1058 14.62 -40.90 16.17
N ASN B 1059 13.52 -41.26 16.85
CA ASN B 1059 13.29 -40.92 18.27
C ASN B 1059 14.30 -41.57 19.22
N GLU B 1060 14.66 -42.84 18.99
CA GLU B 1060 15.61 -43.51 19.90
C GLU B 1060 16.98 -42.88 19.81
N GLN B 1061 17.24 -42.15 18.73
CA GLN B 1061 18.44 -41.37 18.52
C GLN B 1061 18.16 -39.87 18.60
N SER B 1062 16.88 -39.47 18.65
CA SER B 1062 16.52 -38.06 18.69
C SER B 1062 16.50 -37.53 20.11
N THR B 1063 15.82 -38.23 21.02
CA THR B 1063 15.84 -37.90 22.43
C THR B 1063 17.21 -38.11 23.06
N THR B 1064 18.11 -38.79 22.34
CA THR B 1064 19.52 -38.81 22.72
C THR B 1064 20.15 -37.42 22.64
N MET B 1065 19.56 -36.51 21.86
CA MET B 1065 19.96 -35.10 21.95
C MET B 1065 19.18 -34.37 23.04
N LEU B 1066 19.02 -35.04 24.17
CA LEU B 1066 18.78 -34.41 25.46
C LEU B 1066 19.49 -35.20 26.55
N TYR B 1067 20.11 -36.33 26.20
CA TYR B 1067 20.78 -37.22 27.13
C TYR B 1067 22.25 -36.82 27.19
N GLN B 1068 22.74 -36.59 28.41
CA GLN B 1068 24.11 -36.11 28.62
C GLN B 1068 25.20 -37.01 28.04
N PRO B 1069 25.10 -38.39 28.06
CA PRO B 1069 26.11 -39.21 27.38
C PRO B 1069 26.42 -38.86 25.93
N PHE B 1070 25.42 -38.51 25.13
CA PHE B 1070 25.72 -38.03 23.78
C PHE B 1070 26.28 -36.62 23.82
N VAL B 1071 25.73 -35.76 24.69
CA VAL B 1071 26.12 -34.35 24.75
C VAL B 1071 27.52 -34.19 25.32
N LEU B 1072 28.00 -35.15 26.13
CA LEU B 1072 29.30 -35.05 26.79
C LEU B 1072 30.45 -34.91 25.80
N LEU B 1073 30.43 -35.71 24.74
CA LEU B 1073 31.44 -35.56 23.71
C LEU B 1073 31.11 -34.40 22.77
N LEU B 1074 29.87 -33.93 22.79
CA LEU B 1074 29.46 -32.76 22.01
C LEU B 1074 29.64 -31.45 22.77
N HIS B 1075 30.22 -31.49 23.97
CA HIS B 1075 30.62 -30.27 24.66
C HIS B 1075 31.99 -30.36 25.31
N LYS B 1076 32.71 -31.47 25.16
CA LYS B 1076 34.02 -31.61 25.80
C LYS B 1076 35.07 -30.77 25.08
N LEU B 1077 35.30 -31.08 23.80
CA LEU B 1077 36.24 -30.30 23.00
C LEU B 1077 35.69 -28.93 22.62
N GLY B 1078 34.38 -28.76 22.64
CA GLY B 1078 33.77 -27.49 22.34
C GLY B 1078 33.00 -27.49 21.04
N ILE B 1079 31.68 -27.67 21.12
CA ILE B 1079 30.78 -27.67 19.98
C ILE B 1079 29.52 -26.94 20.42
N GLN B 1080 28.99 -26.09 19.53
CA GLN B 1080 27.78 -25.33 19.81
C GLN B 1080 26.59 -26.23 20.10
N LEU B 1081 26.01 -26.05 21.29
CA LEU B 1081 24.83 -26.80 21.67
C LEU B 1081 23.62 -26.30 20.86
N PRO B 1082 22.66 -27.17 20.58
CA PRO B 1082 21.43 -26.71 19.90
C PRO B 1082 20.65 -25.66 20.67
N ALA B 1083 20.73 -25.64 22.00
CA ALA B 1083 20.03 -24.63 22.78
C ALA B 1083 20.57 -23.23 22.53
N ASP B 1084 21.89 -23.12 22.27
CA ASP B 1084 22.45 -21.83 21.89
C ASP B 1084 21.92 -21.38 20.51
N ALA B 1085 21.70 -22.34 19.61
CA ALA B 1085 21.12 -22.05 18.31
C ALA B 1085 19.61 -22.02 18.34
N GLY B 1086 18.98 -22.24 19.50
CA GLY B 1086 17.54 -22.18 19.64
C GLY B 1086 16.79 -23.41 19.17
N SER B 1087 17.35 -24.18 18.26
CA SER B 1087 16.67 -25.37 17.76
C SER B 1087 17.00 -26.57 18.64
N ILE B 1088 16.48 -27.73 18.23
CA ILE B 1088 16.86 -28.99 18.86
C ILE B 1088 17.54 -29.92 17.85
N PHE B 1089 18.19 -29.37 16.83
CA PHE B 1089 19.14 -30.11 16.00
C PHE B 1089 20.53 -29.75 16.47
N ALA B 1090 21.34 -30.76 16.78
CA ALA B 1090 22.69 -30.52 17.27
C ALA B 1090 23.56 -29.92 16.17
N ARG B 1091 24.33 -28.90 16.53
CA ARG B 1091 25.19 -28.22 15.58
C ARG B 1091 26.49 -28.99 15.38
N ILE B 1092 26.96 -29.01 14.15
CA ILE B 1092 28.38 -29.26 13.86
C ILE B 1092 28.94 -28.03 13.15
N PRO B 1093 29.71 -27.18 13.84
CA PRO B 1093 30.34 -26.04 13.16
C PRO B 1093 31.49 -26.45 12.25
N ASP B 1094 32.24 -25.47 11.75
CA ASP B 1094 33.18 -25.68 10.65
C ASP B 1094 34.48 -24.98 11.01
N TYR B 1095 35.31 -24.73 9.99
CA TYR B 1095 36.59 -24.01 10.04
C TYR B 1095 37.64 -24.66 10.92
N TRP B 1096 37.46 -25.92 11.33
CA TRP B 1096 38.42 -26.56 12.20
C TRP B 1096 39.56 -27.24 11.46
N THR B 1097 39.91 -26.75 10.25
CA THR B 1097 41.06 -27.22 9.46
C THR B 1097 41.02 -28.72 9.22
N PRO B 1098 40.24 -29.19 8.20
CA PRO B 1098 39.83 -30.60 8.08
C PRO B 1098 40.89 -31.69 8.25
N GLU B 1099 42.17 -31.32 8.14
CA GLU B 1099 43.23 -32.23 8.57
C GLU B 1099 43.12 -32.56 10.06
N THR B 1100 42.54 -31.65 10.86
CA THR B 1100 42.23 -31.92 12.25
C THR B 1100 40.97 -32.76 12.42
N MET B 1101 40.09 -32.81 11.43
CA MET B 1101 38.83 -33.55 11.59
C MET B 1101 38.97 -35.02 11.20
N TYR B 1102 40.04 -35.68 11.65
CA TYR B 1102 40.07 -37.14 11.57
C TYR B 1102 40.63 -37.81 12.82
N GLY B 1103 41.48 -37.14 13.60
CA GLY B 1103 42.02 -37.78 14.79
C GLY B 1103 41.01 -37.82 15.92
N LEU B 1104 40.29 -36.71 16.13
CA LEU B 1104 39.18 -36.71 17.07
C LEU B 1104 38.02 -37.54 16.55
N ALA B 1105 37.90 -37.71 15.23
CA ALA B 1105 36.88 -38.57 14.66
C ALA B 1105 37.23 -40.05 14.80
N LYS B 1106 38.52 -40.38 14.82
CA LYS B 1106 38.94 -41.76 15.02
C LYS B 1106 38.58 -42.25 16.43
N LYS B 1107 38.75 -41.39 17.44
CA LYS B 1107 38.36 -41.75 18.79
C LYS B 1107 36.85 -41.87 18.93
N LEU B 1108 36.10 -41.17 18.07
CA LEU B 1108 34.65 -41.25 18.04
C LEU B 1108 34.24 -42.58 17.43
N GLY B 1109 33.74 -43.49 18.26
CA GLY B 1109 33.20 -44.75 17.81
C GLY B 1109 34.27 -45.69 17.30
N PRO B 1110 33.85 -46.77 16.63
CA PRO B 1110 34.81 -47.69 16.03
C PRO B 1110 35.44 -47.12 14.76
N LEU B 1111 36.25 -47.93 14.09
CA LEU B 1111 36.91 -47.50 12.86
C LEU B 1111 36.46 -48.35 11.68
N ASP B 1112 35.14 -48.53 11.55
CA ASP B 1112 34.58 -49.31 10.44
C ASP B 1112 34.77 -48.57 9.13
N LYS B 1113 35.79 -48.96 8.37
CA LYS B 1113 36.10 -48.35 7.10
C LYS B 1113 35.51 -49.10 5.92
N LEU B 1114 34.35 -49.76 6.12
CA LEU B 1114 33.61 -50.33 5.00
C LEU B 1114 33.17 -49.23 4.03
N ASN B 1115 32.78 -48.06 4.57
CA ASN B 1115 32.54 -46.90 3.73
C ASN B 1115 33.87 -46.32 3.27
N LEU B 1116 34.25 -46.63 2.03
CA LEU B 1116 35.44 -46.08 1.40
C LEU B 1116 35.15 -44.75 0.70
N LYS B 1117 34.23 -43.98 1.26
CA LYS B 1117 33.73 -42.72 0.73
C LYS B 1117 34.70 -41.59 1.08
N PHE B 1118 36.00 -41.89 1.12
CA PHE B 1118 36.99 -40.87 1.41
C PHE B 1118 38.34 -41.41 1.01
N ASP B 1119 39.22 -40.49 0.60
CA ASP B 1119 40.61 -40.83 0.28
C ASP B 1119 41.44 -39.62 0.67
N ALA B 1120 42.03 -39.68 1.85
CA ALA B 1120 42.78 -38.57 2.44
C ALA B 1120 44.14 -39.06 2.92
N SER B 1121 44.83 -39.80 2.06
CA SER B 1121 46.11 -40.40 2.41
C SER B 1121 47.15 -39.35 2.79
N GLU B 1122 47.09 -38.18 2.16
CA GLU B 1122 47.89 -37.05 2.61
C GLU B 1122 47.31 -36.45 3.89
N LEU B 1123 45.99 -36.36 4.00
CA LEU B 1123 45.38 -35.63 5.10
C LEU B 1123 45.20 -36.46 6.37
N GLU B 1124 45.58 -37.73 6.37
CA GLU B 1124 45.61 -38.49 7.63
C GLU B 1124 46.95 -38.32 8.33
N ASP B 1125 47.45 -37.09 8.40
CA ASP B 1125 48.79 -36.88 8.92
C ASP B 1125 48.85 -35.69 9.87
N ALA B 1126 47.88 -34.78 9.84
CA ALA B 1126 48.04 -33.48 10.48
C ALA B 1126 46.99 -33.26 11.58
N THR B 1127 46.81 -34.27 12.44
CA THR B 1127 46.06 -34.08 13.67
C THR B 1127 46.91 -34.39 14.90
N ALA B 1128 47.51 -35.58 14.97
CA ALA B 1128 48.38 -35.96 16.07
C ALA B 1128 49.85 -35.76 15.75
N SER B 1129 50.26 -35.98 14.50
CA SER B 1129 51.63 -35.74 14.10
C SER B 1129 51.91 -34.27 13.80
N SER B 1130 50.88 -33.43 13.79
CA SER B 1130 51.03 -31.98 13.74
C SER B 1130 50.23 -31.39 14.90
N PRO B 1131 50.73 -31.50 16.13
CA PRO B 1131 49.94 -31.11 17.29
C PRO B 1131 49.95 -29.60 17.53
N SER B 1132 48.98 -29.16 18.33
CA SER B 1132 48.87 -27.79 18.83
C SER B 1132 48.79 -26.76 17.71
N ARG B 1133 48.04 -27.10 16.66
CA ARG B 1133 47.70 -26.11 15.63
C ARG B 1133 46.55 -25.22 16.07
N TYR B 1134 45.81 -25.61 17.11
CA TYR B 1134 44.80 -24.76 17.71
C TYR B 1134 44.94 -24.91 19.22
N HIS B 1135 45.00 -23.78 19.92
CA HIS B 1135 45.23 -23.82 21.35
C HIS B 1135 44.00 -24.34 22.09
N HIS B 1136 44.20 -24.71 23.36
CA HIS B 1136 43.15 -25.33 24.16
C HIS B 1136 42.11 -24.29 24.59
N THR B 1137 41.28 -23.85 23.65
CA THR B 1137 40.20 -22.91 23.94
C THR B 1137 38.86 -23.61 23.77
N GLY B 1138 37.96 -23.35 24.72
CA GLY B 1138 36.67 -23.99 24.74
C GLY B 1138 35.53 -22.99 24.67
N PRO B 1139 34.41 -23.31 25.34
CA PRO B 1139 33.23 -22.42 25.30
C PRO B 1139 33.38 -21.21 26.22
N ARG B 1140 34.22 -20.26 25.79
CA ARG B 1140 34.45 -19.02 26.52
C ARG B 1140 33.94 -17.84 25.70
N ASN B 1141 33.21 -16.95 26.37
CA ASN B 1141 32.64 -15.78 25.70
C ASN B 1141 33.74 -14.77 25.38
N SER B 1142 33.50 -13.99 24.32
CA SER B 1142 34.43 -12.97 23.89
C SER B 1142 33.70 -11.81 23.22
N ASN B 1209 9.72 21.85 13.86
CA ASN B 1209 10.97 22.25 13.19
C ASN B 1209 10.69 23.43 12.27
N TRP B 1210 9.46 23.61 11.78
CA TRP B 1210 9.20 24.67 10.79
C TRP B 1210 9.15 25.99 11.56
N LEU B 1211 8.42 26.04 12.66
CA LEU B 1211 8.44 27.28 13.48
C LEU B 1211 9.91 27.47 13.85
N GLN B 1212 10.65 26.39 14.01
CA GLN B 1212 12.07 26.46 14.43
C GLN B 1212 12.88 27.23 13.39
N LEU B 1213 12.88 26.79 12.14
CA LEU B 1213 13.60 27.49 11.06
C LEU B 1213 13.10 28.92 11.00
N VAL B 1214 11.80 29.15 11.11
CA VAL B 1214 11.26 30.52 10.99
C VAL B 1214 12.02 31.37 11.99
N MET B 1215 11.99 30.94 13.25
CA MET B 1215 12.72 31.66 14.32
C MET B 1215 14.16 31.87 13.87
N ARG B 1216 14.90 30.80 13.62
CA ARG B 1216 16.31 30.90 13.16
C ARG B 1216 16.46 32.06 12.18
N SER B 1217 15.74 32.05 11.07
CA SER B 1217 15.86 33.10 10.03
C SER B 1217 15.60 34.46 10.66
N LYS B 1218 14.36 34.70 11.08
CA LYS B 1218 13.97 36.04 11.60
C LYS B 1218 15.00 36.54 12.61
N CYS B 1219 15.76 35.64 13.25
CA CYS B 1219 16.66 36.12 14.35
C CYS B 1219 18.13 36.17 13.90
#